data_8AXR
# 
_entry.id   8AXR 
# 
_audit_conform.dict_name       mmcif_pdbx.dic 
_audit_conform.dict_version    5.396 
_audit_conform.dict_location   http://mmcif.pdb.org/dictionaries/ascii/mmcif_pdbx.dic 
# 
loop_
_database_2.database_id 
_database_2.database_code 
_database_2.pdbx_database_accession 
_database_2.pdbx_DOI 
PDB   8AXR         pdb_00008axr 10.2210/pdb8axr/pdb 
WWPDB D_1292125336 ?            ?                   
# 
loop_
_pdbx_audit_revision_history.ordinal 
_pdbx_audit_revision_history.data_content_type 
_pdbx_audit_revision_history.major_revision 
_pdbx_audit_revision_history.minor_revision 
_pdbx_audit_revision_history.revision_date 
1 'Structure model' 1 0 2023-09-13 
2 'Structure model' 1 1 2023-09-27 
3 'Structure model' 1 2 2024-09-25 
# 
_pdbx_audit_revision_details.ordinal             1 
_pdbx_audit_revision_details.revision_ordinal    1 
_pdbx_audit_revision_details.data_content_type   'Structure model' 
_pdbx_audit_revision_details.provider            repository 
_pdbx_audit_revision_details.type                'Initial release' 
_pdbx_audit_revision_details.description         ? 
_pdbx_audit_revision_details.details             ? 
# 
loop_
_pdbx_audit_revision_group.ordinal 
_pdbx_audit_revision_group.revision_ordinal 
_pdbx_audit_revision_group.data_content_type 
_pdbx_audit_revision_group.group 
1 2 'Structure model' 'Data collection'     
2 3 'Structure model' 'Database references' 
# 
loop_
_pdbx_audit_revision_category.ordinal 
_pdbx_audit_revision_category.revision_ordinal 
_pdbx_audit_revision_category.data_content_type 
_pdbx_audit_revision_category.category 
1 2 'Structure model' diffrn          
2 3 'Structure model' citation        
3 3 'Structure model' citation_author 
# 
loop_
_pdbx_audit_revision_item.ordinal 
_pdbx_audit_revision_item.revision_ordinal 
_pdbx_audit_revision_item.data_content_type 
_pdbx_audit_revision_item.item 
1  2 'Structure model' '_diffrn.ambient_temp'              
2  3 'Structure model' '_citation.country'                 
3  3 'Structure model' '_citation.journal_abbrev'          
4  3 'Structure model' '_citation.journal_id_CSD'          
5  3 'Structure model' '_citation.journal_id_ISSN'         
6  3 'Structure model' '_citation.journal_volume'          
7  3 'Structure model' '_citation.page_first'              
8  3 'Structure model' '_citation.page_last'               
9  3 'Structure model' '_citation.pdbx_database_id_DOI'    
10 3 'Structure model' '_citation.pdbx_database_id_PubMed' 
11 3 'Structure model' '_citation.title'                   
12 3 'Structure model' '_citation.year'                    
# 
_pdbx_database_status.status_code                     REL 
_pdbx_database_status.status_code_sf                  REL 
_pdbx_database_status.status_code_mr                  ? 
_pdbx_database_status.entry_id                        8AXR 
_pdbx_database_status.recvd_initial_deposition_date   2022-08-31 
_pdbx_database_status.SG_entry                        N 
_pdbx_database_status.deposit_site                    PDBE 
_pdbx_database_status.process_site                    PDBE 
_pdbx_database_status.status_code_cs                  ? 
_pdbx_database_status.status_code_nmr_data            ? 
_pdbx_database_status.methods_development_category    ? 
_pdbx_database_status.pdb_format_compatible           Y 
# 
loop_
_pdbx_database_related.db_name 
_pdbx_database_related.details 
_pdbx_database_related.db_id 
_pdbx_database_related.content_type 
PDB . 8AXJ unspecified 
PDB . 8AXO unspecified 
PDB . 8AXQ unspecified 
# 
_pdbx_contact_author.id                 2 
_pdbx_contact_author.email              gang.dong@meduniwien.ac.at 
_pdbx_contact_author.name_first         Gang 
_pdbx_contact_author.name_last          Dong 
_pdbx_contact_author.name_mi            ? 
_pdbx_contact_author.role               'principal investigator/group leader' 
_pdbx_contact_author.identifier_ORCID   0000-0001-9745-8103 
# 
loop_
_audit_author.name 
_audit_author.pdbx_ordinal 
_audit_author.identifier_ORCID 
'Dong, G.'    1 0000-0001-9745-8103 
'Stadler, A.' 2 ?                   
# 
_citation.abstract                  ? 
_citation.abstract_id_CAS           ? 
_citation.book_id_ISBN              ? 
_citation.book_publisher            ? 
_citation.book_publisher_city       ? 
_citation.book_title                ? 
_citation.coordinate_linkage        ? 
_citation.country                   UK 
_citation.database_id_Medline       ? 
_citation.details                   ? 
_citation.id                        primary 
_citation.journal_abbrev            'Open Biology' 
_citation.journal_id_ASTM           ? 
_citation.journal_id_CSD            ? 
_citation.journal_id_ISSN           2046-2441 
_citation.journal_full              ? 
_citation.journal_issue             ? 
_citation.journal_volume            14 
_citation.language                  ? 
_citation.page_first                240128 
_citation.page_last                 240128 
_citation.title                     
'The C-terminus of CFAP410 forms a tetrameric helical bundle that is essential for its localization to the basal body.' 
_citation.year                      2024 
_citation.database_id_CSD           ? 
_citation.pdbx_database_id_DOI      10.1098/rsob.240128 
_citation.pdbx_database_id_PubMed   39255848 
_citation.pdbx_database_id_patent   ? 
_citation.unpublished_flag          ? 
# 
loop_
_citation_author.citation_id 
_citation_author.name 
_citation_author.ordinal 
_citation_author.identifier_ORCID 
primary 'Stadler, A.'    1  ?                   
primary 'De Liz, L.V.'   2  ?                   
primary 'Gabriel, H.B.'  3  ?                   
primary 'Alonso-Gil, S.' 4  ?                   
primary 'Crickley, R.'   5  ?                   
primary 'Korbula, K.'    6  ?                   
primary 'Zagrovic, B.'   7  ?                   
primary 'Vaughan, S.'    8  ?                   
primary 'Sunter, J.D.'   9  0000-0002-2836-9622 
primary 'Dong, G.'       10 0000-0001-9745-8103 
# 
loop_
_entity.id 
_entity.type 
_entity.src_method 
_entity.pdbx_description 
_entity.formula_weight 
_entity.pdbx_number_of_molecules 
_entity.pdbx_ec 
_entity.pdbx_mutation 
_entity.pdbx_fragment 
_entity.details 
1 polymer     man 'Cilia- and flagella-associated protein 410' 3551.079 2  ? ? ? ? 
2 non-polymer syn 'CHLORIDE ION'                               35.453   2  ? ? ? ? 
3 water       nat water                                        18.015   28 ? ? ? ? 
# 
_entity_name_com.entity_id   1 
_entity_name_com.name        'C21orf-HUMF09G8.5,Leucine-rich repeat-containing protein 76,YF5/A2' 
# 
_entity_poly.entity_id                      1 
_entity_poly.type                           'polypeptide(L)' 
_entity_poly.nstd_linkage                   no 
_entity_poly.nstd_monomer                   no 
_entity_poly.pdbx_seq_one_letter_code       GRNVLTAILLLLRELDAEGLEAVQQTVGSRLQA 
_entity_poly.pdbx_seq_one_letter_code_can   GRNVLTAILLLLRELDAEGLEAVQQTVGSRLQA 
_entity_poly.pdbx_strand_id                 A,B 
_entity_poly.pdbx_target_identifier         ? 
# 
loop_
_pdbx_entity_nonpoly.entity_id 
_pdbx_entity_nonpoly.name 
_pdbx_entity_nonpoly.comp_id 
2 'CHLORIDE ION' CL  
3 water          HOH 
# 
loop_
_entity_poly_seq.entity_id 
_entity_poly_seq.num 
_entity_poly_seq.mon_id 
_entity_poly_seq.hetero 
1 1  GLY n 
1 2  ARG n 
1 3  ASN n 
1 4  VAL n 
1 5  LEU n 
1 6  THR n 
1 7  ALA n 
1 8  ILE n 
1 9  LEU n 
1 10 LEU n 
1 11 LEU n 
1 12 LEU n 
1 13 ARG n 
1 14 GLU n 
1 15 LEU n 
1 16 ASP n 
1 17 ALA n 
1 18 GLU n 
1 19 GLY n 
1 20 LEU n 
1 21 GLU n 
1 22 ALA n 
1 23 VAL n 
1 24 GLN n 
1 25 GLN n 
1 26 THR n 
1 27 VAL n 
1 28 GLY n 
1 29 SER n 
1 30 ARG n 
1 31 LEU n 
1 32 GLN n 
1 33 ALA n 
# 
_entity_src_gen.entity_id                          1 
_entity_src_gen.pdbx_src_id                        1 
_entity_src_gen.pdbx_alt_source_flag               sample 
_entity_src_gen.pdbx_seq_type                      'Biological sequence' 
_entity_src_gen.pdbx_beg_seq_num                   1 
_entity_src_gen.pdbx_end_seq_num                   33 
_entity_src_gen.gene_src_common_name               human 
_entity_src_gen.gene_src_genus                     ? 
_entity_src_gen.pdbx_gene_src_gene                 'CFAP410, C21orf2, LRRC76' 
_entity_src_gen.gene_src_species                   ? 
_entity_src_gen.gene_src_strain                    ? 
_entity_src_gen.gene_src_tissue                    ? 
_entity_src_gen.gene_src_tissue_fraction           ? 
_entity_src_gen.gene_src_details                   ? 
_entity_src_gen.pdbx_gene_src_fragment             ? 
_entity_src_gen.pdbx_gene_src_scientific_name      'Homo sapiens' 
_entity_src_gen.pdbx_gene_src_ncbi_taxonomy_id     9606 
_entity_src_gen.pdbx_gene_src_variant              ? 
_entity_src_gen.pdbx_gene_src_cell_line            ? 
_entity_src_gen.pdbx_gene_src_atcc                 ? 
_entity_src_gen.pdbx_gene_src_organ                ? 
_entity_src_gen.pdbx_gene_src_organelle            ? 
_entity_src_gen.pdbx_gene_src_cell                 ? 
_entity_src_gen.pdbx_gene_src_cellular_location    ? 
_entity_src_gen.host_org_common_name               ? 
_entity_src_gen.pdbx_host_org_scientific_name      'Escherichia coli BL21(DE3)' 
_entity_src_gen.pdbx_host_org_ncbi_taxonomy_id     469008 
_entity_src_gen.host_org_genus                     ? 
_entity_src_gen.pdbx_host_org_gene                 ? 
_entity_src_gen.pdbx_host_org_organ                ? 
_entity_src_gen.host_org_species                   ? 
_entity_src_gen.pdbx_host_org_tissue               ? 
_entity_src_gen.pdbx_host_org_tissue_fraction      ? 
_entity_src_gen.pdbx_host_org_strain               ? 
_entity_src_gen.pdbx_host_org_variant              ? 
_entity_src_gen.pdbx_host_org_cell_line            ? 
_entity_src_gen.pdbx_host_org_atcc                 ? 
_entity_src_gen.pdbx_host_org_culture_collection   ? 
_entity_src_gen.pdbx_host_org_cell                 ? 
_entity_src_gen.pdbx_host_org_organelle            ? 
_entity_src_gen.pdbx_host_org_cellular_location    ? 
_entity_src_gen.pdbx_host_org_vector_type          ? 
_entity_src_gen.pdbx_host_org_vector               ? 
_entity_src_gen.host_org_details                   ? 
_entity_src_gen.expression_system_id               ? 
_entity_src_gen.plasmid_name                       ? 
_entity_src_gen.plasmid_details                    ? 
_entity_src_gen.pdbx_description                   ? 
# 
loop_
_chem_comp.id 
_chem_comp.type 
_chem_comp.mon_nstd_flag 
_chem_comp.name 
_chem_comp.pdbx_synonyms 
_chem_comp.formula 
_chem_comp.formula_weight 
ALA 'L-peptide linking' y ALANINE         ? 'C3 H7 N O2'     89.093  
ARG 'L-peptide linking' y ARGININE        ? 'C6 H15 N4 O2 1' 175.209 
ASN 'L-peptide linking' y ASPARAGINE      ? 'C4 H8 N2 O3'    132.118 
ASP 'L-peptide linking' y 'ASPARTIC ACID' ? 'C4 H7 N O4'     133.103 
CL  non-polymer         . 'CHLORIDE ION'  ? 'Cl -1'          35.453  
GLN 'L-peptide linking' y GLUTAMINE       ? 'C5 H10 N2 O3'   146.144 
GLU 'L-peptide linking' y 'GLUTAMIC ACID' ? 'C5 H9 N O4'     147.129 
GLY 'peptide linking'   y GLYCINE         ? 'C2 H5 N O2'     75.067  
HOH non-polymer         . WATER           ? 'H2 O'           18.015  
ILE 'L-peptide linking' y ISOLEUCINE      ? 'C6 H13 N O2'    131.173 
LEU 'L-peptide linking' y LEUCINE         ? 'C6 H13 N O2'    131.173 
SER 'L-peptide linking' y SERINE          ? 'C3 H7 N O3'     105.093 
THR 'L-peptide linking' y THREONINE       ? 'C4 H9 N O3'     119.119 
VAL 'L-peptide linking' y VALINE          ? 'C5 H11 N O2'    117.146 
# 
loop_
_pdbx_poly_seq_scheme.asym_id 
_pdbx_poly_seq_scheme.entity_id 
_pdbx_poly_seq_scheme.seq_id 
_pdbx_poly_seq_scheme.mon_id 
_pdbx_poly_seq_scheme.ndb_seq_num 
_pdbx_poly_seq_scheme.pdb_seq_num 
_pdbx_poly_seq_scheme.auth_seq_num 
_pdbx_poly_seq_scheme.pdb_mon_id 
_pdbx_poly_seq_scheme.auth_mon_id 
_pdbx_poly_seq_scheme.pdb_strand_id 
_pdbx_poly_seq_scheme.pdb_ins_code 
_pdbx_poly_seq_scheme.hetero 
A 1 1  GLY 1  212 ?   ?   ?   A . n 
A 1 2  ARG 2  213 ?   ?   ?   A . n 
A 1 3  ASN 3  214 214 ASN ASN A . n 
A 1 4  VAL 4  215 215 VAL VAL A . n 
A 1 5  LEU 5  216 216 LEU LEU A . n 
A 1 6  THR 6  217 217 THR THR A . n 
A 1 7  ALA 7  218 218 ALA ALA A . n 
A 1 8  ILE 8  219 219 ILE ILE A . n 
A 1 9  LEU 9  220 220 LEU LEU A . n 
A 1 10 LEU 10 221 221 LEU LEU A . n 
A 1 11 LEU 11 222 222 LEU LEU A . n 
A 1 12 LEU 12 223 223 LEU LEU A . n 
A 1 13 ARG 13 224 224 ARG ARG A . n 
A 1 14 GLU 14 225 225 GLU GLU A . n 
A 1 15 LEU 15 226 226 LEU LEU A . n 
A 1 16 ASP 16 227 227 ASP ASP A . n 
A 1 17 ALA 17 228 228 ALA ALA A . n 
A 1 18 GLU 18 229 229 GLU GLU A . n 
A 1 19 GLY 19 230 230 GLY GLY A . n 
A 1 20 LEU 20 231 231 LEU LEU A . n 
A 1 21 GLU 21 232 232 GLU GLU A . n 
A 1 22 ALA 22 233 233 ALA ALA A . n 
A 1 23 VAL 23 234 234 VAL VAL A . n 
A 1 24 GLN 24 235 235 GLN GLN A . n 
A 1 25 GLN 25 236 236 GLN GLN A . n 
A 1 26 THR 26 237 237 THR THR A . n 
A 1 27 VAL 27 238 238 VAL VAL A . n 
A 1 28 GLY 28 239 239 GLY GLY A . n 
A 1 29 SER 29 240 240 SER SER A . n 
A 1 30 ARG 30 241 241 ARG ARG A . n 
A 1 31 LEU 31 242 242 LEU LEU A . n 
A 1 32 GLN 32 243 243 GLN GLN A . n 
A 1 33 ALA 33 244 244 ALA ALA A . n 
B 1 1  GLY 1  212 ?   ?   ?   B . n 
B 1 2  ARG 2  213 ?   ?   ?   B . n 
B 1 3  ASN 3  214 214 ASN ASN B . n 
B 1 4  VAL 4  215 215 VAL VAL B . n 
B 1 5  LEU 5  216 216 LEU LEU B . n 
B 1 6  THR 6  217 217 THR THR B . n 
B 1 7  ALA 7  218 218 ALA ALA B . n 
B 1 8  ILE 8  219 219 ILE ILE B . n 
B 1 9  LEU 9  220 220 LEU LEU B . n 
B 1 10 LEU 10 221 221 LEU LEU B . n 
B 1 11 LEU 11 222 222 LEU LEU B . n 
B 1 12 LEU 12 223 223 LEU LEU B . n 
B 1 13 ARG 13 224 224 ARG ARG B . n 
B 1 14 GLU 14 225 225 GLU GLU B . n 
B 1 15 LEU 15 226 226 LEU LEU B . n 
B 1 16 ASP 16 227 227 ASP ASP B . n 
B 1 17 ALA 17 228 228 ALA ALA B . n 
B 1 18 GLU 18 229 229 GLU GLU B . n 
B 1 19 GLY 19 230 230 GLY GLY B . n 
B 1 20 LEU 20 231 231 LEU LEU B . n 
B 1 21 GLU 21 232 232 GLU GLU B . n 
B 1 22 ALA 22 233 233 ALA ALA B . n 
B 1 23 VAL 23 234 234 VAL VAL B . n 
B 1 24 GLN 24 235 235 GLN GLN B . n 
B 1 25 GLN 25 236 236 GLN GLN B . n 
B 1 26 THR 26 237 237 THR THR B . n 
B 1 27 VAL 27 238 238 VAL VAL B . n 
B 1 28 GLY 28 239 239 GLY GLY B . n 
B 1 29 SER 29 240 240 SER SER B . n 
B 1 30 ARG 30 241 241 ARG ARG B . n 
B 1 31 LEU 31 242 242 LEU LEU B . n 
B 1 32 GLN 32 243 ?   ?   ?   B . n 
B 1 33 ALA 33 244 ?   ?   ?   B . n 
# 
loop_
_pdbx_nonpoly_scheme.asym_id 
_pdbx_nonpoly_scheme.entity_id 
_pdbx_nonpoly_scheme.mon_id 
_pdbx_nonpoly_scheme.ndb_seq_num 
_pdbx_nonpoly_scheme.pdb_seq_num 
_pdbx_nonpoly_scheme.auth_seq_num 
_pdbx_nonpoly_scheme.pdb_mon_id 
_pdbx_nonpoly_scheme.auth_mon_id 
_pdbx_nonpoly_scheme.pdb_strand_id 
_pdbx_nonpoly_scheme.pdb_ins_code 
C 2 CL  1  301 250 CL  CL  A . 
D 2 CL  1  301 250 CL  CL  B . 
E 3 HOH 1  401 6   HOH HOH A . 
E 3 HOH 2  402 8   HOH HOH A . 
E 3 HOH 3  403 9   HOH HOH A . 
E 3 HOH 4  404 3   HOH HOH A . 
E 3 HOH 5  405 7   HOH HOH A . 
E 3 HOH 6  406 27  HOH HOH A . 
E 3 HOH 7  407 5   HOH HOH A . 
E 3 HOH 8  408 2   HOH HOH A . 
E 3 HOH 9  409 18  HOH HOH A . 
E 3 HOH 10 410 12  HOH HOH A . 
E 3 HOH 11 411 20  HOH HOH A . 
E 3 HOH 12 412 16  HOH HOH A . 
E 3 HOH 13 413 28  HOH HOH A . 
E 3 HOH 14 414 10  HOH HOH A . 
E 3 HOH 15 415 21  HOH HOH A . 
F 3 HOH 1  401 25  HOH HOH B . 
F 3 HOH 2  402 23  HOH HOH B . 
F 3 HOH 3  403 11  HOH HOH B . 
F 3 HOH 4  404 1   HOH HOH B . 
F 3 HOH 5  405 14  HOH HOH B . 
F 3 HOH 6  406 4   HOH HOH B . 
F 3 HOH 7  407 15  HOH HOH B . 
F 3 HOH 8  408 13  HOH HOH B . 
F 3 HOH 9  409 19  HOH HOH B . 
F 3 HOH 10 410 22  HOH HOH B . 
F 3 HOH 11 411 24  HOH HOH B . 
F 3 HOH 12 412 17  HOH HOH B . 
F 3 HOH 13 413 26  HOH HOH B . 
# 
loop_
_software.citation_id 
_software.classification 
_software.compiler_name 
_software.compiler_version 
_software.contact_author 
_software.contact_author_email 
_software.date 
_software.description 
_software.dependencies 
_software.hardware 
_software.language 
_software.location 
_software.mods 
_software.name 
_software.os 
_software.os_version 
_software.type 
_software.version 
_software.pdbx_ordinal 
? refinement       ? ? ? ? ? ? ? ? ? ? ? PHENIX     ? ? ? 1.19.1_4122 1 
? refinement       ? ? ? ? ? ? ? ? ? ? ? PHENIX     ? ? ? 1.19.1_4122 2 
? 'data reduction' ? ? ? ? ? ? ? ? ? ? ? xia2       ? ? ? .           3 
? 'data scaling'   ? ? ? ? ? ? ? ? ? ? ? xia2       ? ? ? .           4 
? phasing          ? ? ? ? ? ? ? ? ? ? ? Arcimboldo ? ? ? .           5 
# 
_cell.angle_alpha                  90.000 
_cell.angle_alpha_esd              ? 
_cell.angle_beta                   101.079 
_cell.angle_beta_esd               ? 
_cell.angle_gamma                  90.000 
_cell.angle_gamma_esd              ? 
_cell.entry_id                     8AXR 
_cell.details                      ? 
_cell.formula_units_Z              ? 
_cell.length_a                     56.115 
_cell.length_a_esd                 ? 
_cell.length_b                     50.628 
_cell.length_b_esd                 ? 
_cell.length_c                     22.146 
_cell.length_c_esd                 ? 
_cell.volume                       61744.003 
_cell.volume_esd                   ? 
_cell.Z_PDB                        8 
_cell.reciprocal_angle_alpha       ? 
_cell.reciprocal_angle_beta        ? 
_cell.reciprocal_angle_gamma       ? 
_cell.reciprocal_angle_alpha_esd   ? 
_cell.reciprocal_angle_beta_esd    ? 
_cell.reciprocal_angle_gamma_esd   ? 
_cell.reciprocal_length_a          ? 
_cell.reciprocal_length_b          ? 
_cell.reciprocal_length_c          ? 
_cell.reciprocal_length_a_esd      ? 
_cell.reciprocal_length_b_esd      ? 
_cell.reciprocal_length_c_esd      ? 
_cell.pdbx_unique_axis             ? 
_cell.pdbx_esd_method              ? 
# 
_symmetry.entry_id                         8AXR 
_symmetry.cell_setting                     ? 
_symmetry.Int_Tables_number                5 
_symmetry.space_group_name_Hall            'C 2y' 
_symmetry.space_group_name_H-M             'C 1 2 1' 
_symmetry.pdbx_full_space_group_name_H-M   ? 
# 
_exptl.absorpt_coefficient_mu     ? 
_exptl.absorpt_correction_T_max   ? 
_exptl.absorpt_correction_T_min   ? 
_exptl.absorpt_correction_type    ? 
_exptl.absorpt_process_details    ? 
_exptl.entry_id                   8AXR 
_exptl.crystals_number            1 
_exptl.details                    ? 
_exptl.method                     'X-RAY DIFFRACTION' 
_exptl.method_details             ? 
# 
_exptl_crystal.colour                       ? 
_exptl_crystal.density_diffrn               ? 
_exptl_crystal.density_Matthews             2.17 
_exptl_crystal.density_method               ? 
_exptl_crystal.density_percent_sol          43.41 
_exptl_crystal.description                  ? 
_exptl_crystal.F_000                        ? 
_exptl_crystal.id                           1 
_exptl_crystal.preparation                  ? 
_exptl_crystal.size_max                     ? 
_exptl_crystal.size_mid                     ? 
_exptl_crystal.size_min                     ? 
_exptl_crystal.size_rad                     ? 
_exptl_crystal.colour_lustre                ? 
_exptl_crystal.colour_modifier              ? 
_exptl_crystal.colour_primary               ? 
_exptl_crystal.density_meas                 ? 
_exptl_crystal.density_meas_esd             ? 
_exptl_crystal.density_meas_gt              ? 
_exptl_crystal.density_meas_lt              ? 
_exptl_crystal.density_meas_temp            ? 
_exptl_crystal.density_meas_temp_esd        ? 
_exptl_crystal.density_meas_temp_gt         ? 
_exptl_crystal.density_meas_temp_lt         ? 
_exptl_crystal.pdbx_crystal_image_url       ? 
_exptl_crystal.pdbx_crystal_image_format    ? 
_exptl_crystal.pdbx_mosaicity               ? 
_exptl_crystal.pdbx_mosaicity_esd           ? 
_exptl_crystal.pdbx_mosaic_method           ? 
_exptl_crystal.pdbx_mosaic_block_size       ? 
_exptl_crystal.pdbx_mosaic_block_size_esd   ? 
# 
_exptl_crystal_grow.apparatus       ? 
_exptl_crystal_grow.atmosphere      ? 
_exptl_crystal_grow.crystal_id      1 
_exptl_crystal_grow.details         ? 
_exptl_crystal_grow.method          EVAPORATION 
_exptl_crystal_grow.method_ref      ? 
_exptl_crystal_grow.pH              ? 
_exptl_crystal_grow.pressure        ? 
_exptl_crystal_grow.pressure_esd    ? 
_exptl_crystal_grow.seeding         ? 
_exptl_crystal_grow.seeding_ref     ? 
_exptl_crystal_grow.temp            297 
_exptl_crystal_grow.temp_details    ? 
_exptl_crystal_grow.temp_esd        ? 
_exptl_crystal_grow.time            ? 
_exptl_crystal_grow.pdbx_details    
;1.5 M sodium chloride, 
10% (v/v) ethanol
;
_exptl_crystal_grow.pdbx_pH_range   7.0-7.5 
# 
_diffrn.ambient_environment              ? 
_diffrn.ambient_temp                     100 
_diffrn.ambient_temp_details             ? 
_diffrn.ambient_temp_esd                 ? 
_diffrn.crystal_id                       1 
_diffrn.crystal_support                  ? 
_diffrn.crystal_treatment                ? 
_diffrn.details                          ? 
_diffrn.id                               1 
_diffrn.ambient_pressure                 ? 
_diffrn.ambient_pressure_esd             ? 
_diffrn.ambient_pressure_gt              ? 
_diffrn.ambient_pressure_lt              ? 
_diffrn.ambient_temp_gt                  ? 
_diffrn.ambient_temp_lt                  ? 
_diffrn.pdbx_serial_crystal_experiment   N 
# 
_diffrn_detector.details                      ? 
_diffrn_detector.detector                     PIXEL 
_diffrn_detector.diffrn_id                    1 
_diffrn_detector.type                         'DECTRIS PILATUS 6M' 
_diffrn_detector.area_resol_mean              ? 
_diffrn_detector.dtime                        ? 
_diffrn_detector.pdbx_frames_total            ? 
_diffrn_detector.pdbx_collection_time_total   ? 
_diffrn_detector.pdbx_collection_date         2021-03-05 
_diffrn_detector.pdbx_frequency               ? 
# 
_diffrn_radiation.collimation                      ? 
_diffrn_radiation.diffrn_id                        1 
_diffrn_radiation.filter_edge                      ? 
_diffrn_radiation.inhomogeneity                    ? 
_diffrn_radiation.monochromator                    ? 
_diffrn_radiation.polarisn_norm                    ? 
_diffrn_radiation.polarisn_ratio                   ? 
_diffrn_radiation.probe                            ? 
_diffrn_radiation.type                             ? 
_diffrn_radiation.xray_symbol                      ? 
_diffrn_radiation.wavelength_id                    1 
_diffrn_radiation.pdbx_monochromatic_or_laue_m_l   M 
_diffrn_radiation.pdbx_wavelength_list             ? 
_diffrn_radiation.pdbx_wavelength                  ? 
_diffrn_radiation.pdbx_diffrn_protocol             'SINGLE WAVELENGTH' 
_diffrn_radiation.pdbx_analyzer                    ? 
_diffrn_radiation.pdbx_scattering_type             x-ray 
# 
_diffrn_radiation_wavelength.id           1 
_diffrn_radiation_wavelength.wavelength   0.87313 
_diffrn_radiation_wavelength.wt           1.0 
# 
_diffrn_source.current                     ? 
_diffrn_source.details                     ? 
_diffrn_source.diffrn_id                   1 
_diffrn_source.power                       ? 
_diffrn_source.size                        ? 
_diffrn_source.source                      SYNCHROTRON 
_diffrn_source.target                      ? 
_diffrn_source.type                        'ESRF BEAMLINE ID23-2' 
_diffrn_source.voltage                     ? 
_diffrn_source.take-off_angle              ? 
_diffrn_source.pdbx_wavelength_list        0.87313 
_diffrn_source.pdbx_wavelength             ? 
_diffrn_source.pdbx_synchrotron_beamline   ID23-2 
_diffrn_source.pdbx_synchrotron_site       ESRF 
# 
_reflns.B_iso_Wilson_estimate                          24.13 
_reflns.entry_id                                       8AXR 
_reflns.data_reduction_details                         ? 
_reflns.data_reduction_method                          ? 
_reflns.d_resolution_high                              1.50 
_reflns.d_resolution_low                               19.94 
_reflns.details                                        ? 
_reflns.limit_h_max                                    ? 
_reflns.limit_h_min                                    ? 
_reflns.limit_k_max                                    ? 
_reflns.limit_k_min                                    ? 
_reflns.limit_l_max                                    ? 
_reflns.limit_l_min                                    ? 
_reflns.number_all                                     ? 
_reflns.number_obs                                     9761 
_reflns.observed_criterion                             ? 
_reflns.observed_criterion_F_max                       ? 
_reflns.observed_criterion_F_min                       ? 
_reflns.observed_criterion_I_max                       ? 
_reflns.observed_criterion_I_min                       ? 
_reflns.observed_criterion_sigma_F                     ? 
_reflns.observed_criterion_sigma_I                     ? 
_reflns.percent_possible_obs                           99.60 
_reflns.R_free_details                                 ? 
_reflns.Rmerge_F_all                                   ? 
_reflns.Rmerge_F_obs                                   ? 
_reflns.Friedel_coverage                               ? 
_reflns.number_gt                                      ? 
_reflns.threshold_expression                           ? 
_reflns.pdbx_redundancy                                6.2 
_reflns.pdbx_Rmerge_I_obs                              0.077 
_reflns.pdbx_Rmerge_I_all                              ? 
_reflns.pdbx_Rsym_value                                ? 
_reflns.pdbx_netI_over_av_sigmaI                       ? 
_reflns.pdbx_netI_over_sigmaI                          11.05 
_reflns.pdbx_res_netI_over_av_sigmaI_2                 ? 
_reflns.pdbx_res_netI_over_sigmaI_2                    ? 
_reflns.pdbx_chi_squared                               ? 
_reflns.pdbx_scaling_rejects                           ? 
_reflns.pdbx_d_res_high_opt                            ? 
_reflns.pdbx_d_res_low_opt                             ? 
_reflns.pdbx_d_res_opt_method                          ? 
_reflns.phase_calculation_details                      ? 
_reflns.pdbx_Rrim_I_all                                0.084 
_reflns.pdbx_Rpim_I_all                                0.0335 
_reflns.pdbx_d_opt                                     ? 
_reflns.pdbx_number_measured_all                       ? 
_reflns.pdbx_diffrn_id                                 1 
_reflns.pdbx_ordinal                                   1 
_reflns.pdbx_CC_half                                   0.999 
_reflns.pdbx_CC_star                                   1.00 
_reflns.pdbx_R_split                                   ? 
_reflns.pdbx_aniso_diffraction_limit_axis_1_ortho[1]   ? 
_reflns.pdbx_aniso_diffraction_limit_axis_1_ortho[2]   ? 
_reflns.pdbx_aniso_diffraction_limit_axis_1_ortho[3]   ? 
_reflns.pdbx_aniso_diffraction_limit_axis_2_ortho[1]   ? 
_reflns.pdbx_aniso_diffraction_limit_axis_2_ortho[2]   ? 
_reflns.pdbx_aniso_diffraction_limit_axis_2_ortho[3]   ? 
_reflns.pdbx_aniso_diffraction_limit_axis_3_ortho[1]   ? 
_reflns.pdbx_aniso_diffraction_limit_axis_3_ortho[2]   ? 
_reflns.pdbx_aniso_diffraction_limit_axis_3_ortho[3]   ? 
_reflns.pdbx_aniso_diffraction_limit_1                 ? 
_reflns.pdbx_aniso_diffraction_limit_2                 ? 
_reflns.pdbx_aniso_diffraction_limit_3                 ? 
_reflns.pdbx_aniso_B_tensor_eigenvector_1_ortho[1]     ? 
_reflns.pdbx_aniso_B_tensor_eigenvector_1_ortho[2]     ? 
_reflns.pdbx_aniso_B_tensor_eigenvector_1_ortho[3]     ? 
_reflns.pdbx_aniso_B_tensor_eigenvector_2_ortho[1]     ? 
_reflns.pdbx_aniso_B_tensor_eigenvector_2_ortho[2]     ? 
_reflns.pdbx_aniso_B_tensor_eigenvector_2_ortho[3]     ? 
_reflns.pdbx_aniso_B_tensor_eigenvector_3_ortho[1]     ? 
_reflns.pdbx_aniso_B_tensor_eigenvector_3_ortho[2]     ? 
_reflns.pdbx_aniso_B_tensor_eigenvector_3_ortho[3]     ? 
_reflns.pdbx_aniso_B_tensor_eigenvalue_1               ? 
_reflns.pdbx_aniso_B_tensor_eigenvalue_2               ? 
_reflns.pdbx_aniso_B_tensor_eigenvalue_3               ? 
_reflns.pdbx_orthogonalization_convention              ? 
_reflns.pdbx_percent_possible_ellipsoidal              ? 
_reflns.pdbx_percent_possible_spherical                ? 
_reflns.pdbx_percent_possible_ellipsoidal_anomalous    ? 
_reflns.pdbx_percent_possible_spherical_anomalous      ? 
_reflns.pdbx_redundancy_anomalous                      ? 
_reflns.pdbx_CC_half_anomalous                         ? 
_reflns.pdbx_absDiff_over_sigma_anomalous              ? 
_reflns.pdbx_percent_possible_anomalous                ? 
_reflns.pdbx_observed_signal_threshold                 ? 
_reflns.pdbx_signal_type                               ? 
_reflns.pdbx_signal_details                            ? 
_reflns.pdbx_signal_software_id                        ? 
_reflns.pdbx_CC_split_method                           ? 
# 
_reflns_shell.d_res_high                                    1.50 
_reflns_shell.d_res_low                                     1.55 
_reflns_shell.meanI_over_sigI_all                           ? 
_reflns_shell.meanI_over_sigI_obs                           ? 
_reflns_shell.number_measured_all                           ? 
_reflns_shell.number_measured_obs                           ? 
_reflns_shell.number_possible                               ? 
_reflns_shell.number_unique_all                             ? 
_reflns_shell.number_unique_obs                             948 
_reflns_shell.percent_possible_all                          ? 
_reflns_shell.percent_possible_obs                          ? 
_reflns_shell.Rmerge_F_all                                  ? 
_reflns_shell.Rmerge_F_obs                                  ? 
_reflns_shell.Rmerge_I_all                                  ? 
_reflns_shell.Rmerge_I_obs                                  ? 
_reflns_shell.meanI_over_sigI_gt                            ? 
_reflns_shell.meanI_over_uI_all                             ? 
_reflns_shell.meanI_over_uI_gt                              ? 
_reflns_shell.number_measured_gt                            ? 
_reflns_shell.number_unique_gt                              ? 
_reflns_shell.percent_possible_gt                           ? 
_reflns_shell.Rmerge_F_gt                                   ? 
_reflns_shell.Rmerge_I_gt                                   ? 
_reflns_shell.pdbx_redundancy                               ? 
_reflns_shell.pdbx_Rsym_value                               ? 
_reflns_shell.pdbx_chi_squared                              ? 
_reflns_shell.pdbx_netI_over_sigmaI_all                     ? 
_reflns_shell.pdbx_netI_over_sigmaI_obs                     ? 
_reflns_shell.pdbx_Rrim_I_all                               ? 
_reflns_shell.pdbx_Rpim_I_all                               ? 
_reflns_shell.pdbx_rejects                                  ? 
_reflns_shell.pdbx_ordinal                                  1 
_reflns_shell.pdbx_diffrn_id                                1 
_reflns_shell.pdbx_CC_half                                  0.519 
_reflns_shell.pdbx_CC_star                                  0.827 
_reflns_shell.pdbx_R_split                                  ? 
_reflns_shell.pdbx_percent_possible_ellipsoidal             ? 
_reflns_shell.pdbx_percent_possible_spherical               ? 
_reflns_shell.pdbx_percent_possible_ellipsoidal_anomalous   ? 
_reflns_shell.pdbx_percent_possible_spherical_anomalous     ? 
_reflns_shell.pdbx_redundancy_anomalous                     ? 
_reflns_shell.pdbx_CC_half_anomalous                        ? 
_reflns_shell.pdbx_absDiff_over_sigma_anomalous             ? 
_reflns_shell.pdbx_percent_possible_anomalous               ? 
# 
_refine.aniso_B[1][1]                            ? 
_refine.aniso_B[1][2]                            ? 
_refine.aniso_B[1][3]                            ? 
_refine.aniso_B[2][2]                            ? 
_refine.aniso_B[2][3]                            ? 
_refine.aniso_B[3][3]                            ? 
_refine.B_iso_max                                ? 
_refine.B_iso_mean                               33.40 
_refine.B_iso_min                                ? 
_refine.correlation_coeff_Fo_to_Fc               ? 
_refine.correlation_coeff_Fo_to_Fc_free          ? 
_refine.details                                  ? 
_refine.diff_density_max                         ? 
_refine.diff_density_max_esd                     ? 
_refine.diff_density_min                         ? 
_refine.diff_density_min_esd                     ? 
_refine.diff_density_rms                         ? 
_refine.diff_density_rms_esd                     ? 
_refine.entry_id                                 8AXR 
_refine.pdbx_refine_id                           'X-RAY DIFFRACTION' 
_refine.ls_abs_structure_details                 ? 
_refine.ls_abs_structure_Flack                   ? 
_refine.ls_abs_structure_Flack_esd               ? 
_refine.ls_abs_structure_Rogers                  ? 
_refine.ls_abs_structure_Rogers_esd              ? 
_refine.ls_d_res_high                            1.50 
_refine.ls_d_res_low                             19.94 
_refine.ls_extinction_coef                       ? 
_refine.ls_extinction_coef_esd                   ? 
_refine.ls_extinction_expression                 ? 
_refine.ls_extinction_method                     ? 
_refine.ls_goodness_of_fit_all                   ? 
_refine.ls_goodness_of_fit_all_esd               ? 
_refine.ls_goodness_of_fit_obs                   ? 
_refine.ls_goodness_of_fit_obs_esd               ? 
_refine.ls_hydrogen_treatment                    ? 
_refine.ls_matrix_type                           ? 
_refine.ls_number_constraints                    ? 
_refine.ls_number_parameters                     ? 
_refine.ls_number_reflns_all                     ? 
_refine.ls_number_reflns_obs                     9756 
_refine.ls_number_reflns_R_free                  977 
_refine.ls_number_reflns_R_work                  8779 
_refine.ls_number_restraints                     ? 
_refine.ls_percent_reflns_obs                    99.21 
_refine.ls_percent_reflns_R_free                 10.01 
_refine.ls_R_factor_all                          ? 
_refine.ls_R_factor_obs                          0.2139 
_refine.ls_R_factor_R_free                       0.2419 
_refine.ls_R_factor_R_free_error                 ? 
_refine.ls_R_factor_R_free_error_details         ? 
_refine.ls_R_factor_R_work                       0.2106 
_refine.ls_R_Fsqd_factor_obs                     ? 
_refine.ls_R_I_factor_obs                        ? 
_refine.ls_redundancy_reflns_all                 ? 
_refine.ls_redundancy_reflns_obs                 ? 
_refine.ls_restrained_S_all                      ? 
_refine.ls_restrained_S_obs                      ? 
_refine.ls_shift_over_esd_max                    ? 
_refine.ls_shift_over_esd_mean                   ? 
_refine.ls_structure_factor_coef                 ? 
_refine.ls_weighting_details                     ? 
_refine.ls_weighting_scheme                      ? 
_refine.ls_wR_factor_all                         ? 
_refine.ls_wR_factor_obs                         ? 
_refine.ls_wR_factor_R_free                      ? 
_refine.ls_wR_factor_R_work                      ? 
_refine.occupancy_max                            ? 
_refine.occupancy_min                            ? 
_refine.solvent_model_details                    'FLAT BULK SOLVENT MODEL' 
_refine.solvent_model_param_bsol                 ? 
_refine.solvent_model_param_ksol                 ? 
_refine.pdbx_R_complete                          ? 
_refine.ls_R_factor_gt                           ? 
_refine.ls_goodness_of_fit_gt                    ? 
_refine.ls_goodness_of_fit_ref                   ? 
_refine.ls_shift_over_su_max                     ? 
_refine.ls_shift_over_su_max_lt                  ? 
_refine.ls_shift_over_su_mean                    ? 
_refine.ls_shift_over_su_mean_lt                 ? 
_refine.pdbx_ls_sigma_I                          ? 
_refine.pdbx_ls_sigma_F                          1.34 
_refine.pdbx_ls_sigma_Fsqd                       ? 
_refine.pdbx_data_cutoff_high_absF               ? 
_refine.pdbx_data_cutoff_high_rms_absF           ? 
_refine.pdbx_data_cutoff_low_absF                ? 
_refine.pdbx_isotropic_thermal_model             ? 
_refine.pdbx_ls_cross_valid_method               'FREE R-VALUE' 
_refine.pdbx_method_to_determine_struct          'AB INITIO PHASING' 
_refine.pdbx_starting_model                      ? 
_refine.pdbx_stereochemistry_target_values       'GeoStd + Monomer Library + CDL v1.2' 
_refine.pdbx_R_Free_selection_details            ? 
_refine.pdbx_stereochem_target_val_spec_case     ? 
_refine.pdbx_overall_ESU_R                       ? 
_refine.pdbx_overall_ESU_R_Free                  ? 
_refine.pdbx_solvent_vdw_probe_radii             1.1100 
_refine.pdbx_solvent_ion_probe_radii             ? 
_refine.pdbx_solvent_shrinkage_radii             0.9000 
_refine.pdbx_real_space_R                        ? 
_refine.pdbx_density_correlation                 ? 
_refine.pdbx_pd_number_of_powder_patterns        ? 
_refine.pdbx_pd_number_of_points                 ? 
_refine.pdbx_pd_meas_number_of_points            ? 
_refine.pdbx_pd_proc_ls_prof_R_factor            ? 
_refine.pdbx_pd_proc_ls_prof_wR_factor           ? 
_refine.pdbx_pd_Marquardt_correlation_coeff      ? 
_refine.pdbx_pd_Fsqrd_R_factor                   ? 
_refine.pdbx_pd_ls_matrix_band_width             ? 
_refine.pdbx_overall_phase_error                 29.3042 
_refine.pdbx_overall_SU_R_free_Cruickshank_DPI   ? 
_refine.pdbx_overall_SU_R_free_Blow_DPI          ? 
_refine.pdbx_overall_SU_R_Blow_DPI               ? 
_refine.pdbx_TLS_residual_ADP_flag               ? 
_refine.pdbx_diffrn_id                           1 
_refine.overall_SU_B                             ? 
_refine.overall_SU_ML                            0.2313 
_refine.overall_SU_R_Cruickshank_DPI             ? 
_refine.overall_SU_R_free                        ? 
_refine.overall_FOM_free_R_set                   ? 
_refine.overall_FOM_work_R_set                   ? 
_refine.pdbx_average_fsc_overall                 ? 
_refine.pdbx_average_fsc_work                    ? 
_refine.pdbx_average_fsc_free                    ? 
# 
_refine_hist.pdbx_refine_id                   'X-RAY DIFFRACTION' 
_refine_hist.cycle_id                         LAST 
_refine_hist.details                          ? 
_refine_hist.d_res_high                       1.50 
_refine_hist.d_res_low                        19.94 
_refine_hist.number_atoms_solvent             28 
_refine_hist.number_atoms_total               482 
_refine_hist.number_reflns_all                ? 
_refine_hist.number_reflns_obs                ? 
_refine_hist.number_reflns_R_free             ? 
_refine_hist.number_reflns_R_work             ? 
_refine_hist.R_factor_all                     ? 
_refine_hist.R_factor_obs                     ? 
_refine_hist.R_factor_R_free                  ? 
_refine_hist.R_factor_R_work                  ? 
_refine_hist.pdbx_number_residues_total       ? 
_refine_hist.pdbx_B_iso_mean_ligand           ? 
_refine_hist.pdbx_B_iso_mean_solvent          ? 
_refine_hist.pdbx_number_atoms_protein        452 
_refine_hist.pdbx_number_atoms_nucleic_acid   0 
_refine_hist.pdbx_number_atoms_ligand         2 
_refine_hist.pdbx_number_atoms_lipid          ? 
_refine_hist.pdbx_number_atoms_carb           ? 
_refine_hist.pdbx_pseudo_atom_details         ? 
# 
loop_
_refine_ls_restr.pdbx_refine_id 
_refine_ls_restr.criterion 
_refine_ls_restr.dev_ideal 
_refine_ls_restr.dev_ideal_target 
_refine_ls_restr.number 
_refine_ls_restr.rejects 
_refine_ls_restr.type 
_refine_ls_restr.weight 
_refine_ls_restr.pdbx_restraint_function 
'X-RAY DIFFRACTION' ? 0.0063 ? 450 ? f_bond_d           ? ? 
'X-RAY DIFFRACTION' ? 0.9367 ? 609 ? f_angle_d          ? ? 
'X-RAY DIFFRACTION' ? 0.0734 ? 84  ? f_chiral_restr     ? ? 
'X-RAY DIFFRACTION' ? 0.0095 ? 77  ? f_plane_restr      ? ? 
'X-RAY DIFFRACTION' ? 4.5219 ? 62  ? f_dihedral_angle_d ? ? 
# 
loop_
_refine_ls_shell.pdbx_refine_id 
_refine_ls_shell.d_res_high 
_refine_ls_shell.d_res_low 
_refine_ls_shell.number_reflns_all 
_refine_ls_shell.number_reflns_obs 
_refine_ls_shell.number_reflns_R_free 
_refine_ls_shell.number_reflns_R_work 
_refine_ls_shell.percent_reflns_obs 
_refine_ls_shell.percent_reflns_R_free 
_refine_ls_shell.R_factor_all 
_refine_ls_shell.R_factor_obs 
_refine_ls_shell.R_factor_R_free 
_refine_ls_shell.R_factor_R_free_error 
_refine_ls_shell.R_factor_R_work 
_refine_ls_shell.redundancy_reflns_all 
_refine_ls_shell.redundancy_reflns_obs 
_refine_ls_shell.wR_factor_all 
_refine_ls_shell.wR_factor_obs 
_refine_ls_shell.wR_factor_R_free 
_refine_ls_shell.wR_factor_R_work 
_refine_ls_shell.pdbx_R_complete 
_refine_ls_shell.pdbx_total_number_of_bins_used 
_refine_ls_shell.pdbx_phase_error 
_refine_ls_shell.pdbx_fsc_work 
_refine_ls_shell.pdbx_fsc_free 
'X-RAY DIFFRACTION' 1.50 1.58  . . 135 1210 95.66  . . . 0.3701 . 0.3369 . . . . . . . . . . . 
'X-RAY DIFFRACTION' 1.58 1.68  . . 137 1231 99.85  . . . 0.3246 . 0.2864 . . . . . . . . . . . 
'X-RAY DIFFRACTION' 1.68 1.80  . . 140 1255 99.86  . . . 0.2974 . 0.2572 . . . . . . . . . . . 
'X-RAY DIFFRACTION' 1.80 1.99  . . 139 1264 99.72  . . . 0.2652 . 0.2333 . . . . . . . . . . . 
'X-RAY DIFFRACTION' 1.99 2.27  . . 141 1258 99.86  . . . 0.2503 . 0.2029 . . . . . . . . . . . 
'X-RAY DIFFRACTION' 2.27 2.86  . . 140 1269 100.00 . . . 0.2285 . 0.2065 . . . . . . . . . . . 
'X-RAY DIFFRACTION' 2.86 19.94 . . 145 1292 99.52  . . . 0.2202 . 0.1918 . . . . . . . . . . . 
# 
_struct.entry_id                     8AXR 
_struct.title                        'Crystal structure of the C-terminal domain of human CFAP410' 
_struct.pdbx_model_details           ? 
_struct.pdbx_formula_weight          ? 
_struct.pdbx_formula_weight_method   ? 
_struct.pdbx_model_type_details      ? 
_struct.pdbx_CASP_flag               N 
# 
_struct_keywords.entry_id        8AXR 
_struct_keywords.text            'Cilia, Flagella, Coiled-coil, STRUCTURAL PROTEIN' 
_struct_keywords.pdbx_keywords   'STRUCTURAL PROTEIN' 
# 
loop_
_struct_asym.id 
_struct_asym.pdbx_blank_PDB_chainid_flag 
_struct_asym.pdbx_modified 
_struct_asym.entity_id 
_struct_asym.details 
A N N 1 ? 
B N N 1 ? 
C N N 2 ? 
D N N 2 ? 
E N N 3 ? 
F N N 3 ? 
# 
_struct_ref.id                         1 
_struct_ref.db_name                    UNP 
_struct_ref.db_code                    CF410_HUMAN 
_struct_ref.pdbx_db_accession          O43822 
_struct_ref.pdbx_db_isoform            ? 
_struct_ref.entity_id                  1 
_struct_ref.pdbx_seq_one_letter_code   GRNVLTAILLLLRELDAEGLEAVQQTVGSRLQA 
_struct_ref.pdbx_align_begin           213 
# 
loop_
_struct_ref_seq.align_id 
_struct_ref_seq.ref_id 
_struct_ref_seq.pdbx_PDB_id_code 
_struct_ref_seq.pdbx_strand_id 
_struct_ref_seq.seq_align_beg 
_struct_ref_seq.pdbx_seq_align_beg_ins_code 
_struct_ref_seq.seq_align_end 
_struct_ref_seq.pdbx_seq_align_end_ins_code 
_struct_ref_seq.pdbx_db_accession 
_struct_ref_seq.db_align_beg 
_struct_ref_seq.pdbx_db_align_beg_ins_code 
_struct_ref_seq.db_align_end 
_struct_ref_seq.pdbx_db_align_end_ins_code 
_struct_ref_seq.pdbx_auth_seq_align_beg 
_struct_ref_seq.pdbx_auth_seq_align_end 
1 1 8AXR A 1 ? 33 ? O43822 213 ? 245 ? 212 244 
2 1 8AXR B 1 ? 33 ? O43822 213 ? 245 ? 212 244 
# 
_pdbx_struct_assembly.id                   1 
_pdbx_struct_assembly.details              author_and_software_defined_assembly 
_pdbx_struct_assembly.method_details       PISA 
_pdbx_struct_assembly.oligomeric_details   tetrameric 
_pdbx_struct_assembly.oligomeric_count     4 
# 
loop_
_pdbx_struct_assembly_prop.biol_id 
_pdbx_struct_assembly_prop.type 
_pdbx_struct_assembly_prop.value 
_pdbx_struct_assembly_prop.details 
1 'ABSA (A^2)' 6150 ? 
1 MORE         -95  ? 
1 'SSA (A^2)'  6510 ? 
# 
_pdbx_struct_assembly_gen.assembly_id       1 
_pdbx_struct_assembly_gen.oper_expression   1,2 
_pdbx_struct_assembly_gen.asym_id_list      A,B,C,D,E,F 
# 
_pdbx_struct_assembly_auth_evidence.id                     1 
_pdbx_struct_assembly_auth_evidence.assembly_id            1 
_pdbx_struct_assembly_auth_evidence.experimental_support   'gel filtration' 
_pdbx_struct_assembly_auth_evidence.details                ? 
# 
loop_
_pdbx_struct_oper_list.id 
_pdbx_struct_oper_list.type 
_pdbx_struct_oper_list.name 
_pdbx_struct_oper_list.symmetry_operation 
_pdbx_struct_oper_list.matrix[1][1] 
_pdbx_struct_oper_list.matrix[1][2] 
_pdbx_struct_oper_list.matrix[1][3] 
_pdbx_struct_oper_list.vector[1] 
_pdbx_struct_oper_list.matrix[2][1] 
_pdbx_struct_oper_list.matrix[2][2] 
_pdbx_struct_oper_list.matrix[2][3] 
_pdbx_struct_oper_list.vector[2] 
_pdbx_struct_oper_list.matrix[3][1] 
_pdbx_struct_oper_list.matrix[3][2] 
_pdbx_struct_oper_list.matrix[3][3] 
_pdbx_struct_oper_list.vector[3] 
1 'identity operation'         1_555 x,y,z   1.0000000000 0.0000000000 0.0000000000  0.0000000000   0.0000000000 1.0000000000  0.0000000000  0.0000000000  0.0000000000  0.0000000000  1.0000000000  0.0000000000   
2 'crystal symmetry operation' 2_555 -x,y,-z 0.1849929197 0.0944827671 -0.9781874188 -13.3639871721 0.0944827671 -0.9924666273 -0.0779935918 -2.9153925140 -0.9781874188 -0.0779935918 -0.1925262923 -16.4709586514 
# 
loop_
_struct_conf.conf_type_id 
_struct_conf.id 
_struct_conf.pdbx_PDB_helix_id 
_struct_conf.beg_label_comp_id 
_struct_conf.beg_label_asym_id 
_struct_conf.beg_label_seq_id 
_struct_conf.pdbx_beg_PDB_ins_code 
_struct_conf.end_label_comp_id 
_struct_conf.end_label_asym_id 
_struct_conf.end_label_seq_id 
_struct_conf.pdbx_end_PDB_ins_code 
_struct_conf.beg_auth_comp_id 
_struct_conf.beg_auth_asym_id 
_struct_conf.beg_auth_seq_id 
_struct_conf.end_auth_comp_id 
_struct_conf.end_auth_asym_id 
_struct_conf.end_auth_seq_id 
_struct_conf.pdbx_PDB_helix_class 
_struct_conf.details 
_struct_conf.pdbx_PDB_helix_length 
HELX_P HELX_P1 AA1 ASN A 3  ? ARG A 13 ? ASN A 214 ARG A 224 1 ? 11 
HELX_P HELX_P2 AA2 ASP A 16 ? ALA A 33 ? ASP A 227 ALA A 244 1 ? 18 
HELX_P HELX_P3 AA3 VAL B 4  ? LEU B 12 ? VAL B 215 LEU B 223 1 ? 9  
HELX_P HELX_P4 AA4 ARG B 13 ? LEU B 15 ? ARG B 224 LEU B 226 5 ? 3  
HELX_P HELX_P5 AA5 ASP B 16 ? LEU B 31 ? ASP B 227 LEU B 242 1 ? 16 
# 
_struct_conf_type.id          HELX_P 
_struct_conf_type.criteria    ? 
_struct_conf_type.reference   ? 
# 
_pdbx_entry_details.entry_id                   8AXR 
_pdbx_entry_details.has_ligand_of_interest     N 
_pdbx_entry_details.compound_details           ? 
_pdbx_entry_details.source_details             ? 
_pdbx_entry_details.nonpolymer_details         ? 
_pdbx_entry_details.sequence_details           ? 
_pdbx_entry_details.has_protein_modification   ? 
# 
loop_
_pdbx_validate_close_contact.id 
_pdbx_validate_close_contact.PDB_model_num 
_pdbx_validate_close_contact.auth_atom_id_1 
_pdbx_validate_close_contact.auth_asym_id_1 
_pdbx_validate_close_contact.auth_comp_id_1 
_pdbx_validate_close_contact.auth_seq_id_1 
_pdbx_validate_close_contact.PDB_ins_code_1 
_pdbx_validate_close_contact.label_alt_id_1 
_pdbx_validate_close_contact.auth_atom_id_2 
_pdbx_validate_close_contact.auth_asym_id_2 
_pdbx_validate_close_contact.auth_comp_id_2 
_pdbx_validate_close_contact.auth_seq_id_2 
_pdbx_validate_close_contact.PDB_ins_code_2 
_pdbx_validate_close_contact.label_alt_id_2 
_pdbx_validate_close_contact.dist 
1 1 OE1 B GLU 232 ? ? O B HOH 401 ? ? 2.10 
2 1 OE2 B GLU 232 ? ? O B HOH 402 ? ? 2.14 
3 1 OE1 A GLN 236 ? ? O A HOH 401 ? ? 2.17 
4 1 O   B HOH 403 ? ? O B HOH 404 ? ? 2.18 
# 
loop_
_space_group_symop.id 
_space_group_symop.operation_xyz 
1 x,y,z           
2 -x,y,-z         
3 x+1/2,y+1/2,z   
4 -x+1/2,y+1/2,-z 
# 
loop_
_pdbx_refine_tls.id 
_pdbx_refine_tls.pdbx_refine_id 
_pdbx_refine_tls.details 
_pdbx_refine_tls.method 
_pdbx_refine_tls.origin_x 
_pdbx_refine_tls.origin_y 
_pdbx_refine_tls.origin_z 
_pdbx_refine_tls.T[1][1] 
_pdbx_refine_tls.T[1][1]_esd 
_pdbx_refine_tls.T[1][2] 
_pdbx_refine_tls.T[1][2]_esd 
_pdbx_refine_tls.T[1][3] 
_pdbx_refine_tls.T[1][3]_esd 
_pdbx_refine_tls.T[2][2] 
_pdbx_refine_tls.T[2][2]_esd 
_pdbx_refine_tls.T[2][3] 
_pdbx_refine_tls.T[2][3]_esd 
_pdbx_refine_tls.T[3][3] 
_pdbx_refine_tls.T[3][3]_esd 
_pdbx_refine_tls.L[1][1] 
_pdbx_refine_tls.L[1][1]_esd 
_pdbx_refine_tls.L[1][2] 
_pdbx_refine_tls.L[1][2]_esd 
_pdbx_refine_tls.L[1][3] 
_pdbx_refine_tls.L[1][3]_esd 
_pdbx_refine_tls.L[2][2] 
_pdbx_refine_tls.L[2][2]_esd 
_pdbx_refine_tls.L[2][3] 
_pdbx_refine_tls.L[2][3]_esd 
_pdbx_refine_tls.L[3][3] 
_pdbx_refine_tls.L[3][3]_esd 
_pdbx_refine_tls.S[1][1] 
_pdbx_refine_tls.S[1][1]_esd 
_pdbx_refine_tls.S[1][2] 
_pdbx_refine_tls.S[1][2]_esd 
_pdbx_refine_tls.S[1][3] 
_pdbx_refine_tls.S[1][3]_esd 
_pdbx_refine_tls.S[2][1] 
_pdbx_refine_tls.S[2][1]_esd 
_pdbx_refine_tls.S[2][2] 
_pdbx_refine_tls.S[2][2]_esd 
_pdbx_refine_tls.S[2][3] 
_pdbx_refine_tls.S[2][3]_esd 
_pdbx_refine_tls.S[3][1] 
_pdbx_refine_tls.S[3][1]_esd 
_pdbx_refine_tls.S[3][2] 
_pdbx_refine_tls.S[3][2]_esd 
_pdbx_refine_tls.S[3][3] 
_pdbx_refine_tls.S[3][3]_esd 
1 'X-RAY DIFFRACTION' ? refined -0.92554343015 -0.41950406197 1.09477323634  0.238615365907 ? 0.003894773239  ? -0.002721487149 ? 0.289342039779 ? 0.030333488625  ? 0.228572869039 ? 0.032315804862 ? 0.031620027681  ? 0.039705062872 ? 0.031726541790 ? 0.013252186857  ? 0.188996858870 ? -0.177809174332 ? -0.323148595490 ? 0.034891984827 ? 0.200936658205 ? -0.106465743274 ? -0.093480996665 ? -0.054316931044 ? 0.07397637023  ? 0.200511869026  ? 
2 'X-RAY DIFFRACTION' ? refined 0.82160381690  0.32274873547  -1.34895416271 0.235278349298 ? -0.018882899280 ? -0.009023486638 ? 0.210412939893 ? -0.007339275983 ? 0.254663080004 ? 0.175165867422 ? -0.044348306079 ? 0.088232444757 ? 0.052737696185 ? -0.046947593367 ? 0.161615990714 ? 0.143991208000  ? 0.047679171516  ? 0.115227514412 ? 0.138028795507 ? 0.009713583713  ? -0.206308803981 ? 0.057792429079  ? 0.140192778259 ? -0.108053341901 ? 
# 
loop_
_pdbx_refine_tls_group.id 
_pdbx_refine_tls_group.pdbx_refine_id 
_pdbx_refine_tls_group.refine_tls_id 
_pdbx_refine_tls_group.beg_label_asym_id 
_pdbx_refine_tls_group.beg_label_seq_id 
_pdbx_refine_tls_group.beg_auth_asym_id 
_pdbx_refine_tls_group.beg_auth_seq_id 
_pdbx_refine_tls_group.beg_PDB_ins_code 
_pdbx_refine_tls_group.end_label_asym_id 
_pdbx_refine_tls_group.end_label_seq_id 
_pdbx_refine_tls_group.end_auth_asym_id 
_pdbx_refine_tls_group.end_auth_seq_id 
_pdbx_refine_tls_group.end_PDB_ins_code 
_pdbx_refine_tls_group.selection 
_pdbx_refine_tls_group.selection_details 
1 'X-RAY DIFFRACTION' 1 A 1 A 214 ? A 31 A 244 ? ? 
;(chain 'A' and resid 214 through 244)
;
2 'X-RAY DIFFRACTION' 2 C 1 B 214 ? C 29 B 242 ? ? 
;(chain 'B' and resid 214 through 242)
;
# 
loop_
_pdbx_unobs_or_zero_occ_residues.id 
_pdbx_unobs_or_zero_occ_residues.PDB_model_num 
_pdbx_unobs_or_zero_occ_residues.polymer_flag 
_pdbx_unobs_or_zero_occ_residues.occupancy_flag 
_pdbx_unobs_or_zero_occ_residues.auth_asym_id 
_pdbx_unobs_or_zero_occ_residues.auth_comp_id 
_pdbx_unobs_or_zero_occ_residues.auth_seq_id 
_pdbx_unobs_or_zero_occ_residues.PDB_ins_code 
_pdbx_unobs_or_zero_occ_residues.label_asym_id 
_pdbx_unobs_or_zero_occ_residues.label_comp_id 
_pdbx_unobs_or_zero_occ_residues.label_seq_id 
1 1 Y 1 A GLY 212 ? A GLY 1  
2 1 Y 1 A ARG 213 ? A ARG 2  
3 1 Y 1 B GLY 212 ? B GLY 1  
4 1 Y 1 B ARG 213 ? B ARG 2  
5 1 Y 1 B GLN 243 ? B GLN 32 
6 1 Y 1 B ALA 244 ? B ALA 33 
# 
loop_
_chem_comp_atom.comp_id 
_chem_comp_atom.atom_id 
_chem_comp_atom.type_symbol 
_chem_comp_atom.pdbx_aromatic_flag 
_chem_comp_atom.pdbx_stereo_config 
_chem_comp_atom.pdbx_ordinal 
ALA N    N  N N 1   
ALA CA   C  N S 2   
ALA C    C  N N 3   
ALA O    O  N N 4   
ALA CB   C  N N 5   
ALA OXT  O  N N 6   
ALA H    H  N N 7   
ALA H2   H  N N 8   
ALA HA   H  N N 9   
ALA HB1  H  N N 10  
ALA HB2  H  N N 11  
ALA HB3  H  N N 12  
ALA HXT  H  N N 13  
ARG N    N  N N 14  
ARG CA   C  N S 15  
ARG C    C  N N 16  
ARG O    O  N N 17  
ARG CB   C  N N 18  
ARG CG   C  N N 19  
ARG CD   C  N N 20  
ARG NE   N  N N 21  
ARG CZ   C  N N 22  
ARG NH1  N  N N 23  
ARG NH2  N  N N 24  
ARG OXT  O  N N 25  
ARG H    H  N N 26  
ARG H2   H  N N 27  
ARG HA   H  N N 28  
ARG HB2  H  N N 29  
ARG HB3  H  N N 30  
ARG HG2  H  N N 31  
ARG HG3  H  N N 32  
ARG HD2  H  N N 33  
ARG HD3  H  N N 34  
ARG HE   H  N N 35  
ARG HH11 H  N N 36  
ARG HH12 H  N N 37  
ARG HH21 H  N N 38  
ARG HH22 H  N N 39  
ARG HXT  H  N N 40  
ASN N    N  N N 41  
ASN CA   C  N S 42  
ASN C    C  N N 43  
ASN O    O  N N 44  
ASN CB   C  N N 45  
ASN CG   C  N N 46  
ASN OD1  O  N N 47  
ASN ND2  N  N N 48  
ASN OXT  O  N N 49  
ASN H    H  N N 50  
ASN H2   H  N N 51  
ASN HA   H  N N 52  
ASN HB2  H  N N 53  
ASN HB3  H  N N 54  
ASN HD21 H  N N 55  
ASN HD22 H  N N 56  
ASN HXT  H  N N 57  
ASP N    N  N N 58  
ASP CA   C  N S 59  
ASP C    C  N N 60  
ASP O    O  N N 61  
ASP CB   C  N N 62  
ASP CG   C  N N 63  
ASP OD1  O  N N 64  
ASP OD2  O  N N 65  
ASP OXT  O  N N 66  
ASP H    H  N N 67  
ASP H2   H  N N 68  
ASP HA   H  N N 69  
ASP HB2  H  N N 70  
ASP HB3  H  N N 71  
ASP HD2  H  N N 72  
ASP HXT  H  N N 73  
CL  CL   CL N N 74  
GLN N    N  N N 75  
GLN CA   C  N S 76  
GLN C    C  N N 77  
GLN O    O  N N 78  
GLN CB   C  N N 79  
GLN CG   C  N N 80  
GLN CD   C  N N 81  
GLN OE1  O  N N 82  
GLN NE2  N  N N 83  
GLN OXT  O  N N 84  
GLN H    H  N N 85  
GLN H2   H  N N 86  
GLN HA   H  N N 87  
GLN HB2  H  N N 88  
GLN HB3  H  N N 89  
GLN HG2  H  N N 90  
GLN HG3  H  N N 91  
GLN HE21 H  N N 92  
GLN HE22 H  N N 93  
GLN HXT  H  N N 94  
GLU N    N  N N 95  
GLU CA   C  N S 96  
GLU C    C  N N 97  
GLU O    O  N N 98  
GLU CB   C  N N 99  
GLU CG   C  N N 100 
GLU CD   C  N N 101 
GLU OE1  O  N N 102 
GLU OE2  O  N N 103 
GLU OXT  O  N N 104 
GLU H    H  N N 105 
GLU H2   H  N N 106 
GLU HA   H  N N 107 
GLU HB2  H  N N 108 
GLU HB3  H  N N 109 
GLU HG2  H  N N 110 
GLU HG3  H  N N 111 
GLU HE2  H  N N 112 
GLU HXT  H  N N 113 
GLY N    N  N N 114 
GLY CA   C  N N 115 
GLY C    C  N N 116 
GLY O    O  N N 117 
GLY OXT  O  N N 118 
GLY H    H  N N 119 
GLY H2   H  N N 120 
GLY HA2  H  N N 121 
GLY HA3  H  N N 122 
GLY HXT  H  N N 123 
HOH O    O  N N 124 
HOH H1   H  N N 125 
HOH H2   H  N N 126 
ILE N    N  N N 127 
ILE CA   C  N S 128 
ILE C    C  N N 129 
ILE O    O  N N 130 
ILE CB   C  N S 131 
ILE CG1  C  N N 132 
ILE CG2  C  N N 133 
ILE CD1  C  N N 134 
ILE OXT  O  N N 135 
ILE H    H  N N 136 
ILE H2   H  N N 137 
ILE HA   H  N N 138 
ILE HB   H  N N 139 
ILE HG12 H  N N 140 
ILE HG13 H  N N 141 
ILE HG21 H  N N 142 
ILE HG22 H  N N 143 
ILE HG23 H  N N 144 
ILE HD11 H  N N 145 
ILE HD12 H  N N 146 
ILE HD13 H  N N 147 
ILE HXT  H  N N 148 
LEU N    N  N N 149 
LEU CA   C  N S 150 
LEU C    C  N N 151 
LEU O    O  N N 152 
LEU CB   C  N N 153 
LEU CG   C  N N 154 
LEU CD1  C  N N 155 
LEU CD2  C  N N 156 
LEU OXT  O  N N 157 
LEU H    H  N N 158 
LEU H2   H  N N 159 
LEU HA   H  N N 160 
LEU HB2  H  N N 161 
LEU HB3  H  N N 162 
LEU HG   H  N N 163 
LEU HD11 H  N N 164 
LEU HD12 H  N N 165 
LEU HD13 H  N N 166 
LEU HD21 H  N N 167 
LEU HD22 H  N N 168 
LEU HD23 H  N N 169 
LEU HXT  H  N N 170 
SER N    N  N N 171 
SER CA   C  N S 172 
SER C    C  N N 173 
SER O    O  N N 174 
SER CB   C  N N 175 
SER OG   O  N N 176 
SER OXT  O  N N 177 
SER H    H  N N 178 
SER H2   H  N N 179 
SER HA   H  N N 180 
SER HB2  H  N N 181 
SER HB3  H  N N 182 
SER HG   H  N N 183 
SER HXT  H  N N 184 
THR N    N  N N 185 
THR CA   C  N S 186 
THR C    C  N N 187 
THR O    O  N N 188 
THR CB   C  N R 189 
THR OG1  O  N N 190 
THR CG2  C  N N 191 
THR OXT  O  N N 192 
THR H    H  N N 193 
THR H2   H  N N 194 
THR HA   H  N N 195 
THR HB   H  N N 196 
THR HG1  H  N N 197 
THR HG21 H  N N 198 
THR HG22 H  N N 199 
THR HG23 H  N N 200 
THR HXT  H  N N 201 
VAL N    N  N N 202 
VAL CA   C  N S 203 
VAL C    C  N N 204 
VAL O    O  N N 205 
VAL CB   C  N N 206 
VAL CG1  C  N N 207 
VAL CG2  C  N N 208 
VAL OXT  O  N N 209 
VAL H    H  N N 210 
VAL H2   H  N N 211 
VAL HA   H  N N 212 
VAL HB   H  N N 213 
VAL HG11 H  N N 214 
VAL HG12 H  N N 215 
VAL HG13 H  N N 216 
VAL HG21 H  N N 217 
VAL HG22 H  N N 218 
VAL HG23 H  N N 219 
VAL HXT  H  N N 220 
# 
loop_
_chem_comp_bond.comp_id 
_chem_comp_bond.atom_id_1 
_chem_comp_bond.atom_id_2 
_chem_comp_bond.value_order 
_chem_comp_bond.pdbx_aromatic_flag 
_chem_comp_bond.pdbx_stereo_config 
_chem_comp_bond.pdbx_ordinal 
ALA N   CA   sing N N 1   
ALA N   H    sing N N 2   
ALA N   H2   sing N N 3   
ALA CA  C    sing N N 4   
ALA CA  CB   sing N N 5   
ALA CA  HA   sing N N 6   
ALA C   O    doub N N 7   
ALA C   OXT  sing N N 8   
ALA CB  HB1  sing N N 9   
ALA CB  HB2  sing N N 10  
ALA CB  HB3  sing N N 11  
ALA OXT HXT  sing N N 12  
ARG N   CA   sing N N 13  
ARG N   H    sing N N 14  
ARG N   H2   sing N N 15  
ARG CA  C    sing N N 16  
ARG CA  CB   sing N N 17  
ARG CA  HA   sing N N 18  
ARG C   O    doub N N 19  
ARG C   OXT  sing N N 20  
ARG CB  CG   sing N N 21  
ARG CB  HB2  sing N N 22  
ARG CB  HB3  sing N N 23  
ARG CG  CD   sing N N 24  
ARG CG  HG2  sing N N 25  
ARG CG  HG3  sing N N 26  
ARG CD  NE   sing N N 27  
ARG CD  HD2  sing N N 28  
ARG CD  HD3  sing N N 29  
ARG NE  CZ   sing N N 30  
ARG NE  HE   sing N N 31  
ARG CZ  NH1  sing N N 32  
ARG CZ  NH2  doub N N 33  
ARG NH1 HH11 sing N N 34  
ARG NH1 HH12 sing N N 35  
ARG NH2 HH21 sing N N 36  
ARG NH2 HH22 sing N N 37  
ARG OXT HXT  sing N N 38  
ASN N   CA   sing N N 39  
ASN N   H    sing N N 40  
ASN N   H2   sing N N 41  
ASN CA  C    sing N N 42  
ASN CA  CB   sing N N 43  
ASN CA  HA   sing N N 44  
ASN C   O    doub N N 45  
ASN C   OXT  sing N N 46  
ASN CB  CG   sing N N 47  
ASN CB  HB2  sing N N 48  
ASN CB  HB3  sing N N 49  
ASN CG  OD1  doub N N 50  
ASN CG  ND2  sing N N 51  
ASN ND2 HD21 sing N N 52  
ASN ND2 HD22 sing N N 53  
ASN OXT HXT  sing N N 54  
ASP N   CA   sing N N 55  
ASP N   H    sing N N 56  
ASP N   H2   sing N N 57  
ASP CA  C    sing N N 58  
ASP CA  CB   sing N N 59  
ASP CA  HA   sing N N 60  
ASP C   O    doub N N 61  
ASP C   OXT  sing N N 62  
ASP CB  CG   sing N N 63  
ASP CB  HB2  sing N N 64  
ASP CB  HB3  sing N N 65  
ASP CG  OD1  doub N N 66  
ASP CG  OD2  sing N N 67  
ASP OD2 HD2  sing N N 68  
ASP OXT HXT  sing N N 69  
GLN N   CA   sing N N 70  
GLN N   H    sing N N 71  
GLN N   H2   sing N N 72  
GLN CA  C    sing N N 73  
GLN CA  CB   sing N N 74  
GLN CA  HA   sing N N 75  
GLN C   O    doub N N 76  
GLN C   OXT  sing N N 77  
GLN CB  CG   sing N N 78  
GLN CB  HB2  sing N N 79  
GLN CB  HB3  sing N N 80  
GLN CG  CD   sing N N 81  
GLN CG  HG2  sing N N 82  
GLN CG  HG3  sing N N 83  
GLN CD  OE1  doub N N 84  
GLN CD  NE2  sing N N 85  
GLN NE2 HE21 sing N N 86  
GLN NE2 HE22 sing N N 87  
GLN OXT HXT  sing N N 88  
GLU N   CA   sing N N 89  
GLU N   H    sing N N 90  
GLU N   H2   sing N N 91  
GLU CA  C    sing N N 92  
GLU CA  CB   sing N N 93  
GLU CA  HA   sing N N 94  
GLU C   O    doub N N 95  
GLU C   OXT  sing N N 96  
GLU CB  CG   sing N N 97  
GLU CB  HB2  sing N N 98  
GLU CB  HB3  sing N N 99  
GLU CG  CD   sing N N 100 
GLU CG  HG2  sing N N 101 
GLU CG  HG3  sing N N 102 
GLU CD  OE1  doub N N 103 
GLU CD  OE2  sing N N 104 
GLU OE2 HE2  sing N N 105 
GLU OXT HXT  sing N N 106 
GLY N   CA   sing N N 107 
GLY N   H    sing N N 108 
GLY N   H2   sing N N 109 
GLY CA  C    sing N N 110 
GLY CA  HA2  sing N N 111 
GLY CA  HA3  sing N N 112 
GLY C   O    doub N N 113 
GLY C   OXT  sing N N 114 
GLY OXT HXT  sing N N 115 
HOH O   H1   sing N N 116 
HOH O   H2   sing N N 117 
ILE N   CA   sing N N 118 
ILE N   H    sing N N 119 
ILE N   H2   sing N N 120 
ILE CA  C    sing N N 121 
ILE CA  CB   sing N N 122 
ILE CA  HA   sing N N 123 
ILE C   O    doub N N 124 
ILE C   OXT  sing N N 125 
ILE CB  CG1  sing N N 126 
ILE CB  CG2  sing N N 127 
ILE CB  HB   sing N N 128 
ILE CG1 CD1  sing N N 129 
ILE CG1 HG12 sing N N 130 
ILE CG1 HG13 sing N N 131 
ILE CG2 HG21 sing N N 132 
ILE CG2 HG22 sing N N 133 
ILE CG2 HG23 sing N N 134 
ILE CD1 HD11 sing N N 135 
ILE CD1 HD12 sing N N 136 
ILE CD1 HD13 sing N N 137 
ILE OXT HXT  sing N N 138 
LEU N   CA   sing N N 139 
LEU N   H    sing N N 140 
LEU N   H2   sing N N 141 
LEU CA  C    sing N N 142 
LEU CA  CB   sing N N 143 
LEU CA  HA   sing N N 144 
LEU C   O    doub N N 145 
LEU C   OXT  sing N N 146 
LEU CB  CG   sing N N 147 
LEU CB  HB2  sing N N 148 
LEU CB  HB3  sing N N 149 
LEU CG  CD1  sing N N 150 
LEU CG  CD2  sing N N 151 
LEU CG  HG   sing N N 152 
LEU CD1 HD11 sing N N 153 
LEU CD1 HD12 sing N N 154 
LEU CD1 HD13 sing N N 155 
LEU CD2 HD21 sing N N 156 
LEU CD2 HD22 sing N N 157 
LEU CD2 HD23 sing N N 158 
LEU OXT HXT  sing N N 159 
SER N   CA   sing N N 160 
SER N   H    sing N N 161 
SER N   H2   sing N N 162 
SER CA  C    sing N N 163 
SER CA  CB   sing N N 164 
SER CA  HA   sing N N 165 
SER C   O    doub N N 166 
SER C   OXT  sing N N 167 
SER CB  OG   sing N N 168 
SER CB  HB2  sing N N 169 
SER CB  HB3  sing N N 170 
SER OG  HG   sing N N 171 
SER OXT HXT  sing N N 172 
THR N   CA   sing N N 173 
THR N   H    sing N N 174 
THR N   H2   sing N N 175 
THR CA  C    sing N N 176 
THR CA  CB   sing N N 177 
THR CA  HA   sing N N 178 
THR C   O    doub N N 179 
THR C   OXT  sing N N 180 
THR CB  OG1  sing N N 181 
THR CB  CG2  sing N N 182 
THR CB  HB   sing N N 183 
THR OG1 HG1  sing N N 184 
THR CG2 HG21 sing N N 185 
THR CG2 HG22 sing N N 186 
THR CG2 HG23 sing N N 187 
THR OXT HXT  sing N N 188 
VAL N   CA   sing N N 189 
VAL N   H    sing N N 190 
VAL N   H2   sing N N 191 
VAL CA  C    sing N N 192 
VAL CA  CB   sing N N 193 
VAL CA  HA   sing N N 194 
VAL C   O    doub N N 195 
VAL C   OXT  sing N N 196 
VAL CB  CG1  sing N N 197 
VAL CB  CG2  sing N N 198 
VAL CB  HB   sing N N 199 
VAL CG1 HG11 sing N N 200 
VAL CG1 HG12 sing N N 201 
VAL CG1 HG13 sing N N 202 
VAL CG2 HG21 sing N N 203 
VAL CG2 HG22 sing N N 204 
VAL CG2 HG23 sing N N 205 
VAL OXT HXT  sing N N 206 
# 
_pdbx_audit_support.funding_organization   'Austrian Science Fund' 
_pdbx_audit_support.country                Austria 
_pdbx_audit_support.grant_number           I5960-B2 
_pdbx_audit_support.ordinal                1 
# 
_space_group.name_H-M_alt     'C 1 2 1' 
_space_group.name_Hall        'C 2y' 
_space_group.IT_number        5 
_space_group.crystal_system   monoclinic 
_space_group.id               1 
# 
_atom_sites.entry_id                    8AXR 
_atom_sites.Cartn_transf_matrix[1][1]   ? 
_atom_sites.Cartn_transf_matrix[1][2]   ? 
_atom_sites.Cartn_transf_matrix[1][3]   ? 
_atom_sites.Cartn_transf_matrix[2][1]   ? 
_atom_sites.Cartn_transf_matrix[2][2]   ? 
_atom_sites.Cartn_transf_matrix[2][3]   ? 
_atom_sites.Cartn_transf_matrix[3][1]   ? 
_atom_sites.Cartn_transf_matrix[3][2]   ? 
_atom_sites.Cartn_transf_matrix[3][3]   ? 
_atom_sites.Cartn_transf_vector[1]      ? 
_atom_sites.Cartn_transf_vector[2]      ? 
_atom_sites.Cartn_transf_vector[3]      ? 
_atom_sites.fract_transf_matrix[1][1]   0.00928715 
_atom_sites.fract_transf_matrix[1][2]   0.00974056 
_atom_sites.fract_transf_matrix[1][3]   0.01219145 
_atom_sites.fract_transf_matrix[2][1]   -0.01520386 
_atom_sites.fract_transf_matrix[2][2]   -0.00121225 
_atom_sites.fract_transf_matrix[2][3]   0.01255048 
_atom_sites.fract_transf_matrix[3][1]   0.02177169 
_atom_sites.fract_transf_matrix[3][2]   -0.03326630 
_atom_sites.fract_transf_matrix[3][3]   0.02316141 
_atom_sites.fract_transf_vector[1]      0.176658 
_atom_sites.fract_transf_vector[2]      0.154592 
_atom_sites.fract_transf_vector[3]      0.287731 
_atom_sites.solution_primary            ? 
_atom_sites.solution_secondary          ? 
_atom_sites.solution_hydrogens          ? 
_atom_sites.special_details             ? 
# 
loop_
_atom_type.symbol 
_atom_type.scat_dispersion_real 
_atom_type.scat_dispersion_imag 
_atom_type.scat_Cromer_Mann_a1 
_atom_type.scat_Cromer_Mann_a2 
_atom_type.scat_Cromer_Mann_a3 
_atom_type.scat_Cromer_Mann_a4 
_atom_type.scat_Cromer_Mann_b1 
_atom_type.scat_Cromer_Mann_b2 
_atom_type.scat_Cromer_Mann_b3 
_atom_type.scat_Cromer_Mann_b4 
_atom_type.scat_Cromer_Mann_c 
_atom_type.scat_source 
_atom_type.scat_dispersion_source 
C  ? ? 3.54356 2.42580 ? ? 25.62398 1.50364  ? ? 0.0 
;2-Gaussian fit: Grosse-Kunstleve RW, Sauter NK, Adams PD: Newsletter of the IUCr Commission on Crystallographic Computing 2004, 3, 22-31.
;
? 
CL ? ? 9.50761 7.44341 ? ? 1.04373  23.83732 ? ? 0.0 
;2-Gaussian fit: Grosse-Kunstleve RW, Sauter NK, Adams PD: Newsletter of the IUCr Commission on Crystallographic Computing 2004, 3, 22-31.
;
? 
N  ? ? 4.01032 2.96436 ? ? 19.97189 1.75589  ? ? 0.0 
;2-Gaussian fit: Grosse-Kunstleve RW, Sauter NK, Adams PD: Newsletter of the IUCr Commission on Crystallographic Computing 2004, 3, 22-31.
;
? 
O  ? ? 4.49882 3.47563 ? ? 15.80542 1.70748  ? ? 0.0 
;2-Gaussian fit: Grosse-Kunstleve RW, Sauter NK, Adams PD: Newsletter of the IUCr Commission on Crystallographic Computing 2004, 3, 22-31.
;
? 
# 
loop_
_atom_site.group_PDB 
_atom_site.id 
_atom_site.type_symbol 
_atom_site.label_atom_id 
_atom_site.label_alt_id 
_atom_site.label_comp_id 
_atom_site.label_asym_id 
_atom_site.label_entity_id 
_atom_site.label_seq_id 
_atom_site.pdbx_PDB_ins_code 
_atom_site.Cartn_x 
_atom_site.Cartn_y 
_atom_site.Cartn_z 
_atom_site.occupancy 
_atom_site.B_iso_or_equiv 
_atom_site.pdbx_formal_charge 
_atom_site.auth_seq_id 
_atom_site.auth_comp_id 
_atom_site.auth_asym_id 
_atom_site.auth_atom_id 
_atom_site.pdbx_PDB_model_num 
ATOM   1   N  N   . ASN A 1 3  ? -0.28600  6.85733   -11.83505 1.000 38.58064 ? 214 ASN A N   1 
ATOM   2   C  CA  . ASN A 1 3  ? -1.51378  6.15919   -12.21964 1.000 42.43767 ? 214 ASN A CA  1 
ATOM   3   C  C   . ASN A 1 3  ? -1.91121  4.94759   -11.39119 1.000 34.61952 ? 214 ASN A C   1 
ATOM   4   O  O   . ASN A 1 3  ? -2.98959  4.92588   -10.77796 1.000 29.73927 ? 214 ASN A O   1 
ATOM   5   C  CB  . ASN A 1 3  ? -1.52083  5.79953   -13.70161 1.000 44.70847 ? 214 ASN A CB  1 
ATOM   6   C  CG  . ASN A 1 3  ? -2.87191  5.30805   -14.14648 1.000 47.29232 ? 214 ASN A CG  1 
ATOM   7   O  OD1 . ASN A 1 3  ? -2.99767  4.24212   -14.74176 1.000 44.20902 ? 214 ASN A OD1 1 
ATOM   8   N  ND2 . ASN A 1 3  ? -3.90347  5.99519   -13.70458 1.000 49.44734 ? 214 ASN A ND2 1 
ATOM   9   N  N   . VAL A 1 4  ? -1.07403  3.91301   -11.43058 1.000 34.94966 ? 215 VAL A N   1 
ATOM   10  C  CA  . VAL A 1 4  ? -1.25094  2.80376   -10.50492 1.000 27.27395 ? 215 VAL A CA  1 
ATOM   11  C  C   . VAL A 1 4  ? -1.16242  3.30671   -9.07236  1.000 25.87421 ? 215 VAL A C   1 
ATOM   12  O  O   . VAL A 1 4  ? -1.94455  2.89366   -8.21047  1.000 23.29013 ? 215 VAL A O   1 
ATOM   13  C  CB  . VAL A 1 4  ? -0.24551  1.67753   -10.80924 1.000 25.66089 ? 215 VAL A CB  1 
ATOM   14  C  CG1 . VAL A 1 4  ? -0.27126  0.63132   -9.72200  1.000 26.87402 ? 215 VAL A CG1 1 
ATOM   15  C  CG2 . VAL A 1 4  ? -0.56533  1.04259   -12.15249 1.000 32.68740 ? 215 VAL A CG2 1 
ATOM   16  N  N   . LEU A 1 5  ? -0.24002  4.24063   -8.80353  1.000 25.67095 ? 216 LEU A N   1 
ATOM   17  C  CA  . LEU A 1 5  ? -0.14547  4.80843   -7.46185  1.000 22.69227 ? 216 LEU A CA  1 
ATOM   18  C  C   . LEU A 1 5  ? -1.43231  5.51953   -7.06202  1.000 23.17658 ? 216 LEU A C   1 
ATOM   19  O  O   . LEU A 1 5  ? -1.90157  5.36353   -5.92958  1.000 23.72455 ? 216 LEU A O   1 
ATOM   20  C  CB  . LEU A 1 5  ? 1.04833   5.75666   -7.35256  1.000 30.55903 ? 216 LEU A CB  1 
ATOM   21  C  CG  . LEU A 1 5  ? 1.20265   6.48069   -6.00875  1.000 28.05512 ? 216 LEU A CG  1 
ATOM   22  C  CD1 . LEU A 1 5  ? 1.35391   5.50562   -4.81751  1.000 26.54353 ? 216 LEU A CD1 1 
ATOM   23  C  CD2 . LEU A 1 5  ? 2.38507   7.44561   -6.07090  1.000 30.67203 ? 216 LEU A CD2 1 
ATOM   24  N  N   . THR A 1 6  ? -2.01229  6.31653   -7.96826  1.000 24.32502 ? 217 THR A N   1 
ATOM   25  C  CA  . THR A 1 6  ? -3.25578  7.00479   -7.63158  1.000 23.03540 ? 217 THR A CA  1 
ATOM   26  C  C   . THR A 1 6  ? -4.36848  6.00969   -7.32780  1.000 22.64994 ? 217 THR A C   1 
ATOM   27  O  O   . THR A 1 6  ? -5.14232  6.20089   -6.37996  1.000 23.39568 ? 217 THR A O   1 
ATOM   28  C  CB  . THR A 1 6  ? -3.67227  7.94741   -8.76535  1.000 26.34646 ? 217 THR A CB  1 
ATOM   29  O  OG1 . THR A 1 6  ? -2.67247  8.95708   -8.94042  1.000 31.89291 ? 217 THR A OG1 1 
ATOM   30  C  CG2 . THR A 1 6  ? -5.00519  8.62917   -8.45014  1.000 28.11853 ? 217 THR A CG2 1 
ATOM   31  N  N   . ALA A 1 7  ? -4.45781  4.93565   -8.11342  1.000 20.53983 ? 218 ALA A N   1 
ATOM   32  C  CA  . ALA A 1 7  ? -5.46496  3.91336   -7.84935  1.000 17.57655 ? 218 ALA A CA  1 
ATOM   33  C  C   . ALA A 1 7  ? -5.24378  3.25198   -6.49525  1.000 19.45931 ? 218 ALA A C   1 
ATOM   34  O  O   . ALA A 1 7  ? -6.19987  3.02773   -5.74381  1.000 19.69148 ? 218 ALA A O   1 
ATOM   35  C  CB  . ALA A 1 7  ? -5.47325  2.87137   -8.97036  1.000 20.77466 ? 218 ALA A CB  1 
ATOM   36  N  N   . ILE A 1 8  ? -3.98963  2.93882   -6.15849  1.000 19.74645 ? 219 ILE A N   1 
ATOM   37  C  CA  . ILE A 1 8  ? -3.72823  2.30717   -4.86778  1.000 19.10262 ? 219 ILE A CA  1 
ATOM   38  C  C   . ILE A 1 8  ? -4.14559  3.22368   -3.72887  1.000 19.99563 ? 219 ILE A C   1 
ATOM   39  O  O   . ILE A 1 8  ? -4.76390  2.78244   -2.75194  1.000 20.58802 ? 219 ILE A O   1 
ATOM   40  C  CB  . ILE A 1 8  ? -2.25161  1.89266   -4.73576  1.000 20.21110 ? 219 ILE A CB  1 
ATOM   41  C  CG1 . ILE A 1 8  ? -1.92317  0.70852   -5.64438  1.000 21.07013 ? 219 ILE A CG1 1 
ATOM   42  C  CG2 . ILE A 1 8  ? -1.93409  1.52419   -3.27943  1.000 22.23418 ? 219 ILE A CG2 1 
ATOM   43  C  CD1 . ILE A 1 8  ? -0.40191  0.48449   -5.81384  1.000 22.50544 ? 219 ILE A CD1 1 
ATOM   44  N  N   . LEU A 1 9  ? -3.79397  4.50947   -3.81849  1.000 21.44637 ? 220 LEU A N   1 
ATOM   45  C  CA  . LEU A 1 9  ? -4.07947  5.41425   -2.71083  1.000 22.83260 ? 220 LEU A CA  1 
ATOM   46  C  C   . LEU A 1 9  ? -5.58438  5.55305   -2.49424  1.000 23.62476 ? 220 LEU A C   1 
ATOM   47  O  O   . LEU A 1 9  ? -6.04942  5.64299   -1.34892  1.000 24.01922 ? 220 LEU A O   1 
ATOM   48  C  CB  . LEU A 1 9  ? -3.42390  6.77423   -2.94875  1.000 25.28825 ? 220 LEU A CB  1 
ATOM   49  C  CG  . LEU A 1 9  ? -1.89515  6.80639   -3.00668  1.000 25.24558 ? 220 LEU A CG  1 
ATOM   50  C  CD1 . LEU A 1 9  ? -1.40996  8.22301   -3.27262  1.000 36.87873 ? 220 LEU A CD1 1 
ATOM   51  C  CD2 . LEU A 1 9  ? -1.29068  6.26165   -1.73927  1.000 28.18569 ? 220 LEU A CD2 1 
ATOM   52  N  N   . LEU A 1 10 ? -6.36147  5.55167   -3.58531  1.000 22.86352 ? 221 LEU A N   1 
ATOM   53  C  CA  . LEU A 1 10 ? -7.81610  5.56612   -3.46123  1.000 22.07395 ? 221 LEU A CA  1 
ATOM   54  C  C   . LEU A 1 10 ? -8.32577  4.28853   -2.80430  1.000 24.49864 ? 221 LEU A C   1 
ATOM   55  O  O   . LEU A 1 10 ? -9.19926  4.33951   -1.93263  1.000 22.83541 ? 221 LEU A O   1 
ATOM   56  C  CB  . LEU A 1 10 ? -8.47025  5.75852   -4.83141  1.000 20.80642 ? 221 LEU A CB  1 
ATOM   57  C  CG  . LEU A 1 10 ? -8.25864  7.09264   -5.53088  1.000 24.28706 ? 221 LEU A CG  1 
ATOM   58  C  CD1 . LEU A 1 10 ? -8.71135  6.96854   -6.96804  1.000 24.66386 ? 221 LEU A CD1 1 
ATOM   59  C  CD2 . LEU A 1 10 ? -9.04611  8.18976   -4.83214  1.000 33.06036 ? 221 LEU A CD2 1 
ATOM   60  N  N   . LEU A 1 11 ? -7.77970  3.13098   -3.19421  1.000 24.47915 ? 222 LEU A N   1 
ATOM   61  C  CA  . LEU A 1 11 ? -8.26277  1.87168   -2.63297  1.000 19.91444 ? 222 LEU A CA  1 
ATOM   62  C  C   . LEU A 1 11 ? -7.94158  1.74874   -1.14777  1.000 22.53775 ? 222 LEU A C   1 
ATOM   63  O  O   . LEU A 1 11 ? -8.67310  1.07285   -0.41317  1.000 22.53097 ? 222 LEU A O   1 
ATOM   64  C  CB  . LEU A 1 11 ? -7.70019  0.67775   -3.40932  1.000 20.22804 ? 222 LEU A CB  1 
ATOM   65  C  CG  . LEU A 1 11 ? -8.15850  0.55327   -4.87246  1.000 21.18318 ? 222 LEU A CG  1 
ATOM   66  C  CD1 . LEU A 1 11 ? -7.27485  -0.45355  -5.59740  1.000 22.11684 ? 222 LEU A CD1 1 
ATOM   67  C  CD2 . LEU A 1 11 ? -9.62401  0.15413   -4.95495  1.000 22.93685 ? 222 LEU A CD2 1 
ATOM   68  N  N   . LEU A 1 12 ? -6.87193  2.40539   -0.68744  1.000 21.19585 ? 223 LEU A N   1 
ATOM   69  C  CA  . LEU A 1 12 ? -6.51937  2.36403   0.73176   1.000 22.68490 ? 223 LEU A CA  1 
ATOM   70  C  C   . LEU A 1 12 ? -7.65494  2.88307   1.60454   1.000 27.33673 ? 223 LEU A C   1 
ATOM   71  O  O   . LEU A 1 12 ? -7.80631  2.44624   2.75050   1.000 27.83112 ? 223 LEU A O   1 
ATOM   72  C  CB  . LEU A 1 12 ? -5.24727  3.17782   0.97897   1.000 19.54902 ? 223 LEU A CB  1 
ATOM   73  C  CG  . LEU A 1 12 ? -3.91867  2.66803   0.42367   1.000 21.01795 ? 223 LEU A CG  1 
ATOM   74  C  CD1 . LEU A 1 12 ? -2.80944  3.66402   0.75414   1.000 27.96081 ? 223 LEU A CD1 1 
ATOM   75  C  CD2 . LEU A 1 12 ? -3.58318  1.27608   0.95183   1.000 28.19100 ? 223 LEU A CD2 1 
ATOM   76  N  N   . ARG A 1 13 ? -8.47393  3.80138   1.07752   1.000 25.55743 ? 224 ARG A N   1 
ATOM   77  C  CA  . ARG A 1 13 ? -9.61086  4.31462   1.83728   1.000 29.64767 ? 224 ARG A CA  1 
ATOM   78  C  C   . ARG A 1 13 ? -10.65887 3.24338   2.12190   1.000 32.27170 ? 224 ARG A C   1 
ATOM   79  O  O   . ARG A 1 13 ? -11.49980 3.43379   3.00883   1.000 32.73389 ? 224 ARG A O   1 
ATOM   80  C  CB  . ARG A 1 13 ? -10.22840 5.51706   1.10975   1.000 29.82951 ? 224 ARG A CB  1 
ATOM   81  C  CG  . ARG A 1 13 ? -9.21333  6.57552   0.65247   1.000 35.21604 ? 224 ARG A CG  1 
ATOM   82  C  CD  . ARG A 1 13 ? -9.89767  7.71145   -0.14018  1.000 48.65818 ? 224 ARG A CD  1 
ATOM   83  N  NE  . ARG A 1 13 ? -9.21463  9.00260   -0.13636  1.000 48.14187 ? 224 ARG A NE  1 
ATOM   84  C  CZ  . ARG A 1 13 ? -8.93530  9.72658   0.94050   1.000 55.56537 ? 224 ARG A CZ  1 
ATOM   85  N  NH1 . ARG A 1 13 ? -9.32459  9.35395   2.14999   1.000 58.40712 ? 224 ARG A NH1 1 
ATOM   86  N  NH2 . ARG A 1 13 ? -8.27233  10.87124  0.79598   1.000 45.66572 ? 224 ARG A NH2 1 
ATOM   87  N  N   . GLU A 1 14 ? -10.61509 2.11859   1.41452   1.000 26.25726 ? 225 GLU A N   1 
ATOM   88  C  CA  . GLU A 1 14 ? -11.59394 1.04818   1.55414   1.000 29.81245 ? 225 GLU A CA  1 
ATOM   89  C  C   . GLU A 1 14 ? -11.15006 -0.05675  2.49913   1.000 31.21217 ? 225 GLU A C   1 
ATOM   90  O  O   . GLU A 1 14 ? -11.93274 -0.97439  2.75976   1.000 35.00344 ? 225 GLU A O   1 
ATOM   91  C  CB  . GLU A 1 14 ? -11.90194 0.43510   0.18451   1.000 34.44380 ? 225 GLU A CB  1 
ATOM   92  C  CG  . GLU A 1 14 ? -12.49672 1.41073   -0.82278  1.000 40.67059 ? 225 GLU A CG  1 
ATOM   93  C  CD  . GLU A 1 14 ? -13.73223 2.11557   -0.29485  1.000 46.21565 ? 225 GLU A CD  1 
ATOM   94  O  OE1 . GLU A 1 14 ? -14.70487 1.41759   0.06468   1.000 47.02627 ? 225 GLU A OE1 1 
ATOM   95  O  OE2 . GLU A 1 14 ? -13.72950 3.36514   -0.23898  1.000 48.00655 ? 225 GLU A OE2 1 
ATOM   96  N  N   . LEU A 1 15 ? -9.92194  -0.00357  3.00705   1.000 27.61133 ? 226 LEU A N   1 
ATOM   97  C  CA  . LEU A 1 15 ? -9.37514  -1.09050  3.80789   1.000 27.14028 ? 226 LEU A CA  1 
ATOM   98  C  C   . LEU A 1 15 ? -9.74980  -0.94698  5.27710   1.000 28.24174 ? 226 LEU A C   1 
ATOM   99  O  O   . LEU A 1 15 ? -9.92774  0.16017   5.79056   1.000 37.23790 ? 226 LEU A O   1 
ATOM   100 C  CB  . LEU A 1 15 ? -7.85255  -1.11254  3.71297   1.000 30.16725 ? 226 LEU A CB  1 
ATOM   101 C  CG  . LEU A 1 15 ? -7.21385  -1.50898  2.38959   1.000 32.65524 ? 226 LEU A CG  1 
ATOM   102 C  CD1 . LEU A 1 15 ? -5.71508  -1.63686  2.59910   1.000 22.76836 ? 226 LEU A CD1 1 
ATOM   103 C  CD2 . LEU A 1 15 ? -7.81747  -2.80414  1.87337   1.000 31.94047 ? 226 LEU A CD2 1 
ATOM   104 N  N   . ASP A 1 16 ? -9.83669  -2.08589  5.95783   1.000 28.64302 ? 227 ASP A N   1 
ATOM   105 C  CA  . ASP A 1 16 ? -9.99659  -2.07933  7.40347   1.000 26.34770 ? 227 ASP A CA  1 
ATOM   106 C  C   . ASP A 1 16 ? -8.61578  -2.09311  8.05854   1.000 27.80016 ? 227 ASP A C   1 
ATOM   107 O  O   . ASP A 1 16 ? -7.58455  -2.12060  7.38340   1.000 25.87732 ? 227 ASP A O   1 
ATOM   108 C  CB  . ASP A 1 16 ? -10.88921 -3.23348  7.87720   1.000 31.95851 ? 227 ASP A CB  1 
ATOM   109 C  CG  . ASP A 1 16 ? -10.37462 -4.60757  7.46025   1.000 43.65546 ? 227 ASP A CG  1 
ATOM   110 O  OD1 . ASP A 1 16 ? -9.26070  -4.71359  6.89597   1.000 36.79661 ? 227 ASP A OD1 1 
ATOM   111 O  OD2 . ASP A 1 16 ? -11.10571 -5.59499  7.69992   1.000 46.83550 ? 227 ASP A OD2 1 
ATOM   112 N  N   . ALA A 1 17 ? -8.58723  -2.10130  9.39321   1.000 28.32639 ? 228 ALA A N   1 
ATOM   113 C  CA  . ALA A 1 17 ? -7.31564  -2.03527  10.10700  1.000 25.09203 ? 228 ALA A CA  1 
ATOM   114 C  C   . ALA A 1 17 ? -6.39761  -3.19503  9.73783   1.000 29.66958 ? 228 ALA A C   1 
ATOM   115 O  O   . ALA A 1 17 ? -5.18755  -3.00506  9.55557   1.000 27.30613 ? 228 ALA A O   1 
ATOM   116 C  CB  . ALA A 1 17 ? -7.57869  -2.02080  11.61415  1.000 24.00367 ? 228 ALA A CB  1 
ATOM   117 N  N   . GLU A 1 18 ? -6.94773  -4.40673  9.62910   1.000 27.06809 ? 229 GLU A N   1 
ATOM   118 C  CA  . GLU A 1 18 ? -6.10774  -5.56952  9.36288   1.000 28.91573 ? 229 GLU A CA  1 
ATOM   119 C  C   . GLU A 1 18 ? -5.52486  -5.48889  7.95585   1.000 27.65941 ? 229 GLU A C   1 
ATOM   120 O  O   . GLU A 1 18 ? -4.36112  -5.83821  7.73670   1.000 25.97931 ? 229 GLU A O   1 
ATOM   121 C  CB  . GLU A 1 18 ? -6.93806  -6.84455  9.52467   1.000 30.50267 ? 229 GLU A CB  1 
ATOM   122 C  CG  . GLU A 1 18 ? -6.20632  -8.19099  9.33175   1.000 47.23699 ? 229 GLU A CG  1 
ATOM   123 C  CD  . GLU A 1 18 ? -4.75789  -8.20506  9.82676   1.000 49.81585 ? 229 GLU A CD  1 
ATOM   124 O  OE1 . GLU A 1 18 ? -3.82058  -7.97322  9.03147   1.000 51.40535 ? 229 GLU A OE1 1 
ATOM   125 O  OE2 . GLU A 1 18 ? -4.55475  -8.45429  11.03778  1.000 55.05008 ? 229 GLU A OE2 1 
ATOM   126 N  N   . GLY A 1 19 ? -6.31423  -5.01210  6.99315   1.000 25.67123 ? 230 GLY A N   1 
ATOM   127 C  CA  . GLY A 1 19 ? -5.78558  -4.82129  5.65312   1.000 25.52482 ? 230 GLY A CA  1 
ATOM   128 C  C   . GLY A 1 19 ? -4.70412  -3.75983  5.60032   1.000 23.24379 ? 230 GLY A C   1 
ATOM   129 O  O   . GLY A 1 19 ? -3.69581  -3.92425  4.90556   1.000 22.25163 ? 230 GLY A O   1 
ATOM   130 N  N   . LEU A 1 20 ? -4.91205  -2.64042  6.30110   1.000 22.68670 ? 231 LEU A N   1 
ATOM   131 C  CA  . LEU A 1 20 ? -3.88417  -1.60286  6.35413   1.000 22.00648 ? 231 LEU A CA  1 
ATOM   132 C  C   . LEU A 1 20 ? -2.58753  -2.14050  6.94574   1.000 24.42106 ? 231 LEU A C   1 
ATOM   133 O  O   . LEU A 1 20 ? -1.49697  -1.80473  6.46929   1.000 23.87416 ? 231 LEU A O   1 
ATOM   134 C  CB  . LEU A 1 20 ? -4.37184  -0.39600  7.15872   1.000 25.59695 ? 231 LEU A CB  1 
ATOM   135 C  CG  . LEU A 1 20 ? -5.48395  0.45043   6.53456   1.000 26.35689 ? 231 LEU A CG  1 
ATOM   136 C  CD1 . LEU A 1 20 ? -6.03645  1.43413   7.55057   1.000 29.91848 ? 231 LEU A CD1 1 
ATOM   137 C  CD2 . LEU A 1 20 ? -4.95892  1.18411   5.30286   1.000 27.11336 ? 231 LEU A CD2 1 
ATOM   138 N  N   . GLU A 1 21 ? -2.68170  -2.97882  7.98453   1.000 24.20814 ? 232 GLU A N   1 
ATOM   139 C  CA  . GLU A 1 21 ? -1.47753  -3.53787  8.59266   1.000 24.33725 ? 232 GLU A CA  1 
ATOM   140 C  C   . GLU A 1 21 ? -0.75379  -4.47804  7.63778   1.000 24.18140 ? 232 GLU A C   1 
ATOM   141 O  O   . GLU A 1 21 ? 0.48205   -4.54135  7.64403   1.000 25.76291 ? 232 GLU A O   1 
ATOM   142 C  CB  . GLU A 1 21 ? -1.83479  -4.28401  9.87716   1.000 24.64395 ? 232 GLU A CB  1 
ATOM   143 C  CG  . GLU A 1 21 ? -2.05762  -3.38508  11.07880  1.000 31.25058 ? 232 GLU A CG  1 
ATOM   144 C  CD  . GLU A 1 21 ? -2.57789  -4.14980  12.28286  1.000 38.66015 ? 232 GLU A CD  1 
ATOM   145 O  OE1 . GLU A 1 21 ? -3.24825  -3.52657  13.13818  1.000 36.95149 ? 232 GLU A OE1 1 
ATOM   146 O  OE2 . GLU A 1 21 ? -2.31827  -5.37135  12.36639  1.000 32.18072 ? 232 GLU A OE2 1 
ATOM   147 N  N   . ALA A 1 22 ? -1.50515  -5.23453  6.83060   1.000 24.57237 ? 233 ALA A N   1 
ATOM   148 C  CA  . ALA A 1 22 ? -0.87860  -6.11446  5.84719   1.000 24.36850 ? 233 ALA A CA  1 
ATOM   149 C  C   . ALA A 1 22 ? -0.17293  -5.31475  4.75924   1.000 25.37177 ? 233 ALA A C   1 
ATOM   150 O  O   . ALA A 1 22 ? 0.91169   -5.70255  4.31291   1.000 24.87486 ? 233 ALA A O   1 
ATOM   151 C  CB  . ALA A 1 22 ? -1.90675  -7.07737  5.25199   1.000 22.49650 ? 233 ALA A CB  1 
ATOM   152 N  N   . VAL A 1 23 ? -0.76237  -4.19521  4.32518   1.000 21.60599 ? 234 VAL A N   1 
ATOM   153 C  CA  . VAL A 1 23 ? -0.08429  -3.33985  3.34836   1.000 20.90672 ? 234 VAL A CA  1 
ATOM   154 C  C   . VAL A 1 23 ? 1.16622   -2.73276  3.96537   1.000 22.88054 ? 234 VAL A C   1 
ATOM   155 O  O   . VAL A 1 23 ? 2.23115   -2.69353  3.33812   1.000 23.92264 ? 234 VAL A O   1 
ATOM   156 C  CB  . VAL A 1 23 ? -1.03575  -2.24960  2.81534   1.000 20.58080 ? 234 VAL A CB  1 
ATOM   157 C  CG1 . VAL A 1 23 ? -0.26745  -1.26248  1.90525   1.000 21.44431 ? 234 VAL A CG1 1 
ATOM   158 C  CG2 . VAL A 1 23 ? -2.20593  -2.87204  2.05365   1.000 21.82549 ? 234 VAL A CG2 1 
ATOM   159 N  N   . GLN A 1 24 ? 1.05592   -2.26252  5.21020   1.000 22.38212 ? 235 GLN A N   1 
ATOM   160 C  CA  . GLN A 1 24 ? 2.19981   -1.69282  5.91271   1.000 23.55054 ? 235 GLN A CA  1 
ATOM   161 C  C   . GLN A 1 24 ? 3.35353   -2.68481  5.96520   1.000 25.27735 ? 235 GLN A C   1 
ATOM   162 O  O   . GLN A 1 24 ? 4.51283   -2.33121  5.71153   1.000 25.35359 ? 235 GLN A O   1 
ATOM   163 C  CB  . GLN A 1 24 ? 1.78310   -1.32128  7.33600   1.000 28.04584 ? 235 GLN A CB  1 
ATOM   164 C  CG  . GLN A 1 24 ? 2.75285   -0.37963  8.02991   1.000 36.71378 ? 235 GLN A CG  1 
ATOM   165 C  CD  . GLN A 1 24 ? 2.25924   0.04188   9.39516   1.000 39.68584 ? 235 GLN A CD  1 
ATOM   166 O  OE1 . GLN A 1 24 ? 1.94882   -0.80044  10.24364  1.000 41.29153 ? 235 GLN A OE1 1 
ATOM   167 N  NE2 . GLN A 1 24 ? 2.15191   1.34933   9.60753   1.000 44.65449 ? 235 GLN A NE2 1 
ATOM   168 N  N   . GLN A 1 25 ? 3.05565   -3.94224  6.29561   1.000 25.15322 ? 236 GLN A N   1 
ATOM   169 C  CA  . GLN A 1 25 ? 4.11817   -4.93538  6.43356   1.000 24.36521 ? 236 GLN A CA  1 
ATOM   170 C  C   . GLN A 1 25 ? 4.73062   -5.28481  5.07957   1.000 27.59065 ? 236 GLN A C   1 
ATOM   171 O  O   . GLN A 1 25 ? 5.95215   -5.45716  4.96841   1.000 29.75103 ? 236 GLN A O   1 
ATOM   172 C  CB  . GLN A 1 25 ? 3.55976   -6.17471  7.12810   1.000 28.86862 ? 236 GLN A CB  1 
ATOM   173 C  CG  . GLN A 1 25 ? 4.41827   -7.42339  7.03900   1.000 35.73125 ? 236 GLN A CG  1 
ATOM   174 C  CD  . GLN A 1 25 ? 3.64482   -8.67114  7.43047   1.000 41.09231 ? 236 GLN A CD  1 
ATOM   175 O  OE1 . GLN A 1 25 ? 3.83423   -9.21354  8.51870   1.000 47.11231 ? 236 GLN A OE1 1 
ATOM   176 N  NE2 . GLN A 1 25 ? 2.77145   -9.13643  6.53798   1.000 39.81759 ? 236 GLN A NE2 1 
ATOM   177 N  N   . THR A 1 26 ? 3.90369   -5.35843  4.03309   1.000 23.78623 ? 237 THR A N   1 
ATOM   178 C  CA  . THR A 1 26 ? 4.39979   -5.70247  2.70355   1.000 26.77988 ? 237 THR A CA  1 
ATOM   179 C  C   . THR A 1 26 ? 5.27203   -4.58919  2.13949   1.000 27.15209 ? 237 THR A C   1 
ATOM   180 O  O   . THR A 1 26 ? 6.35484   -4.84420  1.59611   1.000 28.02203 ? 237 THR A O   1 
ATOM   181 C  CB  . THR A 1 26 ? 3.21486   -5.98033  1.77744   1.000 25.11711 ? 237 THR A CB  1 
ATOM   182 O  OG1 . THR A 1 26 ? 2.43475   -7.06178  2.30545   1.000 27.90050 ? 237 THR A OG1 1 
ATOM   183 C  CG2 . THR A 1 26 ? 3.69456   -6.31553  0.35961   1.000 25.75533 ? 237 THR A CG2 1 
ATOM   184 N  N   . VAL A 1 27 ? 4.80514   -3.34386  2.23805   1.000 24.54586 ? 238 VAL A N   1 
ATOM   185 C  CA  . VAL A 1 27 ? 5.57737   -2.21979  1.71244   1.000 23.75294 ? 238 VAL A CA  1 
ATOM   186 C  C   . VAL A 1 27 ? 6.89122   -2.07994  2.47275   1.000 30.93793 ? 238 VAL A C   1 
ATOM   187 O  O   . VAL A 1 27 ? 7.95016   -1.82780  1.87894   1.000 27.77391 ? 238 VAL A O   1 
ATOM   188 C  CB  . VAL A 1 27 ? 4.73458   -0.93054  1.75934   1.000 24.30017 ? 238 VAL A CB  1 
ATOM   189 C  CG1 . VAL A 1 27 ? 5.60920   0.29950   1.56640   1.000 30.24028 ? 238 VAL A CG1 1 
ATOM   190 C  CG2 . VAL A 1 27 ? 3.61990   -0.97509  0.71478   1.000 24.03194 ? 238 VAL A CG2 1 
ATOM   191 N  N   . GLY A 1 28 ? 6.84984   -2.25758  3.79362   1.000 25.71653 ? 239 GLY A N   1 
ATOM   192 C  CA  . GLY A 1 28 ? 8.07263   -2.16834  4.57614   1.000 31.29904 ? 239 GLY A CA  1 
ATOM   193 C  C   . GLY A 1 28 ? 9.09487   -3.21242  4.17303   1.000 34.41155 ? 239 GLY A C   1 
ATOM   194 O  O   . GLY A 1 28 ? 10.29609  -2.93585  4.12971   1.000 29.65375 ? 239 GLY A O   1 
ATOM   195 N  N   . SER A 1 29 ? 8.63151   -4.42118  3.85123   1.000 29.65680 ? 240 SER A N   1 
ATOM   196 C  CA  . SER A 1 29 ? 9.54515   -5.46526  3.40083   1.000 35.02525 ? 240 SER A CA  1 
ATOM   197 C  C   . SER A 1 29 ? 10.11591  -5.14574  2.01973   1.000 34.32127 ? 240 SER A C   1 
ATOM   198 O  O   . SER A 1 29 ? 11.28073  -5.45568  1.73553   1.000 38.97852 ? 240 SER A O   1 
ATOM   199 C  CB  . SER A 1 29 ? 8.83143   -6.81864  3.41244   1.000 42.69499 ? 240 SER A CB  1 
ATOM   200 O  OG  . SER A 1 29 ? 9.56277   -7.78903  2.68577   1.000 49.90480 ? 240 SER A OG  1 
ATOM   201 N  N   . ARG A 1 30 ? 9.31801   -4.52105  1.15035   1.000 35.29113 ? 241 ARG A N   1 
ATOM   202 C  CA  . ARG A 1 30 ? 9.82577   -4.12626  -0.16150  1.000 38.26633 ? 241 ARG A CA  1 
ATOM   203 C  C   . ARG A 1 30 ? 10.82568  -2.98235  -0.04123  1.000 40.67182 ? 241 ARG A C   1 
ATOM   204 O  O   . ARG A 1 30 ? 11.83071  -2.94859  -0.76196  1.000 39.77147 ? 241 ARG A O   1 
ATOM   205 C  CB  . ARG A 1 30 ? 8.66943   -3.70233  -1.06618  1.000 39.04345 ? 241 ARG A CB  1 
ATOM   206 C  CG  . ARG A 1 30 ? 7.93893   -4.84075  -1.76127  1.000 44.82465 ? 241 ARG A CG  1 
ATOM   207 C  CD  . ARG A 1 30 ? 8.45964   -5.11640  -3.17740  1.000 43.84182 ? 241 ARG A CD  1 
ATOM   208 N  NE  . ARG A 1 30 ? 8.90392   -3.93031  -3.90402  1.000 39.80008 ? 241 ARG A NE  1 
ATOM   209 C  CZ  . ARG A 1 30 ? 8.26131   -3.39623  -4.93631  1.000 48.86627 ? 241 ARG A CZ  1 
ATOM   210 N  NH1 . ARG A 1 30 ? 7.05822   -3.81540  -5.29271  1.000 41.60627 ? 241 ARG A NH1 1 
ATOM   211 N  NH2 . ARG A 1 30 ? 8.83460   -2.40764  -5.61995  1.000 45.08856 ? 241 ARG A NH2 1 
ATOM   212 N  N   . LEU A 1 31 ? 10.55617  -2.02752  0.85364   1.000 30.88258 ? 242 LEU A N   1 
ATOM   213 C  CA  . LEU A 1 31 ? 11.42971  -0.86576  1.00112   1.000 28.17882 ? 242 LEU A CA  1 
ATOM   214 C  C   . LEU A 1 31 ? 12.75357  -1.22888  1.66231   1.000 34.08856 ? 242 LEU A C   1 
ATOM   215 O  O   . LEU A 1 31 ? 13.79711  -0.67917  1.29876   1.000 32.30392 ? 242 LEU A O   1 
ATOM   216 C  CB  . LEU A 1 31 ? 10.71940  0.23239   1.79357   1.000 30.23554 ? 242 LEU A CB  1 
ATOM   217 C  CG  . LEU A 1 31 ? 9.69803   1.06912   1.01412   1.000 26.35946 ? 242 LEU A CG  1 
ATOM   218 C  CD1 . LEU A 1 31 ? 8.81907   1.87183   1.95938   1.000 33.89377 ? 242 LEU A CD1 1 
ATOM   219 C  CD2 . LEU A 1 31 ? 10.44627  1.99715   0.06367   1.000 29.35324 ? 242 LEU A CD2 1 
ATOM   220 N  N   . GLN A 1 32 ? 12.73212  -2.13658  2.64205   1.000 30.04164 ? 243 GLN A N   1 
ATOM   221 C  CA  . GLN A 1 32 ? 13.93543  -2.47534  3.39500   1.000 34.71373 ? 243 GLN A CA  1 
ATOM   222 C  C   . GLN A 1 32 ? 14.89670  -3.36947  2.62186   1.000 46.55697 ? 243 GLN A C   1 
ATOM   223 O  O   . GLN A 1 32 ? 16.08143  -3.42788  2.97289   1.000 47.04478 ? 243 GLN A O   1 
ATOM   224 C  CB  . GLN A 1 32 ? 13.54887  -3.10640  4.73680   1.000 33.59268 ? 243 GLN A CB  1 
ATOM   225 C  CG  . GLN A 1 32 ? 13.34682  -4.61447  4.69583   1.000 47.82111 ? 243 GLN A CG  1 
ATOM   226 C  CD  . GLN A 1 32 ? 12.82235  -5.16443  6.01236   1.000 54.01639 ? 243 GLN A CD  1 
ATOM   227 O  OE1 . GLN A 1 32 ? 12.87755  -4.49166  7.04427   1.000 60.39542 ? 243 GLN A OE1 1 
ATOM   228 N  NE2 . GLN A 1 32 ? 12.31764  -6.39649  5.98475   1.000 47.52283 ? 243 GLN A NE2 1 
ATOM   229 N  N   . ALA A 1 33 ? 14.42951  -4.05072  1.58049   1.000 43.51490 ? 244 ALA A N   1 
ATOM   230 C  CA  . ALA A 1 33 ? 15.29953  -4.92843  0.80397   1.000 57.23984 ? 244 ALA A CA  1 
ATOM   231 C  C   . ALA A 1 33 ? 15.57601  -4.35305  -0.58188  1.000 50.88150 ? 244 ALA A C   1 
ATOM   232 O  O   . ALA A 1 33 ? 15.27546  -4.98106  -1.59872  1.000 61.43236 ? 244 ALA A O   1 
ATOM   233 C  CB  . ALA A 1 33 ? 14.69590  -6.32314  0.69783   1.000 51.67259 ? 244 ALA A CB  1 
ATOM   234 N  N   . ASN B 1 3  ? -11.37842 -8.39372  -1.37459  1.000 45.72971 ? 214 ASN B N   1 
ATOM   235 C  CA  . ASN B 1 3  ? -10.80789 -8.34154  -2.71541  1.000 37.92012 ? 214 ASN B CA  1 
ATOM   236 C  C   . ASN B 1 3  ? -9.91062  -7.13108  -2.90664  1.000 28.28425 ? 214 ASN B C   1 
ATOM   237 O  O   . ASN B 1 3  ? -8.98281  -7.15699  -3.73734  1.000 24.12364 ? 214 ASN B O   1 
ATOM   238 C  CB  . ASN B 1 3  ? -11.91228 -8.30783  -3.75858  1.000 40.15957 ? 214 ASN B CB  1 
ATOM   239 C  CG  . ASN B 1 3  ? -12.17122 -9.65907  -4.36991  1.000 43.75560 ? 214 ASN B CG  1 
ATOM   240 O  OD1 . ASN B 1 3  ? -11.64914 -10.68351 -3.92309  1.000 43.68248 ? 214 ASN B OD1 1 
ATOM   241 N  ND2 . ASN B 1 3  ? -12.96098 -9.66527  -5.42367  1.000 49.71286 ? 214 ASN B ND2 1 
ATOM   242 N  N   . VAL B 1 4  ? -10.21634 -6.05992  -2.16989  1.000 31.36459 ? 215 VAL B N   1 
ATOM   243 C  CA  . VAL B 1 4  ? -9.44939  -4.82338  -2.29259  1.000 25.16974 ? 215 VAL B CA  1 
ATOM   244 C  C   . VAL B 1 4  ? -8.02053  -5.01920  -1.79994  1.000 24.31352 ? 215 VAL B C   1 
ATOM   245 O  O   . VAL B 1 4  ? -7.07379  -4.53354  -2.42303  1.000 21.47382 ? 215 VAL B O   1 
ATOM   246 C  CB  . VAL B 1 4  ? -10.15592 -3.65535  -1.58092  1.000 26.41601 ? 215 VAL B CB  1 
ATOM   247 C  CG1 . VAL B 1 4  ? -9.26493  -2.42848  -1.55154  1.000 29.89083 ? 215 VAL B CG1 1 
ATOM   248 C  CG2 . VAL B 1 4  ? -11.48578 -3.34753  -2.25602  1.000 29.55406 ? 215 VAL B CG2 1 
ATOM   249 N  N   . LEU B 1 5  ? -7.83343  -5.72496  -0.67673  1.000 24.35210 ? 216 LEU B N   1 
ATOM   250 C  CA  . LEU B 1 5  ? -6.47986  -5.96481  -0.18234  1.000 23.15990 ? 216 LEU B CA  1 
ATOM   251 C  C   . LEU B 1 5  ? -5.64728  -6.72818  -1.20793  1.000 20.33017 ? 216 LEU B C   1 
ATOM   252 O  O   . LEU B 1 5  ? -4.51116  -6.34056  -1.52400  1.000 20.58314 ? 216 LEU B O   1 
ATOM   253 C  CB  . LEU B 1 5  ? -6.53729  -6.72433  1.14902   1.000 28.00839 ? 216 LEU B CB  1 
ATOM   254 C  CG  . LEU B 1 5  ? -5.18254  -7.11785  1.73850   1.000 27.13281 ? 216 LEU B CG  1 
ATOM   255 C  CD1 . LEU B 1 5  ? -4.28079  -5.89929  1.90268   1.000 25.45914 ? 216 LEU B CD1 1 
ATOM   256 C  CD2 . LEU B 1 5  ? -5.33744  -7.85773  3.07212   1.000 28.91660 ? 216 LEU B CD2 1 
ATOM   257 N  N   . THR B 1 6  ? -6.19887  -7.82410  -1.73826  1.000 22.76880 ? 217 THR B N   1 
ATOM   258 C  CA  . THR B 1 6  ? -5.47896  -8.61290  -2.72944  1.000 24.09609 ? 217 THR B CA  1 
ATOM   259 C  C   . THR B 1 6  ? -5.10841  -7.75554  -3.93470  1.000 18.55702 ? 217 THR B C   1 
ATOM   260 O  O   . THR B 1 6  ? -3.96446  -7.77935  -4.41035  1.000 23.31664 ? 217 THR B O   1 
ATOM   261 C  CB  . THR B 1 6  ? -6.33945  -9.80236  -3.16445  1.000 26.67085 ? 217 THR B CB  1 
ATOM   262 O  OG1 . THR B 1 6  ? -6.69113  -10.59448 -2.02160  1.000 27.97801 ? 217 THR B OG1 1 
ATOM   263 C  CG2 . THR B 1 6  ? -5.57574  -10.65965 -4.14552  1.000 28.32219 ? 217 THR B CG2 1 
ATOM   264 N  N   . ALA B 1 7  ? -6.06730  -6.97187  -4.43916  1.000 19.08771 ? 218 ALA B N   1 
ATOM   265 C  CA  . ALA B 1 7  ? -5.78028  -6.11109  -5.58266  1.000 17.15650 ? 218 ALA B CA  1 
ATOM   266 C  C   . ALA B 1 7  ? -4.63449  -5.14417  -5.28297  1.000 19.79004 ? 218 ALA B C   1 
ATOM   267 O  O   . ALA B 1 7  ? -3.72980  -4.97199  -6.10457  1.000 20.15650 ? 218 ALA B O   1 
ATOM   268 C  CB  . ALA B 1 7  ? -7.04365  -5.35493  -6.01242  1.000 18.30264 ? 218 ALA B CB  1 
ATOM   269 N  N   . ILE B 1 8  ? -4.66205  -4.49756  -4.11148  1.000 18.64323 ? 219 ILE B N   1 
ATOM   270 C  CA  . ILE B 1 8  ? -3.59839  -3.56839  -3.72611  1.000 17.32908 ? 219 ILE B CA  1 
ATOM   271 C  C   . ILE B 1 8  ? -2.24926  -4.27833  -3.69492  1.000 18.77130 ? 219 ILE B C   1 
ATOM   272 O  O   . ILE B 1 8  ? -1.25500  -3.77509  -4.22814  1.000 20.41665 ? 219 ILE B O   1 
ATOM   273 C  CB  . ILE B 1 8  ? -3.91041  -2.90213  -2.37187  1.000 17.72302 ? 219 ILE B CB  1 
ATOM   274 C  CG1 . ILE B 1 8  ? -5.09656  -1.93345  -2.49128  1.000 17.38345 ? 219 ILE B CG1 1 
ATOM   275 C  CG2 . ILE B 1 8  ? -2.67965  -2.15718  -1.84272  1.000 21.15991 ? 219 ILE B CG2 1 
ATOM   276 C  CD1 . ILE B 1 8  ? -5.63950  -1.51339  -1.11896  1.000 21.06118 ? 219 ILE B CD1 1 
ATOM   277 N  N   . LEU B 1 9  ? -2.19198  -5.45006  -3.05536  1.000 21.25231 ? 220 LEU B N   1 
ATOM   278 C  CA  . LEU B 1 9  ? -0.91492  -6.14784  -2.92460  1.000 20.65523 ? 220 LEU B CA  1 
ATOM   279 C  C   . LEU B 1 9  ? -0.38047  -6.58079  -4.28402  1.000 28.64964 ? 220 LEU B C   1 
ATOM   280 O  O   . LEU B 1 9  ? 0.83332   -6.53923  -4.52949  1.000 27.26361 ? 220 LEU B O   1 
ATOM   281 C  CB  . LEU B 1 9  ? -1.08681  -7.34879  -1.99335  1.000 20.25087 ? 220 LEU B CB  1 
ATOM   282 C  CG  . LEU B 1 9  ? -1.30602  -7.01372  -0.51277  1.000 24.16019 ? 220 LEU B CG  1 
ATOM   283 C  CD1 . LEU B 1 9  ? -1.07226  -8.25895  0.32638   1.000 33.09071 ? 220 LEU B CD1 1 
ATOM   284 C  CD2 . LEU B 1 9  ? -0.41084  -5.88409  -0.01792  1.000 25.25000 ? 220 LEU B CD2 1 
ATOM   285 N  N   . LEU B 1 10 ? -1.27866  -6.98415  -5.18564  1.000 23.55090 ? 221 LEU B N   1 
ATOM   286 C  CA  . LEU B 1 10 ? -0.88495  -7.32270  -6.54671  1.000 25.55773 ? 221 LEU B CA  1 
ATOM   287 C  C   . LEU B 1 10 ? -0.32208  -6.09327  -7.25560  1.000 24.33953 ? 221 LEU B C   1 
ATOM   288 O  O   . LEU B 1 10 ? 0.68925   -6.17913  -7.96584  1.000 30.79548 ? 221 LEU B O   1 
ATOM   289 C  CB  . LEU B 1 10 ? -2.13283  -7.81002  -7.29369  1.000 27.12715 ? 221 LEU B CB  1 
ATOM   290 C  CG  . LEU B 1 10 ? -2.42721  -9.30988  -7.21477  1.000 30.05715 ? 221 LEU B CG  1 
ATOM   291 C  CD1 . LEU B 1 10 ? -3.80319  -9.64229  -7.75542  1.000 30.45824 ? 221 LEU B CD1 1 
ATOM   292 C  CD2 . LEU B 1 10 ? -1.37801  -10.17384 -7.86688  1.000 42.51749 ? 221 LEU B CD2 1 
ATOM   293 N  N   . LEU B 1 11 ? -0.96268  -4.92909  -7.06380  1.000 23.13981 ? 222 LEU B N   1 
ATOM   294 C  CA  . LEU B 1 11 ? -0.57282  -3.69918  -7.75110  1.000 23.85221 ? 222 LEU B CA  1 
ATOM   295 C  C   . LEU B 1 11 ? 0.74206   -3.11128  -7.23146  1.000 24.73154 ? 222 LEU B C   1 
ATOM   296 O  O   . LEU B 1 11 ? 1.37296   -2.31289  -7.93742  1.000 22.66493 ? 222 LEU B O   1 
ATOM   297 C  CB  . LEU B 1 11 ? -1.69700  -2.65838  -7.64041  1.000 21.83675 ? 222 LEU B CB  1 
ATOM   298 C  CG  . LEU B 1 11 ? -2.96581  -2.94991  -8.44982  1.000 20.64482 ? 222 LEU B CG  1 
ATOM   299 C  CD1 . LEU B 1 11 ? -4.09265  -2.03668  -8.00546  1.000 19.29517 ? 222 LEU B CD1 1 
ATOM   300 C  CD2 . LEU B 1 11 ? -2.70212  -2.78702  -9.95331  1.000 23.47999 ? 222 LEU B CD2 1 
ATOM   301 N  N   . LEU B 1 12 ? 1.16537   -3.47918  -6.01605  1.000 23.09557 ? 223 LEU B N   1 
ATOM   302 C  CA  . LEU B 1 12 ? 2.36457   -2.88553  -5.43253  1.000 20.90902 ? 223 LEU B CA  1 
ATOM   303 C  C   . LEU B 1 12 ? 3.61237   -3.14876  -6.26407  1.000 23.33516 ? 223 LEU B C   1 
ATOM   304 O  O   . LEU B 1 12 ? 4.56992   -2.37691  -6.19899  1.000 24.81716 ? 223 LEU B O   1 
ATOM   305 C  CB  . LEU B 1 12 ? 2.58809   -3.41814  -4.01304  1.000 19.79263 ? 223 LEU B CB  1 
ATOM   306 C  CG  . LEU B 1 12 ? 1.65454   -2.90656  -2.92250  1.000 21.92029 ? 223 LEU B CG  1 
ATOM   307 C  CD1 . LEU B 1 12 ? 2.05626   -3.55685  -1.59761  1.000 23.92346 ? 223 LEU B CD1 1 
ATOM   308 C  CD2 . LEU B 1 12 ? 1.74064   -1.40073  -2.81941  1.000 24.65191 ? 223 LEU B CD2 1 
ATOM   309 N  N   . ARG B 1 13 ? 3.64480   -4.20041  -7.05266  1.000 24.76737 ? 224 ARG B N   1 
ATOM   310 C  CA  . ARG B 1 13 ? 4.90572   -4.42164  -7.74208  1.000 35.77216 ? 224 ARG B CA  1 
ATOM   311 C  C   . ARG B 1 13 ? 5.03830   -3.67851  -9.05546  1.000 35.84548 ? 224 ARG B C   1 
ATOM   312 O  O   . ARG B 1 13 ? 6.10702   -3.74058  -9.67003  1.000 31.88199 ? 224 ARG B O   1 
ATOM   313 C  CB  . ARG B 1 13 ? 5.24117   -5.88986  -7.79800  1.000 51.20767 ? 224 ARG B CB  1 
ATOM   314 C  CG  . ARG B 1 13 ? 4.11255   -6.71642  -8.22990  1.000 46.43143 ? 224 ARG B CG  1 
ATOM   315 C  CD  . ARG B 1 13 ? 4.11813   -7.72809  -7.15449  1.000 56.30233 ? 224 ARG B CD  1 
ATOM   316 N  NE  . ARG B 1 13 ? 3.62574   -9.04023  -7.49940  1.000 56.33763 ? 224 ARG B NE  1 
ATOM   317 C  CZ  . ARG B 1 13 ? 3.73999   -10.06570 -6.67803  1.000 62.62160 ? 224 ARG B CZ  1 
ATOM   318 N  NH1 . ARG B 1 13 ? 4.35761   -9.94138  -5.51190  1.000 52.86711 ? 224 ARG B NH1 1 
ATOM   319 N  NH2 . ARG B 1 13 ? 3.21483   -11.23384 -7.02487  1.000 62.10862 ? 224 ARG B NH2 1 
ATOM   320 N  N   . GLU B 1 14 ? 4.00486   -2.93702  -9.45578  1.000 26.92418 ? 225 GLU B N   1 
ATOM   321 C  CA  . GLU B 1 14 ? 4.15008   -1.88714  -10.45874 1.000 26.81113 ? 225 GLU B CA  1 
ATOM   322 C  C   . GLU B 1 14 ? 4.82814   -0.63913  -9.90970  1.000 32.54276 ? 225 GLU B C   1 
ATOM   323 O  O   . GLU B 1 14 ? 5.17799   0.24631   -10.69443 1.000 31.23573 ? 225 GLU B O   1 
ATOM   324 C  CB  . GLU B 1 14 ? 2.78070   -1.49417  -11.02656 1.000 28.68336 ? 225 GLU B CB  1 
ATOM   325 C  CG  . GLU B 1 14 ? 1.89715   -2.64784  -11.46589 1.000 34.40230 ? 225 GLU B CG  1 
ATOM   326 C  CD  . GLU B 1 14 ? 2.54250   -3.47048  -12.56227 1.000 43.06380 ? 225 GLU B CD  1 
ATOM   327 O  OE1 . GLU B 1 14 ? 2.34518   -4.70126  -12.58634 1.000 44.23234 ? 225 GLU B OE1 1 
ATOM   328 O  OE2 . GLU B 1 14 ? 3.23150   -2.87946  -13.42086 1.000 49.89319 ? 225 GLU B OE2 1 
ATOM   329 N  N   . LEU B 1 15 ? 5.01423   -0.54093  -8.59842  1.000 27.02414 ? 226 LEU B N   1 
ATOM   330 C  CA  . LEU B 1 15 ? 5.58144   0.65151   -7.98938  1.000 24.83043 ? 226 LEU B CA  1 
ATOM   331 C  C   . LEU B 1 15 ? 7.08152   0.49470   -7.79188  1.000 26.57814 ? 226 LEU B C   1 
ATOM   332 O  O   . LEU B 1 15 ? 7.59501   -0.61484  -7.61314  1.000 30.82787 ? 226 LEU B O   1 
ATOM   333 C  CB  . LEU B 1 15 ? 4.94871   0.92297   -6.62314  1.000 23.08939 ? 226 LEU B CB  1 
ATOM   334 C  CG  . LEU B 1 15 ? 3.47474   1.31215   -6.57222  1.000 23.39745 ? 226 LEU B CG  1 
ATOM   335 C  CD1 . LEU B 1 15 ? 3.09750   1.70136   -5.13858  1.000 24.79863 ? 226 LEU B CD1 1 
ATOM   336 C  CD2 . LEU B 1 15 ? 3.19218   2.44659   -7.54543  1.000 24.35984 ? 226 LEU B CD2 1 
ATOM   337 N  N   . ASP B 1 16 ? 7.77912   1.62592   -7.81302  1.000 25.20379 ? 227 ASP B N   1 
ATOM   338 C  CA  . ASP B 1 16 ? 9.17764   1.68726   -7.42291  1.000 29.54313 ? 227 ASP B CA  1 
ATOM   339 C  C   . ASP B 1 16 ? 9.27777   2.31846   -6.03162  1.000 31.03029 ? 227 ASP B C   1 
ATOM   340 O  O   . ASP B 1 16 ? 8.26637   2.55289   -5.36196  1.000 23.59399 ? 227 ASP B O   1 
ATOM   341 C  CB  . ASP B 1 16 ? 10.00096  2.39704   -8.50274  1.000 34.42468 ? 227 ASP B CB  1 
ATOM   342 C  CG  . ASP B 1 16 ? 10.09809  1.58464   -9.79237  1.000 42.75129 ? 227 ASP B CG  1 
ATOM   343 O  OD1 . ASP B 1 16 ? 9.97411   0.34109   -9.73284  1.000 45.59004 ? 227 ASP B OD1 1 
ATOM   344 O  OD2 . ASP B 1 16 ? 10.29007  2.19061   -10.86622 1.000 55.27940 ? 227 ASP B OD2 1 
ATOM   345 N  N   . ALA B 1 17 ? 10.50716  2.58747   -5.58130  1.000 26.83479 ? 228 ALA B N   1 
ATOM   346 C  CA  . ALA B 1 17 ? 10.72197  3.02768   -4.20424  1.000 29.62417 ? 228 ALA B CA  1 
ATOM   347 C  C   . ALA B 1 17 ? 9.88892   4.25210   -3.84464  1.000 32.87321 ? 228 ALA B C   1 
ATOM   348 O  O   . ALA B 1 17 ? 9.30541   4.31493   -2.75456  1.000 27.08339 ? 228 ALA B O   1 
ATOM   349 C  CB  . ALA B 1 17 ? 12.20655  3.30867   -3.97080  1.000 29.25221 ? 228 ALA B CB  1 
ATOM   350 N  N   . GLU B 1 18 ? 9.81735   5.23494   -4.74728  1.000 28.80263 ? 229 GLU B N   1 
ATOM   351 C  CA  . GLU B 1 18 ? 9.11009   6.47199   -4.43135  1.000 32.83533 ? 229 GLU B CA  1 
ATOM   352 C  C   . GLU B 1 18 ? 7.62101   6.22512   -4.22586  1.000 28.67122 ? 229 GLU B C   1 
ATOM   353 O  O   . GLU B 1 18 ? 7.01643   6.78093   -3.30020  1.000 27.79357 ? 229 GLU B O   1 
ATOM   354 C  CB  . GLU B 1 18 ? 9.34239   7.50924   -5.52891  1.000 31.42545 ? 229 GLU B CB  1 
ATOM   355 C  CG  . GLU B 1 18 ? 10.65832  8.26181   -5.37910  1.000 51.14760 ? 229 GLU B CG  1 
ATOM   356 C  CD  . GLU B 1 18 ? 10.51566  9.75275   -5.61662  1.000 65.22537 ? 229 GLU B CD  1 
ATOM   357 O  OE1 . GLU B 1 18 ? 9.54171   10.16029  -6.28839  1.000 69.62772 ? 229 GLU B OE1 1 
ATOM   358 O  OE2 . GLU B 1 18 ? 11.38356  10.51474  -5.13601  1.000 61.85857 ? 229 GLU B OE2 1 
ATOM   359 N  N   . GLY B 1 19 ? 7.01314   5.39789   -5.07653  1.000 26.47197 ? 230 GLY B N   1 
ATOM   360 C  CA  . GLY B 1 19 ? 5.60200   5.09168   -4.90288  1.000 26.12925 ? 230 GLY B CA  1 
ATOM   361 C  C   . GLY B 1 19 ? 5.33994   4.27769   -3.65041  1.000 24.56140 ? 230 GLY B C   1 
ATOM   362 O  O   . GLY B 1 19 ? 4.31872   4.46110   -2.97921  1.000 21.76208 ? 230 GLY B O   1 
ATOM   363 N  N   . LEU B 1 20 ? 6.25230   3.36233   -3.32027  1.000 23.48331 ? 231 LEU B N   1 
ATOM   364 C  CA  . LEU B 1 20 ? 6.09493   2.58343   -2.09547  1.000 20.37225 ? 231 LEU B CA  1 
ATOM   365 C  C   . LEU B 1 20 ? 6.14885   3.48040   -0.86507  1.000 24.59353 ? 231 LEU B C   1 
ATOM   366 O  O   . LEU B 1 20 ? 5.38699   3.28186   0.08914   1.000 24.12041 ? 231 LEU B O   1 
ATOM   367 C  CB  . LEU B 1 20 ? 7.17432   1.50191   -2.02866  1.000 21.97614 ? 231 LEU B CB  1 
ATOM   368 C  CG  . LEU B 1 20 ? 7.05441   0.34081   -3.01722  1.000 23.22875 ? 231 LEU B CG  1 
ATOM   369 C  CD1 . LEU B 1 20 ? 8.35499   -0.45174  -3.03770  1.000 28.04573 ? 231 LEU B CD1 1 
ATOM   370 C  CD2 . LEU B 1 20 ? 5.87907   -0.55956  -2.67884  1.000 26.94385 ? 231 LEU B CD2 1 
ATOM   371 N  N   . GLU B 1 21 ? 7.04746   4.47125   -0.86061  1.000 24.15436 ? 232 GLU B N   1 
ATOM   372 C  CA  . GLU B 1 21 ? 7.11166   5.40180   0.26294   1.000 29.25457 ? 232 GLU B CA  1 
ATOM   373 C  C   . GLU B 1 21 ? 5.82024   6.19940   0.39606   1.000 31.03205 ? 232 GLU B C   1 
ATOM   374 O  O   . GLU B 1 21 ? 5.36326   6.47491   1.51237   1.000 29.40874 ? 232 GLU B O   1 
ATOM   375 C  CB  . GLU B 1 21 ? 8.30058   6.34716   0.10062   1.000 31.68165 ? 232 GLU B CB  1 
ATOM   376 C  CG  . GLU B 1 21 ? 9.62342   5.76556   0.57008   1.000 38.84086 ? 232 GLU B CG  1 
ATOM   377 C  CD  . GLU B 1 21 ? 10.78940  6.24458   -0.27426  1.000 57.84793 ? 232 GLU B CD  1 
ATOM   378 O  OE1 . GLU B 1 21 ? 11.53061  5.39541   -0.82167  1.000 54.79793 ? 232 GLU B OE1 1 
ATOM   379 O  OE2 . GLU B 1 21 ? 10.95493  7.47834   -0.39439  1.000 60.99759 ? 232 GLU B OE2 1 
ATOM   380 N  N   . ALA B 1 22 ? 5.22192   6.58962   -0.73398  1.000 27.60232 ? 233 ALA B N   1 
ATOM   381 C  CA  . ALA B 1 22 ? 3.93720   7.27958   -0.69279  1.000 30.61566 ? 233 ALA B CA  1 
ATOM   382 C  C   . ALA B 1 22 ? 2.86880   6.39939   -0.05447  1.000 27.93872 ? 233 ALA B C   1 
ATOM   383 O  O   . ALA B 1 22 ? 2.09566   6.85581   0.79646   1.000 28.17967 ? 233 ALA B O   1 
ATOM   384 C  CB  . ALA B 1 22 ? 3.53599   7.71014   -2.10606  1.000 28.86481 ? 233 ALA B CB  1 
ATOM   385 N  N   . VAL B 1 23 ? 2.81544   5.12634   -0.45327  1.000 22.09054 ? 234 VAL B N   1 
ATOM   386 C  CA  . VAL B 1 23 ? 1.85389   4.19690   0.13499   1.000 23.61477 ? 234 VAL B CA  1 
ATOM   387 C  C   . VAL B 1 23 ? 2.09643   4.05562   1.63218   1.000 29.03077 ? 234 VAL B C   1 
ATOM   388 O  O   . VAL B 1 23 ? 1.16266   4.12294   2.43822   1.000 29.12893 ? 234 VAL B O   1 
ATOM   389 C  CB  . VAL B 1 23 ? 1.90901   2.83946   -0.58499  1.000 21.05278 ? 234 VAL B CB  1 
ATOM   390 C  CG1 . VAL B 1 23 ? 1.09081   1.78690   0.17522   1.000 25.52783 ? 234 VAL B CG1 1 
ATOM   391 C  CG2 . VAL B 1 23 ? 1.43868   3.00326   -2.04183  1.000 22.68696 ? 234 VAL B CG2 1 
ATOM   392 N  N   . GLN B 1 24 ? 3.35973   3.86825   2.02744   1.000 27.79653 ? 235 GLN B N   1 
ATOM   393 C  CA  . GLN B 1 24 ? 3.66237   3.63640   3.43708   1.000 28.80648 ? 235 GLN B CA  1 
ATOM   394 C  C   . GLN B 1 24 ? 3.25429   4.83311   4.29035   1.000 32.89242 ? 235 GLN B C   1 
ATOM   395 O  O   . GLN B 1 24 ? 2.72567   4.66664   5.39862   1.000 34.32684 ? 235 GLN B O   1 
ATOM   396 C  CB  . GLN B 1 24 ? 5.15303   3.33525   3.61373   1.000 31.42973 ? 235 GLN B CB  1 
ATOM   397 C  CG  . GLN B 1 24 ? 5.53431   2.85080   5.01945   1.000 35.60154 ? 235 GLN B CG  1 
ATOM   398 C  CD  . GLN B 1 24 ? 4.87365   1.52029   5.38883   1.000 42.76209 ? 235 GLN B CD  1 
ATOM   399 O  OE1 . GLN B 1 24 ? 3.65097   1.42603   5.53377   1.000 39.86582 ? 235 GLN B OE1 1 
ATOM   400 N  NE2 . GLN B 1 24 ? 5.69169   0.48390   5.54629   1.000 43.03009 ? 235 GLN B NE2 1 
ATOM   401 N  N   . GLN B 1 25 ? 3.47495   6.04824   3.78189   1.000 34.39822 ? 236 GLN B N   1 
ATOM   402 C  CA  . GLN B 1 25 ? 3.12768   7.24591   4.53942   1.000 35.55992 ? 236 GLN B CA  1 
ATOM   403 C  C   . GLN B 1 25 ? 1.61543   7.39553   4.67480   1.000 38.38186 ? 236 GLN B C   1 
ATOM   404 O  O   . GLN B 1 25 ? 1.11499   7.74031   5.75298   1.000 40.47999 ? 236 GLN B O   1 
ATOM   405 C  CB  . GLN B 1 25 ? 3.75517   8.47498   3.88055   1.000 43.27518 ? 236 GLN B CB  1 
ATOM   406 C  CG  . GLN B 1 25 ? 4.49159   9.38225   4.85458   1.000 58.89490 ? 236 GLN B CG  1 
ATOM   407 C  CD  . GLN B 1 25 ? 4.67803   10.79056  4.32299   1.000 71.49138 ? 236 GLN B CD  1 
ATOM   408 O  OE1 . GLN B 1 25 ? 4.51873   11.04308  3.12798   1.000 73.57292 ? 236 GLN B OE1 1 
ATOM   409 N  NE2 . GLN B 1 25 ? 5.01766   11.71778  5.21207   1.000 71.96834 ? 236 GLN B NE2 1 
ATOM   410 N  N   . THR B 1 26 ? 0.87181   7.13234   3.59545   1.000 31.31252 ? 237 THR B N   1 
ATOM   411 C  CA  . THR B 1 26 ? -0.58725  7.16585   3.66883   1.000 33.82031 ? 237 THR B CA  1 
ATOM   412 C  C   . THR B 1 26 ? -1.11856  6.11464   4.63681   1.000 38.90242 ? 237 THR B C   1 
ATOM   413 O  O   . THR B 1 26 ? -2.02733  6.39110   5.42881   1.000 39.59399 ? 237 THR B O   1 
ATOM   414 C  CB  . THR B 1 26 ? -1.18466  6.96309   2.27386   1.000 36.49354 ? 237 THR B CB  1 
ATOM   415 O  OG1 . THR B 1 26 ? -0.70624  7.98765   1.39474   1.000 40.00644 ? 237 THR B OG1 1 
ATOM   416 C  CG2 . THR B 1 26 ? -2.70170  7.01482   2.32672   1.000 43.48156 ? 237 THR B CG2 1 
ATOM   417 N  N   . VAL B 1 27 ? -0.55894  4.90241   4.59137   1.000 35.96593 ? 238 VAL B N   1 
ATOM   418 C  CA  . VAL B 1 27 ? -1.01796  3.82896   5.46845   1.000 31.66653 ? 238 VAL B CA  1 
ATOM   419 C  C   . VAL B 1 27 ? -0.73434  4.16848   6.92787   1.000 39.48871 ? 238 VAL B C   1 
ATOM   420 O  O   . VAL B 1 27 ? -1.58213  3.96068   7.80624   1.000 43.64981 ? 238 VAL B O   1 
ATOM   421 C  CB  . VAL B 1 27 ? -0.37831  2.49084   5.04988   1.000 31.08342 ? 238 VAL B CB  1 
ATOM   422 C  CG1 . VAL B 1 27 ? -0.50081  1.47137   6.15805   1.000 32.01410 ? 238 VAL B CG1 1 
ATOM   423 C  CG2 . VAL B 1 27 ? -1.01530  1.96172   3.76652   1.000 28.62462 ? 238 VAL B CG2 1 
ATOM   424 N  N   . GLY B 1 28 ? 0.45971   4.69427   7.21024   1.000 36.15430 ? 239 GLY B N   1 
ATOM   425 C  CA  . GLY B 1 28 ? 0.79622   5.04487   8.58197   1.000 44.54864 ? 239 GLY B CA  1 
ATOM   426 C  C   . GLY B 1 28 ? -0.10655  6.12361   9.14734   1.000 46.17924 ? 239 GLY B C   1 
ATOM   427 O  O   . GLY B 1 28 ? -0.54152  6.04244   10.29879  1.000 50.26019 ? 239 GLY B O   1 
ATOM   428 N  N   . SER B 1 29 ? -0.40567  7.14536   8.34259   1.000 49.20666 ? 240 SER B N   1 
ATOM   429 C  CA  . SER B 1 29 ? -1.33114  8.18992   8.76488   1.000 51.85201 ? 240 SER B CA  1 
ATOM   430 C  C   . SER B 1 29 ? -2.72845  7.64536   9.01563   1.000 55.53822 ? 240 SER B C   1 
ATOM   431 O  O   . SER B 1 29 ? -3.49299  8.24839   9.77563   1.000 56.97172 ? 240 SER B O   1 
ATOM   432 C  CB  . SER B 1 29 ? -1.39594  9.28689   7.70270   1.000 49.89994 ? 240 SER B CB  1 
ATOM   433 O  OG  . SER B 1 29 ? -0.22286  10.08091  7.71851   1.000 58.34540 ? 240 SER B OG  1 
ATOM   434 N  N   . ARG B 1 30 ? -3.07628  6.52249   8.39415   1.000 47.91376 ? 241 ARG B N   1 
ATOM   435 C  CA  . ARG B 1 30 ? -4.38040  5.90658   8.57908   1.000 51.94864 ? 241 ARG B CA  1 
ATOM   436 C  C   . ARG B 1 30 ? -4.40790  4.93609   9.74970   1.000 51.09362 ? 241 ARG B C   1 
ATOM   437 O  O   . ARG B 1 30 ? -5.49503  4.59604   10.23074  1.000 58.89191 ? 241 ARG B O   1 
ATOM   438 C  CB  . ARG B 1 30 ? -4.77686  5.17410   7.29590   1.000 49.43589 ? 241 ARG B CB  1 
ATOM   439 C  CG  . ARG B 1 30 ? -5.21016  6.10909   6.17938   1.000 47.35268 ? 241 ARG B CG  1 
ATOM   440 C  CD  . ARG B 1 30 ? -6.68518  6.44469   6.26418   1.000 63.66517 ? 241 ARG B CD  1 
ATOM   441 N  NE  . ARG B 1 30 ? -7.49365  5.23829   6.38730   1.000 62.88594 ? 241 ARG B NE  1 
ATOM   442 C  CZ  . ARG B 1 30 ? -7.87858  4.50391   5.35366   1.000 52.03973 ? 241 ARG B CZ  1 
ATOM   443 N  NH1 . ARG B 1 30 ? -7.49974  4.80050   4.12241   1.000 55.52519 ? 241 ARG B NH1 1 
ATOM   444 N  NH2 . ARG B 1 30 ? -8.64699  3.43717   5.56142   1.000 46.57287 ? 241 ARG B NH2 1 
ATOM   445 N  N   . LEU B 1 31 ? -3.24558  4.49060   10.21887  1.000 52.56992 ? 242 LEU B N   1 
ATOM   446 C  CA  . LEU B 1 31 ? -3.16966  3.57102   11.34812  1.000 49.86350 ? 242 LEU B CA  1 
ATOM   447 C  C   . LEU B 1 31 ? -2.85193  4.33122   12.63528  1.000 55.16581 ? 242 LEU B C   1 
ATOM   448 O  O   . LEU B 1 31 ? -2.42222  3.74292   13.63016  1.000 59.63098 ? 242 LEU B O   1 
ATOM   449 C  CB  . LEU B 1 31 ? -2.10906  2.49444   11.09448  1.000 51.46970 ? 242 LEU B CB  1 
ATOM   450 C  CG  . LEU B 1 31 ? -2.48842  1.36032   10.13572  1.000 43.55271 ? 242 LEU B CG  1 
ATOM   451 C  CD1 . LEU B 1 31 ? -1.28573  0.46794   9.85489   1.000 42.74489 ? 242 LEU B CD1 1 
ATOM   452 C  CD2 . LEU B 1 31 ? -3.66285  0.54485   10.66916  1.000 41.30180 ? 242 LEU B CD2 1 
HETATM 453 CL CL  . CL  C 2 .  ? 5.53777   -6.23212  -4.21793  1.000 58.86577 ? 301 CL  A CL  1 
HETATM 454 CL CL  . CL  D 2 .  ? -10.18617 -6.38701  1.30335   1.000 47.10792 ? 301 CL  B CL  1 
HETATM 455 O  O   . HOH E 3 .  ? 3.04970   -11.11089 9.21351   1.000 43.51510 ? 401 HOH A O   1 
HETATM 456 O  O   . HOH E 3 .  ? 3.16274   2.96115   7.81854   1.000 39.73071 ? 402 HOH A O   1 
HETATM 457 O  O   . HOH E 3 .  ? 3.44552   -9.20422  3.55858   1.000 35.58055 ? 403 HOH A O   1 
HETATM 458 O  O   . HOH E 3 .  ? -2.80733  -7.47239  13.96643  1.000 34.80615 ? 404 HOH A O   1 
HETATM 459 O  O   . HOH E 3 .  ? -6.52889  12.48551  2.41130   1.000 42.56610 ? 405 HOH A O   1 
HETATM 460 O  O   . HOH E 3 .  ? 7.78118   -5.39194  7.19805   1.000 40.05034 ? 406 HOH A O   1 
HETATM 461 O  O   . HOH E 3 .  ? 2.04610   -3.89905  10.02544  1.000 36.69391 ? 407 HOH A O   1 
HETATM 462 O  O   . HOH E 3 .  ? -9.64357  -4.97724  10.80719  1.000 34.64414 ? 408 HOH A O   1 
HETATM 463 O  O   . HOH E 3 .  ? -2.10737  9.93720   -6.09301  1.000 37.87271 ? 409 HOH A O   1 
HETATM 464 O  O   . HOH E 3 .  ? 0.72861   -0.98192  13.06208  1.000 43.84420 ? 410 HOH A O   1 
HETATM 465 O  O   . HOH E 3 .  ? 9.70286   -7.86297  6.70559   1.000 46.73848 ? 411 HOH A O   1 
HETATM 466 O  O   . HOH E 3 .  ? 2.18269   4.70107   -10.68675 1.000 38.71035 ? 412 HOH A O   1 
HETATM 467 O  O   . HOH E 3 .  ? 1.70974   6.54953   -14.95527 1.000 57.00583 ? 413 HOH A O   1 
HETATM 468 O  O   . HOH E 3 .  ? 4.71312   -3.72049  9.70970   1.000 43.04691 ? 414 HOH A O   1 
HETATM 469 O  O   . HOH E 3 .  ? 5.69527   2.84916   8.85917   1.000 50.91774 ? 415 HOH A O   1 
HETATM 470 O  O   . HOH F 3 .  ? 12.81962  4.77681   0.71976   1.000 56.22543 ? 401 HOH B O   1 
HETATM 471 O  O   . HOH F 3 .  ? 10.26432  9.20088   -1.45041  1.000 56.24973 ? 402 HOH B O   1 
HETATM 472 O  O   . HOH F 3 .  ? -10.69205 -9.54937  0.49584   1.000 59.55927 ? 403 HOH B O   1 
HETATM 473 O  O   . HOH F 3 .  ? -8.93966  -9.08062  -0.71854  1.000 36.11801 ? 404 HOH B O   1 
HETATM 474 O  O   . HOH F 3 .  ? 3.01181   -7.39843  -3.30367  1.000 40.12545 ? 405 HOH B O   1 
HETATM 475 O  O   . HOH F 3 .  ? 7.25967   9.33775   -2.11177  1.000 38.46115 ? 406 HOH B O   1 
HETATM 476 O  O   . HOH F 3 .  ? -13.04899 -6.23208  -0.31681  1.000 46.88862 ? 407 HOH B O   1 
HETATM 477 O  O   . HOH F 3 .  ? -12.78185 -13.25271 -3.07008  1.000 43.83187 ? 408 HOH B O   1 
HETATM 478 O  O   . HOH F 3 .  ? 2.68216   8.83913   8.02801   1.000 54.01557 ? 409 HOH B O   1 
HETATM 479 O  O   . HOH F 3 .  ? 6.61500   4.46093   -8.24796  1.000 27.42310 ? 410 HOH B O   1 
HETATM 480 O  O   . HOH F 3 .  ? 8.83368   1.12466   5.47400   1.000 48.04484 ? 411 HOH B O   1 
HETATM 481 O  O   . HOH F 3 .  ? -6.35342  7.94981   3.25903   1.000 45.96400 ? 412 HOH B O   1 
HETATM 482 O  O   . HOH F 3 .  ? 8.20034   3.67325   4.65988   1.000 56.73105 ? 413 HOH B O   1 
# 
loop_
_atom_site_anisotrop.id 
_atom_site_anisotrop.type_symbol 
_atom_site_anisotrop.pdbx_label_atom_id 
_atom_site_anisotrop.pdbx_label_alt_id 
_atom_site_anisotrop.pdbx_label_comp_id 
_atom_site_anisotrop.pdbx_label_asym_id 
_atom_site_anisotrop.pdbx_label_seq_id 
_atom_site_anisotrop.pdbx_PDB_ins_code 
_atom_site_anisotrop.U[1][1] 
_atom_site_anisotrop.U[2][2] 
_atom_site_anisotrop.U[3][3] 
_atom_site_anisotrop.U[1][2] 
_atom_site_anisotrop.U[1][3] 
_atom_site_anisotrop.U[2][3] 
_atom_site_anisotrop.pdbx_auth_seq_id 
_atom_site_anisotrop.pdbx_auth_comp_id 
_atom_site_anisotrop.pdbx_auth_asym_id 
_atom_site_anisotrop.pdbx_auth_atom_id 
1   N N   . ASN A 3  ? 0.47894 0.43732 0.54964 -0.02681 -0.02648 0.00211  214 ASN A N   
2   C CA  . ASN A 3  ? 0.52983 0.48499 0.59761 -0.02566 -0.01733 0.00065  214 ASN A CA  
3   C C   . ASN A 3  ? 0.43065 0.39278 0.49195 -0.02254 -0.00955 0.00515  214 ASN A C   
4   O O   . ASN A 3  ? 0.37080 0.33510 0.42406 -0.02029 -0.00759 -0.00066 214 ASN A O   
5   C CB  . ASN A 3  ? 0.55867 0.50519 0.63486 -0.02833 -0.01171 0.00430  214 ASN A CB  
6   C CG  . ASN A 3  ? 0.59384 0.53619 0.66686 -0.02745 -0.00353 0.00108  214 ASN A CG  
7   O OD1 . ASN A 3  ? 0.55454 0.49494 0.63027 -0.02766 0.00546  0.00749  214 ASN A OD1 
8   N ND2 . ASN A 3  ? 0.62346 0.56559 0.68973 -0.02606 -0.00629 -0.00858 214 ASN A ND2 
9   N N   . VAL A 4  ? 0.43258 0.39786 0.49748 -0.02250 -0.00474 0.01553  215 VAL A N   
10  C CA  . VAL A 4  ? 0.33501 0.30773 0.39355 -0.01954 0.00140  0.02042  215 VAL A CA  
11  C C   . VAL A 4  ? 0.31709 0.29813 0.36788 -0.01729 -0.00533 0.01640  215 VAL A C   
12  O O   . VAL A 4  ? 0.28558 0.27143 0.32791 -0.01464 -0.00208 0.01418  215 VAL A O   
13  C CB  . VAL A 4  ? 0.31213 0.28656 0.37631 -0.01991 0.00684  0.03241  215 VAL A CB  
14  C CG1 . VAL A 4  ? 0.32702 0.30976 0.38432 -0.01682 0.01168  0.03753  215 VAL A CG1 
15  C CG2 . VAL A 4  ? 0.40178 0.36816 0.47203 -0.02169 0.01497  0.03598  215 VAL A CG2 
16  N N   . LEU A 5  ? 0.31310 0.29583 0.36646 -0.01842 -0.01496 0.01502  216 LEU A N   
17  C CA  . LEU A 5  ? 0.27527 0.26557 0.32136 -0.01644 -0.02197 0.01072  216 LEU A CA  
18  C C   . LEU A 5  ? 0.28433 0.27355 0.32273 -0.01506 -0.02397 -0.00036 216 LEU A C   
19  O O   . LEU A 5  ? 0.29189 0.28783 0.32171 -0.01234 -0.02391 -0.00290 216 LEU A O   
20  C CB  . LEU A 5  ? 0.37304 0.36444 0.42362 -0.01827 -0.03218 0.01078  216 LEU A CB  
21  C CG  . LEU A 5  ? 0.34130 0.33995 0.38471 -0.01655 -0.04045 0.00583  216 LEU A CG  
22  C CD1 . LEU A 5  ? 0.32102 0.32938 0.35813 -0.01351 -0.03674 0.01128  216 LEU A CD1 
23  C CD2 . LEU A 5  ? 0.37270 0.37131 0.42139 -0.01888 -0.05040 0.00593  216 LEU A CD2 
24  N N   . THR A 6  ? 0.30067 0.28162 0.34195 -0.01688 -0.02588 -0.00714 217 THR A N   
25  C CA  . THR A 6  ? 0.28711 0.26686 0.32127 -0.01546 -0.02774 -0.01787 217 THR A CA  
26  C C   . THR A 6  ? 0.28355 0.26573 0.31130 -0.01303 -0.01826 -0.01767 217 THR A C   
27  O O   . THR A 6  ? 0.29432 0.28122 0.31340 -0.01058 -0.01930 -0.02371 217 THR A O   
28  C CB  . THR A 6  ? 0.33076 0.30059 0.36969 -0.01789 -0.03073 -0.02447 217 THR A CB  
29  O OG1 . THR A 6  ? 0.40001 0.36789 0.44388 -0.02015 -0.04028 -0.02542 217 THR A OG1 
30  C CG2 . THR A 6  ? 0.35611 0.32460 0.38768 -0.01623 -0.03228 -0.03563 217 THR A CG2 
31  N N   . ALA A 7  ? 0.25650 0.23564 0.28828 -0.01374 -0.00898 -0.01075 218 ALA A N   
32  C CA  . ALA A 7  ? 0.22021 0.20162 0.24600 -0.01166 0.00041  -0.00979 218 ALA A CA  
33  C C   . ALA A 7  ? 0.24310 0.23458 0.26169 -0.00892 0.00147  -0.00606 218 ALA A C   
34  O O   . ALA A 7  ? 0.24749 0.24308 0.25763 -0.00660 0.00423  -0.01022 218 ALA A O   
35  C CB  . ALA A 7  ? 0.26048 0.23650 0.29236 -0.01313 0.00991  -0.00231 218 ALA A CB  
36  N N   . ILE A 8  ? 0.24425 0.24001 0.26601 -0.00914 -0.00077 0.00174  219 ILE A N   
37  C CA  . ILE A 8  ? 0.23515 0.24048 0.25018 -0.00655 0.00005  0.00558  219 ILE A CA  
38  C C   . ILE A 8  ? 0.24741 0.25796 0.25438 -0.00475 -0.00734 -0.00326 219 ILE A C   
39  O O   . ILE A 8  ? 0.25569 0.27245 0.25411 -0.00223 -0.00457 -0.00465 219 ILE A O   
40  C CB  . ILE A 8  ? 0.24624 0.25514 0.26656 -0.00716 -0.00177 0.01530  219 ILE A CB  
41  C CG1 . ILE A 8  ? 0.25625 0.26164 0.28269 -0.00814 0.00721  0.02502  219 ILE A CG1 
42  C CG2 . ILE A 8  ? 0.27092 0.29004 0.28383 -0.00449 -0.00332 0.01768  219 ILE A CG2 
43  C CD1 . ILE A 8  ? 0.27136 0.27853 0.30522 -0.00930 0.00461  0.03402  219 ILE A CD1 
44  N N   . LEU A 9  ? 0.26576 0.27397 0.27513 -0.00605 -0.01694 -0.00929 220 LEU A N   
45  C CA  . LEU A 9  ? 0.28414 0.29738 0.28602 -0.00434 -0.02459 -0.01743 220 LEU A CA  
46  C C   . LEU A 9  ? 0.29687 0.30949 0.29127 -0.00259 -0.02155 -0.02609 220 LEU A C   
47  O O   . LEU A 9  ? 0.30251 0.32185 0.28826 -0.00014 -0.02315 -0.03020 220 LEU A O   
48  C CB  . LEU A 9  ? 0.31494 0.32480 0.32109 -0.00630 -0.03534 -0.02223 220 LEU A CB  
49  C CG  . LEU A 9  ? 0.31159 0.32319 0.32444 -0.00801 -0.03994 -0.01468 220 LEU A CG  
50  C CD1 . LEU A 9  ? 0.45908 0.46671 0.47543 -0.01011 -0.05056 -0.02062 220 LEU A CD1 
51  C CD2 . LEU A 9  ? 0.34713 0.36879 0.35501 -0.00589 -0.04064 -0.00962 220 LEU A CD2 
52  N N   . LEU A 10 ? 0.28876 0.29355 0.28638 -0.00383 -0.01701 -0.02882 221 LEU A N   
53  C CA  . LEU A 10 ? 0.28118 0.28541 0.27212 -0.00220 -0.01309 -0.03638 221 LEU A CA  
54  C C   . LEU A 10 ? 0.31193 0.32238 0.29652 -0.00004 -0.00419 -0.03176 221 LEU A C   
55  O O   . LEU A 10 ? 0.29212 0.30752 0.26801 0.00226  -0.00373 -0.03743 221 LEU A O   
56  C CB  . LEU A 10 ? 0.26658 0.26102 0.26295 -0.00416 -0.00971 -0.03939 221 LEU A CB  
57  C CG  . LEU A 10 ? 0.31132 0.29865 0.31282 -0.00621 -0.01812 -0.04578 221 LEU A CG  
58  C CD1 . LEU A 10 ? 0.31707 0.29495 0.32509 -0.00839 -0.01304 -0.04571 221 LEU A CD1 
59  C CD2 . LEU A 10 ? 0.42431 0.41321 0.41862 -0.00447 -0.02483 -0.05731 221 LEU A CD2 
60  N N   . LEU A 11 ? 0.31037 0.32070 0.29902 -0.00075 0.00289  -0.02143 222 LEU A N   
61  C CA  . LEU A 11 ? 0.25281 0.26836 0.23547 0.00113  0.01170  -0.01666 222 LEU A CA  
62  C C   . LEU A 11 ? 0.28523 0.31079 0.26031 0.00352  0.00850  -0.01584 222 LEU A C   
63  O O   . LEU A 11 ? 0.28603 0.31679 0.25325 0.00554  0.01371  -0.01609 222 LEU A O   
64  C CB  . LEU A 11 ? 0.25569 0.26839 0.24449 -0.00016 0.01971  -0.00565 222 LEU A CB  
65  C CG  . LEU A 11 ? 0.26879 0.27185 0.26423 -0.00237 0.02496  -0.00565 222 LEU A CG  
66  C CD1 . LEU A 11 ? 0.27907 0.27956 0.28171 -0.00380 0.03067  0.00568  222 LEU A CD1 
67  C CD2 . LEU A 11 ? 0.29333 0.29529 0.28287 -0.00139 0.03214  -0.01040 222 LEU A CD2 
68  N N   . LEU A 12 ? 0.26659 0.29501 0.24376 0.00324  -0.00008 -0.01502 223 LEU A N   
69  C CA  . LEU A 12 ? 0.28463 0.32254 0.25476 0.00542  -0.00380 -0.01447 223 LEU A CA  
70  C C   . LEU A 12 ? 0.34545 0.38727 0.30595 0.00757  -0.00571 -0.02434 223 LEU A C   
71  O O   . LEU A 12 ? 0.35164 0.40143 0.30438 0.00975  -0.00468 -0.02359 223 LEU A O   
72  C CB  . LEU A 12 ? 0.24299 0.28242 0.21737 0.00445  -0.01361 -0.01335 223 LEU A CB  
73  C CG  . LEU A 12 ? 0.25913 0.29730 0.24216 0.00273  -0.01298 -0.00295 223 LEU A CG  
74  C CD1 . LEU A 12 ? 0.34540 0.38545 0.33154 0.00178  -0.02371 -0.00385 223 LEU A CD1 
75  C CD2 . LEU A 12 ? 0.34887 0.39286 0.32941 0.00422  -0.00575 0.00679  223 LEU A CD2 
76  N N   . ARG A 13 ? 0.32467 0.36101 0.28539 0.00702  -0.00839 -0.03365 224 ARG A N   
77  C CA  . ARG A 13 ? 0.37833 0.41807 0.33008 0.00914  -0.01002 -0.04345 224 ARG A CA  
78  C C   . ARG A 13 ? 0.41266 0.45560 0.35792 0.01073  -0.00019 -0.04241 224 ARG A C   
79  O O   . ARG A 13 ? 0.41964 0.46782 0.35627 0.01285  -0.00076 -0.04886 224 ARG A O   
80  C CB  . ARG A 13 ? 0.38225 0.41479 0.33634 0.00818  -0.01488 -0.05333 224 ARG A CB  
81  C CG  . ARG A 13 ? 0.44963 0.47763 0.41080 0.00612  -0.02422 -0.05425 224 ARG A CG  
82  C CD  . ARG A 13 ? 0.62180 0.64189 0.58510 0.00514  -0.02841 -0.06395 224 ARG A CD  
83  N NE  . ARG A 13 ? 0.61516 0.63279 0.58122 0.00403  -0.03935 -0.06850 224 ARG A NE  
84  C CZ  . ARG A 13 ? 0.70911 0.73227 0.66986 0.00540  -0.04733 -0.07279 224 ARG A CZ  
85  N NH1 . ARG A 13 ? 0.74515 0.77687 0.69718 0.00809  -0.04601 -0.07384 224 ARG A NH1 
86  N NH2 . ARG A 13 ? 0.58373 0.60358 0.54777 0.00397  -0.05695 -0.07635 224 ARG A NH2 
87  N N   . GLU A 14 ? 0.33619 0.37628 0.28518 0.00973  0.00871  -0.03437 225 GLU A N   
88  C CA  . GLU A 14 ? 0.38238 0.42459 0.32577 0.01084  0.01857  -0.03278 225 GLU A CA  
89  C C   . GLU A 14 ? 0.39914 0.44907 0.33772 0.01226  0.02270  -0.02461 225 GLU A C   
90  O O   . GLU A 14 ? 0.44818 0.50069 0.38111 0.01325  0.03065  -0.02307 225 GLU A O   
91  C CB  . GLU A 14 ? 0.44162 0.47561 0.39147 0.00886  0.02642  -0.02903 225 GLU A CB  
92  C CG  . GLU A 14 ? 0.52174 0.54763 0.47594 0.00745  0.02368  -0.03705 225 GLU A CG  
93  C CD  . GLU A 14 ? 0.59376 0.62191 0.54032 0.00920  0.02153  -0.04832 225 GLU A CD  
94  O OE1 . GLU A 14 ? 0.60509 0.63662 0.54507 0.01052  0.02843  -0.04928 225 GLU A OE1 
95  O OE2 . GLU A 14 ? 0.61681 0.64336 0.56386 0.00924  0.01293  -0.05622 225 GLU A OE2 
96  N N   . LEU A 15 ? 0.35161 0.40523 0.29225 0.01231  0.01759  -0.01925 226 LEU A N   
97  C CA  . LEU A 15 ? 0.34460 0.40494 0.28168 0.01352  0.02150  -0.01051 226 LEU A CA  
98  C C   . LEU A 15 ? 0.35894 0.42846 0.28565 0.01601  0.01862  -0.01483 226 LEU A C   
99  O O   . LEU A 15 ? 0.47317 0.54466 0.39703 0.01671  0.01075  -0.02324 226 LEU A O   
100 C CB  . LEU A 15 ? 0.38054 0.44114 0.32454 0.01254  0.01722  -0.00260 226 LEU A CB  
101 C CG  . LEU A 15 ? 0.41113 0.46413 0.36548 0.01022  0.02070  0.00443  226 LEU A CG  
102 C CD1 . LEU A 15 ? 0.28335 0.33908 0.24266 0.00981  0.01657  0.01252  226 LEU A CD1 
103 C CD2 . LEU A 15 ? 0.40316 0.45369 0.35675 0.01015  0.03220  0.00999  226 LEU A CD2 
104 N N   . ASP A 16 ? 0.36407 0.43914 0.28509 0.01732  0.02500  -0.00880 227 ASP A N   
105 C CA  . ASP A 16 ? 0.33508 0.41945 0.24657 0.01960  0.02241  -0.01114 227 ASP A CA  
106 C C   . ASP A 16 ? 0.35130 0.44045 0.26453 0.01993  0.01688  -0.00471 227 ASP A C   
107 O O   . ASP A 16 ? 0.32537 0.41075 0.24709 0.01842  0.01531  0.00137  227 ASP A O   
108 C CB  . ASP A 16 ? 0.40752 0.49574 0.31101 0.02085  0.03175  -0.00887 227 ASP A CB  
109 C CG  . ASP A 16 ? 0.55520 0.64187 0.46165 0.02021  0.04002  0.00285  227 ASP A CG  
110 O OD1 . ASP A 16 ? 0.46670 0.55019 0.38121 0.01903  0.03848  0.00970  227 ASP A OD1 
111 O OD2 . ASP A 16 ? 0.59680 0.68545 0.49729 0.02090  0.04820  0.00516  227 ASP A OD2 
112 N N   . ALA A 17 ? 0.35780 0.45557 0.26290 0.02189  0.01404  -0.00587 228 ALA A N   
113 C CA  . ALA A 17 ? 0.31477 0.41770 0.22091 0.02233  0.00816  -0.00055 228 ALA A CA  
114 C C   . ALA A 17 ? 0.37138 0.47353 0.28240 0.02174  0.01368  0.01178  228 ALA A C   
115 O O   . ALA A 17 ? 0.33940 0.44115 0.25696 0.02091  0.00907  0.01688  228 ALA A O   
116 C CB  . ALA A 17 ? 0.30131 0.41376 0.19696 0.02463  0.00569  -0.00349 228 ALA A CB  
117 N N   . GLU A 18 ? 0.33953 0.44153 0.24740 0.02219  0.02349  0.01673  229 GLU A N   
118 C CA  . GLU A 18 ? 0.36183 0.46340 0.27343 0.02194  0.02899  0.02854  229 GLU A CA  
119 C C   . GLU A 18 ? 0.34496 0.43803 0.26794 0.01970  0.02971  0.03230  229 GLU A C   
120 O O   . GLU A 18 ? 0.32176 0.41466 0.25067 0.01922  0.02885  0.04050  229 GLU A O   
121 C CB  . GLU A 18 ? 0.38372 0.48636 0.28888 0.02278  0.03945  0.03223  229 GLU A CB  
122 C CG  . GLU A 18 ? 0.59501 0.69733 0.50244 0.02285  0.04623  0.04455  229 GLU A CG  
123 C CD  . GLU A 18 ? 0.62517 0.73177 0.53585 0.02338  0.04070  0.05140  229 GLU A CD  
124 O OE1 . GLU A 18 ? 0.64354 0.74595 0.56367 0.02203  0.03806  0.05534  229 GLU A OE1 
125 O OE2 . GLU A 18 ? 0.69121 0.80565 0.59479 0.02515  0.03900  0.05287  229 GLU A OE2 
126 N N   . GLY A 19 ? 0.32108 0.40711 0.24720 0.01831  0.03113  0.02628  230 GLY A N   
127 C CA  . GLY A 19 ? 0.31838 0.39618 0.25526 0.01605  0.03116  0.02902  230 GLY A CA  
128 C C   . GLY A 19 ? 0.28743 0.36513 0.23060 0.01510  0.02103  0.02785  230 GLY A C   
129 O O   . GLY A 19 ? 0.27312 0.34762 0.22472 0.01372  0.02052  0.03457  230 GLY A O   
130 N N   . LEU A 20 ? 0.28060 0.36161 0.21980 0.01573  0.01283  0.01916  231 LEU A N   
131 C CA  . LEU A 20 ? 0.27015 0.35152 0.21446 0.01481  0.00275  0.01779  231 LEU A CA  
132 C C   . LEU A 20 ? 0.29835 0.38543 0.24412 0.01539  0.00103  0.02708  231 LEU A C   
133 O O   . LEU A 20 ? 0.28941 0.37455 0.24315 0.01390  -0.00349 0.03091  231 LEU A O   
134 C CB  . LEU A 20 ? 0.31652 0.40118 0.25487 0.01571  -0.00543 0.00703  231 LEU A CB  
135 C CG  . LEU A 20 ? 0.32822 0.40686 0.26636 0.01502  -0.00631 -0.00326 231 LEU A CG  
136 C CD1 . LEU A 20 ? 0.37435 0.45775 0.30466 0.01657  -0.01328 -0.01325 231 LEU A CD1 
137 C CD2 . LEU A 20 ? 0.33716 0.40747 0.28555 0.01239  -0.01019 -0.00393 231 LEU A CD2 
138 N N   . GLU A 21 ? 0.29581 0.39007 0.23393 0.01750  0.00455  0.03084  232 GLU A N   
139 C CA  . GLU A 21 ? 0.29523 0.39522 0.23425 0.01826  0.00315  0.03978  232 GLU A CA  
140 C C   . GLU A 21 ? 0.29202 0.38769 0.23907 0.01719  0.00911  0.05011  232 GLU A C   
141 O O   . GLU A 21 ? 0.30963 0.40719 0.26204 0.01683  0.00569  0.05664  232 GLU A O   
142 C CB  . GLU A 21 ? 0.29985 0.40800 0.22851 0.02076  0.00627  0.04144  232 GLU A CB  
143 C CG  . GLU A 21 ? 0.38381 0.49855 0.30503 0.02206  -0.00148 0.03359  232 GLU A CG  
144 C CD  . GLU A 21 ? 0.47868 0.60098 0.38925 0.02439  0.00246  0.03462  232 GLU A CD  
145 O OE1 . GLU A 21 ? 0.45815 0.58470 0.36115 0.02553  -0.00132 0.02652  232 GLU A OE1 
146 O OE2 . GLU A 21 ? 0.39641 0.52025 0.30606 0.02509  0.00933  0.04351  232 GLU A OE2 
147 N N   . ALA A 22 ? 0.29857 0.38868 0.24639 0.01672  0.01811  0.05180  233 ALA A N   
148 C CA  . ALA A 22 ? 0.29502 0.38034 0.25055 0.01565  0.02405  0.06125  233 ALA A CA  
149 C C   . ALA A 22 ? 0.30618 0.38533 0.27251 0.01320  0.01912  0.06078  233 ALA A C   
150 O O   . ALA A 22 ? 0.29779 0.37612 0.27123 0.01249  0.01931  0.06890  233 ALA A O   
151 C CB  . ALA A 22 ? 0.27359 0.35425 0.22693 0.01564  0.03474  0.06267  233 ALA A CB  
152 N N   . VAL A 23 ? 0.25948 0.33429 0.22715 0.01188  0.01460  0.05136  234 VAL A N   
153 C CA  . VAL A 23 ? 0.24926 0.31834 0.22676 0.00942  0.00909  0.05033  234 VAL A CA  
154 C C   . VAL A 23 ? 0.27170 0.34611 0.25154 0.00937  -0.00006 0.05222  234 VAL A C   
155 O O   . VAL A 23 ? 0.28272 0.35510 0.27113 0.00783  -0.00216 0.05781  234 VAL A O   
156 C CB  . VAL A 23 ? 0.24702 0.31034 0.22462 0.00816  0.00598  0.03941  234 VAL A CB  
157 C CG1 . VAL A 23 ? 0.25657 0.31435 0.24387 0.00552  -0.00087 0.03800  234 VAL A CG1 
158 C CG2 . VAL A 23 ? 0.26509 0.32258 0.24162 0.00791  0.01528  0.03816  234 VAL A CG2 
159 N N   . GLN A 24 ? 0.26557 0.34708 0.23777 0.01102  -0.00554 0.04764  235 GLN A N   
160 C CA  . GLN A 24 ? 0.27805 0.36530 0.25146 0.01108  -0.01433 0.04917  235 GLN A CA  
161 C C   . GLN A 24 ? 0.29747 0.38811 0.27484 0.01152  -0.01148 0.06094  235 GLN A C   
162 O O   . GLN A 24 ? 0.29596 0.38699 0.28037 0.01024  -0.01677 0.06473  235 GLN A O   
163 C CB  . GLN A 24 ? 0.33584 0.43079 0.29899 0.01322  -0.01861 0.04350  235 GLN A CB  
164 C CG  . GLN A 24 ? 0.44373 0.54363 0.40759 0.01296  -0.02930 0.04190  235 GLN A CG  
165 C CD  . GLN A 24 ? 0.48244 0.58943 0.43601 0.01500  -0.03354 0.03556  235 GLN A CD  
166 O OE1 . GLN A 24 ? 0.50328 0.61598 0.44964 0.01717  -0.02892 0.03843  235 GLN A OE1 
167 N NE2 . GLN A 24 ? 0.54586 0.65234 0.49846 0.01430  -0.04227 0.02673  235 GLN A NE2 
168 N N   . GLN A 25 ? 0.29658 0.38973 0.26940 0.01334  -0.00312 0.06690  236 GLN A N   
169 C CA  . GLN A 25 ? 0.28446 0.38116 0.26014 0.01414  -0.00026 0.07810  236 GLN A CA  
170 C C   . GLN A 25 ? 0.32401 0.41391 0.31040 0.01219  0.00318  0.08441  236 GLN A C   
171 O O   . GLN A 25 ? 0.34868 0.44063 0.34110 0.01183  0.00080  0.09154  236 GLN A O   
172 C CB  . GLN A 25 ? 0.34295 0.44352 0.31040 0.01655  0.00789  0.08237  236 GLN A CB  
173 C CG  . GLN A 25 ? 0.42836 0.53058 0.39868 0.01744  0.01345  0.09432  236 GLN A CG  
174 C CD  . GLN A 25 ? 0.49843 0.60186 0.46103 0.01935  0.02291  0.09787  236 GLN A CD  
175 O OE1 . GLN A 25 ? 0.57455 0.68505 0.53045 0.02144  0.02328  0.10124  236 GLN A OE1 
176 N NE2 . GLN A 25 ? 0.48433 0.58078 0.44777 0.01853  0.03062  0.09721  236 GLN A NE2 
177 N N   . THR A 26 ? 0.27764 0.35951 0.26662 0.01086  0.00856  0.08172  237 THR A N   
178 C CA  . THR A 26 ? 0.31453 0.38951 0.31347 0.00894  0.01228  0.08738  237 THR A CA  
179 C C   . THR A 26 ? 0.31715 0.38985 0.32465 0.00655  0.00368  0.08534  237 THR A C   
180 O O   . THR A 26 ? 0.32573 0.39778 0.34119 0.00557  0.00328  0.09261  237 THR A O   
181 C CB  . THR A 26 ? 0.29612 0.36319 0.29502 0.00807  0.01978  0.08409  237 THR A CB  
182 O OG1 . THR A 26 ? 0.33331 0.40264 0.32414 0.01015  0.02796  0.08644  237 THR A OG1 
183 C CG2 . THR A 26 ? 0.30326 0.36281 0.31252 0.00596  0.02371  0.08968  237 THR A CG2 
184 N N   . VAL A 27 ? 0.28511 0.35643 0.29109 0.00553  -0.00326 0.07541  238 VAL A N   
185 C CA  . VAL A 27 ? 0.27339 0.34216 0.28695 0.00307  -0.01178 0.07282  238 VAL A CA  
186 C C   . VAL A 27 ? 0.36141 0.43770 0.37638 0.00353  -0.01838 0.07773  238 VAL A C   
187 O O   . VAL A 27 ? 0.31890 0.39395 0.34243 0.00169  -0.02190 0.08190  238 VAL A O   
188 C CB  . VAL A 27 ? 0.28234 0.34817 0.29278 0.00217  -0.01783 0.06081  238 VAL A CB  
189 C CG1 . VAL A 27 ? 0.35589 0.42100 0.37210 -0.00003 -0.02818 0.05782  238 VAL A CG1 
190 C CG2 . VAL A 27 ? 0.28141 0.33853 0.29316 0.00109  -0.01187 0.05654  238 VAL A CG2 
191 N N   . GLY A 28 ? 0.29536 0.37975 0.30201 0.00595  -0.02007 0.07746  239 GLY A N   
192 C CA  . GLY A 28 ? 0.36325 0.45523 0.37074 0.00652  -0.02615 0.08225  239 GLY A CA  
193 C C   . GLY A 28 ? 0.40020 0.49330 0.41398 0.00672  -0.02154 0.09391  239 GLY A C   
194 O O   . GLY A 28 ? 0.33705 0.43284 0.35681 0.00576  -0.02690 0.09814  239 GLY A O   
195 N N   . SER A 29 ? 0.34110 0.43204 0.35368 0.00794  -0.01154 0.09924  240 SER A N   
196 C CA  . SER A 29 ? 0.40699 0.49829 0.42551 0.00827  -0.00652 0.11035  240 SER A CA  
197 C C   . SER A 29 ? 0.39659 0.48100 0.42646 0.00540  -0.00713 0.11229  240 SER A C   
198 O O   . SER A 29 ? 0.45269 0.53891 0.48941 0.00500  -0.00800 0.11999  240 SER A O   
199 C CB  . SER A 29 ? 0.50612 0.59632 0.51978 0.01026  0.00435  0.11506  240 SER A CB  
200 O OG  . SER A 29 ? 0.59588 0.68405 0.61623 0.01023  0.01003  0.12502  240 SER A OG  
201 N N   . ARG A 30 ? 0.41075 0.48736 0.44279 0.00337  -0.00676 0.10539  241 ARG A N   
202 C CA  . ARG A 30 ? 0.44716 0.51700 0.48979 0.00043  -0.00785 0.10654  241 ARG A CA  
203 C C   . ARG A 30 ? 0.47517 0.54760 0.52258 -0.00141 -0.01861 0.10441  241 ARG A C   
204 O O   . ARG A 30 ? 0.46121 0.53231 0.51762 -0.00318 -0.02018 0.10964  241 ARG A O   
205 C CB  . ARG A 30 ? 0.45980 0.52074 0.50293 -0.00123 -0.00507 0.09917  241 ARG A CB  
206 C CG  . ARG A 30 ? 0.53483 0.59054 0.57776 -0.00065 0.00616  0.10306  241 ARG A CG  
207 C CD  . ARG A 30 ? 0.52116 0.56994 0.57470 -0.00291 0.00965  0.10838  241 ARG A CD  
208 N NE  . ARG A 30 ? 0.46885 0.51358 0.52980 -0.00599 0.00223  0.10402  241 ARG A NE  
209 C CZ  . ARG A 30 ? 0.58528 0.62158 0.64984 -0.00828 0.00298  0.09861  241 ARG A CZ  
210 N NH1 . ARG A 30 ? 0.49623 0.52754 0.55708 -0.00784 0.01012  0.09564  241 ARG A NH1 
211 N NH2 . ARG A 30 ? 0.53614 0.56895 0.60807 -0.01116 -0.00369 0.09603  241 ARG A NH2 
212 N N   . LEU A 31 ? 0.35195 0.42804 0.39340 -0.00113 -0.02611 0.09665  242 LEU A N   
213 C CA  . LEU A 31 ? 0.31573 0.39397 0.36097 -0.00302 -0.03672 0.09380  242 LEU A CA  
214 C C   . LEU A 31 ? 0.38717 0.47373 0.43431 -0.00208 -0.03983 0.10186  242 LEU A C   
215 O O   . LEU A 31 ? 0.36198 0.44904 0.41638 -0.00416 -0.04576 0.10392  242 LEU A O   
216 C CB  . LEU A 31 ? 0.34382 0.42342 0.38158 -0.00281 -0.04363 0.08308  242 LEU A CB  
217 C CG  . LEU A 31 ? 0.29748 0.36843 0.33563 -0.00466 -0.04434 0.07374  242 LEU A CG  
218 C CD1 . LEU A 31 ? 0.39528 0.46844 0.42409 -0.00347 -0.04916 0.06376  242 LEU A CD1 
219 C CD2 . LEU A 31 ? 0.33392 0.39993 0.38143 -0.00817 -0.05062 0.07265  242 LEU A CD2 
220 N N   . GLN A 32 ? 0.33586 0.42912 0.37647 0.00099  -0.03608 0.10638  243 GLN A N   
221 C CA  . GLN A 32 ? 0.39193 0.49371 0.43332 0.00220  -0.03927 0.11364  243 GLN A CA  
222 C C   . GLN A 32 ? 0.53928 0.64042 0.58926 0.00192  -0.03456 0.12423  243 GLN A C   
223 O O   . GLN A 32 ? 0.54229 0.64953 0.59566 0.00211  -0.03861 0.13001  243 GLN A O   
224 C CB  . GLN A 32 ? 0.37878 0.48783 0.40977 0.00558  -0.03712 0.11449  243 GLN A CB  
225 C CG  . GLN A 32 ? 0.55951 0.66886 0.58861 0.00793  -0.02664 0.12259  243 GLN A CG  
226 C CD  . GLN A 32 ? 0.63948 0.75535 0.65755 0.01104  -0.02458 0.12233  243 GLN A CD  
227 O OE1 . GLN A 32 ? 0.72016 0.84185 0.73276 0.01165  -0.03149 0.11774  243 GLN A OE1 
228 N NE2 . GLN A 32 ? 0.55871 0.67360 0.57334 0.01295  -0.01506 0.12734  243 GLN A NE2 
229 N N   . ALA A 33 ? 0.50191 0.59596 0.55549 0.00147  -0.02628 0.12685  244 ALA A N   
230 C CA  . ALA A 33 ? 0.67337 0.76643 0.73506 0.00131  -0.02140 0.13683  244 ALA A CA  
231 C C   . ALA A 33 ? 0.59198 0.67749 0.66380 -0.00216 -0.02269 0.13579  244 ALA A C   
232 O O   . ALA A 33 ? 0.72639 0.80537 0.80239 -0.00274 -0.01530 0.13885  244 ALA A O   
233 C CB  . ALA A 33 ? 0.60462 0.69588 0.66283 0.00365  -0.01031 0.14232  244 ALA A CB  
234 N N   . ASN B 3  ? 0.64714 0.54497 0.54542 -0.01018 -0.01834 0.01051  214 ASN B N   
235 C CA  . ASN B 3  ? 0.54084 0.45032 0.44963 -0.00601 -0.01550 0.01078  214 ASN B CA  
236 C C   . ASN B 3  ? 0.41191 0.32968 0.33309 -0.00708 -0.01111 0.00997  214 ASN B C   
237 O O   . ASN B 3  ? 0.35264 0.28037 0.28358 -0.00367 -0.01107 0.00887  214 ASN B O   
238 C CB  . ASN B 3  ? 0.56881 0.48064 0.47643 -0.00468 -0.00941 0.01470  214 ASN B CB  
239 C CG  . ASN B 3  ? 0.61625 0.52756 0.51871 -0.00042 -0.01389 0.01481  214 ASN B CG  
240 O OD1 . ASN B 3  ? 0.61790 0.52564 0.51619 0.00131  -0.02185 0.01212  214 ASN B OD1 
241 N ND2 . ASN B 3  ? 0.69027 0.60534 0.59325 0.00143  -0.00885 0.01791  214 ASN B ND2 
242 N N   . VAL B 4  ? 0.45232 0.36619 0.37320 -0.01178 -0.00725 0.01066  215 VAL B N   
243 C CA  . VAL B 4  ? 0.36770 0.28859 0.30004 -0.01337 -0.00280 0.01014  215 VAL B CA  
244 C C   . VAL B 4  ? 0.35421 0.27777 0.29183 -0.01265 -0.00898 0.00606  215 VAL B C   
245 O O   . VAL B 4  ? 0.31109 0.24454 0.26028 -0.01114 -0.00716 0.00531  215 VAL B O   
246 C CB  . VAL B 4  ? 0.38611 0.30139 0.31619 -0.01854 0.00249  0.01171  215 VAL B CB  
247 C CG1 . VAL B 4  ? 0.42423 0.34569 0.36579 -0.02047 0.00589  0.01070  215 VAL B CG1 
248 C CG2 . VAL B 4  ? 0.42706 0.34182 0.35404 -0.01886 0.00952  0.01596  215 VAL B CG2 
249 N N   . LEU B 5  ? 0.36025 0.27535 0.28967 -0.01375 -0.01637 0.00346  216 LEU B N   
250 C CA  . LEU B 5  ? 0.34284 0.26027 0.27686 -0.01298 -0.02259 -0.00047 216 LEU B CA  
251 C C   . LEU B 5  ? 0.30165 0.22845 0.24235 -0.00751 -0.02529 -0.00159 216 LEU B C   
252 O O   . LEU B 5  ? 0.29839 0.23389 0.24979 -0.00630 -0.02535 -0.00328 216 LEU B O   
253 C CB  . LEU B 5  ? 0.41164 0.31799 0.33457 -0.01475 -0.03027 -0.00278 216 LEU B CB  
254 C CG  . LEU B 5  ? 0.39896 0.30672 0.32525 -0.01383 -0.03756 -0.00694 216 LEU B CG  
255 C CD1 . LEU B 5  ? 0.37218 0.28582 0.30933 -0.01616 -0.03458 -0.00821 216 LEU B CD1 
256 C CD2 . LEU B 5  ? 0.42923 0.32557 0.34390 -0.01575 -0.04492 -0.00890 216 LEU B CD2 
257 N N   . THR B 6  ? 0.33513 0.26036 0.26961 -0.00410 -0.02763 -0.00067 217 THR B N   
258 C CA  . THR B 6  ? 0.34727 0.28101 0.28726 0.00144  -0.03033 -0.00180 217 THR B CA  
259 C C   . THR B 6  ? 0.26865 0.21502 0.22141 0.00312  -0.02325 -0.00017 217 THR B C   
260 O O   . THR B 6  ? 0.32273 0.27832 0.28487 0.00595  -0.02477 -0.00206 217 THR B O   
261 C CB  . THR B 6  ? 0.38434 0.31382 0.31521 0.00443  -0.03283 -0.00051 217 THR B CB  
262 O OG1 . THR B 6  ? 0.40878 0.32647 0.32779 0.00267  -0.03949 -0.00180 217 THR B OG1 
263 C CG2 . THR B 6  ? 0.40073 0.33857 0.33682 0.01037  -0.03613 -0.00201 217 THR B CG2 
264 N N   . ALA B 7  ? 0.27491 0.22207 0.22827 0.00138  -0.01538 0.00345  218 ALA B N   
265 C CA  . ALA B 7  ? 0.24250 0.20152 0.20786 0.00273  -0.00829 0.00535  218 ALA B CA  
266 C C   . ALA B 7  ? 0.27033 0.23523 0.24637 0.00078  -0.00741 0.00362  218 ALA B C   
267 O O   . ALA B 7  ? 0.26763 0.24379 0.25443 0.00364  -0.00628 0.00316  218 ALA B O   
268 C CB  . ALA B 7  ? 0.25807 0.21572 0.22163 0.00054  -0.00005 0.00954  218 ALA B CB  
269 N N   . ILE B 8  ? 0.25919 0.21676 0.23241 -0.00410 -0.00791 0.00268  219 ILE B N   
270 C CA  . ILE B 8  ? 0.23782 0.19998 0.22062 -0.00639 -0.00746 0.00094  219 ILE B CA  
271 C C   . ILE B 8  ? 0.25273 0.22021 0.24029 -0.00319 -0.01440 -0.00266 219 ILE B C   
272 O O   . ILE B 8  ? 0.26617 0.24406 0.26550 -0.00201 -0.01288 -0.00322 219 ILE B O   
273 C CB  . ILE B 8  ? 0.24807 0.20004 0.22529 -0.01201 -0.00783 0.00016  219 ILE B CB  
274 C CG1 . ILE B 8  ? 0.24549 0.19426 0.22074 -0.01527 0.00018  0.00377  219 ILE B CG1 
275 C CG2 . ILE B 8  ? 0.28733 0.24316 0.27350 -0.01410 -0.00930 -0.00242 219 ILE B CG2 
276 C CD1 . ILE B 8  ? 0.29884 0.23585 0.26554 -0.02032 -0.00081 0.00307  219 ILE B CD1 
277 N N   . LEU B 9  ? 0.28950 0.24996 0.26802 -0.00177 -0.02218 -0.00506 220 LEU B N   
278 C CA  . LEU B 9  ? 0.27925 0.24395 0.26161 0.00119  -0.02924 -0.00866 220 LEU B CA  
279 C C   . LEU B 9  ? 0.37379 0.35054 0.36423 0.00681  -0.02834 -0.00829 220 LEU B C   
280 O O   . LEU B 9  ? 0.35024 0.33572 0.34993 0.00885  -0.03043 -0.01031 220 LEU B O   
281 C CB  . LEU B 9  ? 0.28170 0.23579 0.25194 0.00161  -0.03758 -0.01096 220 LEU B CB  
282 C CG  . LEU B 9  ? 0.33733 0.28035 0.30029 -0.00361 -0.04009 -0.01222 220 LEU B CG  
283 C CD1 . LEU B 9  ? 0.45610 0.39137 0.40983 -0.00238 -0.04941 -0.01509 220 LEU B CD1 
284 C CD2 . LEU B 9  ? 0.34692 0.29363 0.31882 -0.00689 -0.03858 -0.01366 220 LEU B CD2 
285 N N   . LEU B 10 ? 0.31002 0.28765 0.29715 0.00938  -0.02517 -0.00568 221 LEU B N   
286 C CA  . LEU B 10 ? 0.32904 0.31833 0.32370 0.01473  -0.02349 -0.00503 221 LEU B CA  
287 C C   . LEU B 10 ? 0.30515 0.30614 0.31351 0.01402  -0.01661 -0.00346 221 LEU B C   
288 O O   . LEU B 10 ? 0.38001 0.39215 0.39793 0.01758  -0.01726 -0.00452 221 LEU B O   
289 C CB  . LEU B 10 ? 0.35201 0.33883 0.33987 0.01665  -0.02044 -0.00210 221 LEU B CB  
290 C CG  . LEU B 10 ? 0.39458 0.37517 0.37228 0.02014  -0.02750 -0.00360 221 LEU B CG  
291 C CD1 . LEU B 10 ? 0.40366 0.37994 0.37367 0.02072  -0.02415 -0.00043 221 LEU B CD1 
292 C CD2 . LEU B 10 ? 0.54789 0.53683 0.53076 0.02594  -0.03241 -0.00617 221 LEU B CD2 
293 N N   . LEU B 11 ? 0.29034 0.28900 0.29987 0.00942  -0.00999 -0.00089 222 LEU B N   
294 C CA  . LEU B 11 ? 0.29172 0.30073 0.31383 0.00835  -0.00288 0.00113  222 LEU B CA  
295 C C   . LEU B 11 ? 0.29825 0.31198 0.32945 0.00663  -0.00512 -0.00135 222 LEU B C   
296 O O   . LEU B 11 ? 0.26440 0.28911 0.30765 0.00696  -0.00069 -0.00018 222 LEU B O   
297 C CB  . LEU B 11 ? 0.26858 0.27266 0.28846 0.00390  0.00452  0.00454  222 LEU B CB  
298 C CG  . LEU B 11 ? 0.25579 0.25856 0.27005 0.00561  0.00896  0.00788  222 LEU B CG  
299 C CD1 . LEU B 11 ? 0.24278 0.23792 0.25242 0.00071  0.01470  0.01061  222 LEU B CD1 
300 C CD2 . LEU B 11 ? 0.28379 0.30021 0.30815 0.00970  0.01389  0.01002  222 LEU B CD2 
301 N N   . LEU B 12 ? 0.28198 0.28779 0.30776 0.00471  -0.01189 -0.00463 223 LEU B N   
302 C CA  . LEU B 12 ? 0.25037 0.25982 0.28425 0.00261  -0.01411 -0.00700 223 LEU B CA  
303 C C   . LEU B 12 ? 0.27294 0.29582 0.31787 0.00705  -0.01578 -0.00824 223 LEU B C   
304 O O   . LEU B 12 ? 0.28599 0.31576 0.34118 0.00552  -0.01489 -0.00891 223 LEU B O   
305 C CB  . LEU B 12 ? 0.24277 0.24133 0.26793 0.00044  -0.02183 -0.01047 223 LEU B CB  
306 C CG  . LEU B 12 ? 0.27698 0.26283 0.29306 -0.00498 -0.02062 -0.00989 223 LEU B CG  
307 C CD1 . LEU B 12 ? 0.30797 0.28471 0.31630 -0.00635 -0.02901 -0.01360 223 LEU B CD1 
308 C CD2 . LEU B 12 ? 0.30802 0.29648 0.33216 -0.00942 -0.01431 -0.00840 223 LEU B CD2 
309 N N   . ARG B 13 ? 0.29019 0.31728 0.33358 0.01253  -0.01817 -0.00853 224 ARG B N   
310 C CA  . ARG B 13 ? 0.42176 0.46167 0.47574 0.01665  -0.02011 -0.01000 224 ARG B CA  
311 C C   . ARG B 13 ? 0.41441 0.46759 0.47997 0.01835  -0.01260 -0.00689 224 ARG B C   
312 O O   . ARG B 13 ? 0.35700 0.42197 0.43241 0.02158  -0.01351 -0.00779 224 ARG B O   
313 C CB  . ARG B 13 ? 0.61944 0.65843 0.66779 0.02178  -0.02773 -0.01281 224 ARG B CB  
314 C CG  . ARG B 13 ? 0.56409 0.59750 0.60259 0.02425  -0.02749 -0.01139 224 ARG B CG  
315 C CD  . ARG B 13 ? 0.69643 0.71869 0.72412 0.02413  -0.03594 -0.01452 224 ARG B CD  
316 N NE  . ARG B 13 ? 0.70103 0.71951 0.72005 0.02852  -0.04007 -0.01508 224 ARG B NE  
317 C CZ  . ARG B 13 ? 0.78643 0.79631 0.79660 0.02928  -0.04811 -0.01792 224 ARG B CZ  
318 N NH1 . ARG B 13 ? 0.66493 0.66978 0.67401 0.02623  -0.05277 -0.02048 224 ARG B NH1 
319 N NH2 . ARG B 13 ? 0.78389 0.78993 0.78603 0.03311  -0.05162 -0.01815 224 ARG B NH2 
320 N N   . GLU B 14 ? 0.30216 0.35383 0.36701 0.01606  -0.00522 -0.00323 225 GLU B N   
321 C CA  . GLU B 14 ? 0.29294 0.35611 0.36965 0.01587  0.00263  -0.00002 225 GLU B CA  
322 C C   . GLU B 14 ? 0.36186 0.42726 0.44735 0.01102  0.00479  -0.00003 225 GLU B C   
323 O O   . GLU B 14 ? 0.33800 0.41399 0.43482 0.01082  0.01055  0.00235  225 GLU B O   
324 C CB  . GLU B 14 ? 0.31900 0.37920 0.39164 0.01486  0.00976  0.00395  225 GLU B CB  
325 C CG  . GLU B 14 ? 0.39622 0.45215 0.45876 0.01875  0.00803  0.00430  225 GLU B CG  
326 C CD  . GLU B 14 ? 0.50048 0.56769 0.56806 0.02530  0.00615  0.00358  225 GLU B CD  
327 O OE1 . GLU B 14 ? 0.51929 0.58253 0.57880 0.02897  0.00082  0.00182  225 GLU B OE1 
328 O OE2 . GLU B 14 ? 0.57863 0.65880 0.65829 0.02683  0.01010  0.00487  225 GLU B OE2 
329 N N   . LEU B 15 ? 0.29678 0.35260 0.37742 0.00712  0.00035  -0.00258 226 LEU B N   
330 C CA  . LEU B 15 ? 0.26630 0.32283 0.35432 0.00217  0.00216  -0.00274 226 LEU B CA  
331 C C   . LEU B 15 ? 0.28313 0.34727 0.37945 0.00346  -0.00307 -0.00574 226 LEU B C   
332 O O   . LEU B 15 ? 0.33826 0.40216 0.43091 0.00701  -0.00992 -0.00869 226 LEU B O   
333 C CB  . LEU B 15 ? 0.25246 0.29422 0.33061 -0.00305 0.00037  -0.00390 226 LEU B CB  
334 C CG  . LEU B 15 ? 0.26196 0.29499 0.33204 -0.00563 0.00576  -0.00098 226 LEU B CG  
335 C CD1 . LEU B 15 ? 0.28674 0.30660 0.34889 -0.01098 0.00363  -0.00255 226 LEU B CD1 
336 C CD2 . LEU B 15 ? 0.26828 0.30945 0.34782 -0.00663 0.01475  0.00305  226 LEU B CD2 
337 N N   . ASP B 16 ? 0.25973 0.33056 0.36733 0.00047  0.00014  -0.00494 227 ASP B N   
338 C CA  . ASP B 16 ? 0.31004 0.38684 0.42563 0.00035  -0.00458 -0.00771 227 ASP B CA  
339 C C   . ASP B 16 ? 0.33324 0.39994 0.44582 -0.00555 -0.00696 -0.00966 227 ASP B C   
340 O O   . ASP B 16 ? 0.24609 0.30096 0.34942 -0.00894 -0.00561 -0.00915 227 ASP B O   
341 C CB  . ASP B 16 ? 0.36142 0.45416 0.49240 0.00172  0.00008  -0.00552 227 ASP B CB  
342 C CG  . ASP B 16 ? 0.46249 0.56574 0.59612 0.00828  0.00083  -0.00448 227 ASP B CG  
343 O OD1 . ASP B 16 ? 0.50243 0.60206 0.62771 0.01224  -0.00449 -0.00665 227 ASP B OD1 
344 O OD2 . ASP B 16 ? 0.61378 0.72884 0.75775 0.00950  0.00669  -0.00145 227 ASP B OD2 
345 N N   . ALA B 17 ? 0.27596 0.34738 0.39625 -0.00673 -0.01063 -0.01196 228 ALA B N   
346 C CA  . ALA B 17 ? 0.31558 0.37747 0.43253 -0.01182 -0.01418 -0.01446 228 ALA B CA  
347 C C   . ALA B 17 ? 0.35927 0.41440 0.47536 -0.01738 -0.00813 -0.01218 228 ALA B C   
348 O O   . ALA B 17 ? 0.29340 0.33579 0.39985 -0.02085 -0.01011 -0.01359 228 ALA B O   
349 C CB  . ALA B 17 ? 0.30449 0.37471 0.43224 -0.01233 -0.01781 -0.01664 228 ALA B CB  
350 N N   . GLU B 18 ? 0.30162 0.36512 0.42762 -0.01821 -0.00073 -0.00864 229 GLU B N   
351 C CA  . GLU B 18 ? 0.35453 0.41224 0.48082 -0.02349 0.00507  -0.00648 229 GLU B CA  
352 C C   . GLU B 18 ? 0.30994 0.35616 0.42328 -0.02408 0.00741  -0.00519 229 GLU B C   
353 O O   . GLU B 18 ? 0.30450 0.33988 0.41164 -0.02853 0.00806  -0.00559 229 GLU B O   
354 C CB  . GLU B 18 ? 0.32820 0.39785 0.46798 -0.02386 0.01246  -0.00270 229 GLU B CB  
355 C CG  . GLU B 18 ? 0.57098 0.64879 0.72361 -0.02607 0.01131  -0.00361 229 GLU B CG  
356 C CD  . GLU B 18 ? 0.74552 0.82577 0.90698 -0.03047 0.01833  -0.00049 229 GLU B CD  
357 O OE1 . GLU B 18 ? 0.80169 0.88166 0.96219 -0.03050 0.02497  0.00304  229 GLU B OE1 
358 O OE2 . GLU B 18 ? 0.69946 0.78195 0.86893 -0.03392 0.01710  -0.00153 229 GLU B OE2 
359 N N   . GLY B 19 ? 0.28275 0.33124 0.39182 -0.01961 0.00864  -0.00363 230 GLY B N   
360 C CA  . GLY B 19 ? 0.28609 0.32398 0.38273 -0.02001 0.01058  -0.00232 230 GLY B CA  
361 C C   . GLY B 19 ? 0.27488 0.29989 0.35845 -0.02097 0.00358  -0.00570 230 GLY B C   
362 O O   . GLY B 19 ? 0.24638 0.26014 0.32034 -0.02391 0.00482  -0.00524 230 GLY B O   
363 N N   . LEU B 20 ? 0.26086 0.28751 0.34389 -0.01843 -0.00385 -0.00905 231 LEU B N   
364 C CA  . LEU B 20 ? 0.22941 0.24416 0.30048 -0.01939 -0.01092 -0.01233 231 LEU B CA  
365 C C   . LEU B 20 ? 0.28609 0.29263 0.35573 -0.02523 -0.01152 -0.01380 231 LEU B C   
366 O O   . LEU B 20 ? 0.28803 0.28230 0.34614 -0.02757 -0.01353 -0.01474 231 LEU B O   
367 C CB  . LEU B 20 ? 0.24788 0.26706 0.32007 -0.01548 -0.01866 -0.01561 231 LEU B CB  
368 C CG  . LEU B 20 ? 0.26261 0.28710 0.33288 -0.00934 -0.01997 -0.01505 231 LEU B CG  
369 C CD1 . LEU B 20 ? 0.31976 0.35117 0.39468 -0.00569 -0.02680 -0.01823 231 LEU B CD1 
370 C CD2 . LEU B 20 ? 0.31837 0.33143 0.37395 -0.00852 -0.02195 -0.01493 231 LEU B CD2 
371 N N   . GLU B 21 ? 0.27446 0.28761 0.35568 -0.02766 -0.00990 -0.01401 232 GLU B N   
372 C CA  . GLU B 21 ? 0.34178 0.34744 0.42232 -0.03326 -0.01019 -0.01539 232 GLU B CA  
373 C C   . GLU B 21 ? 0.36871 0.36650 0.44386 -0.03663 -0.00384 -0.01275 232 GLU B C   
374 O O   . GLU B 21 ? 0.35451 0.34118 0.42172 -0.04036 -0.00533 -0.01418 232 GLU B O   
375 C CB  . GLU B 21 ? 0.36455 0.37972 0.45948 -0.03510 -0.00915 -0.01569 232 GLU B CB  
376 C CG  . GLU B 21 ? 0.45280 0.47177 0.55121 -0.03379 -0.01680 -0.01941 232 GLU B CG  
377 C CD  . GLU B 21 ? 0.68341 0.71712 0.79743 -0.03258 -0.01517 -0.01858 232 GLU B CD  
378 O OE1 . GLU B 21 ? 0.64081 0.68288 0.75839 -0.02804 -0.01865 -0.01953 232 GLU B OE1 
379 O OE2 . GLU B 21 ? 0.71930 0.75626 0.84207 -0.03615 -0.01037 -0.01690 232 GLU B OE2 
380 N N   . ALA B 22 ? 0.32191 0.32552 0.40133 -0.03530 0.00331  -0.00886 233 ALA B N   
381 C CA  . ALA B 22 ? 0.36425 0.36073 0.43828 -0.03803 0.00951  -0.00613 233 ALA B CA  
382 C C   . ALA B 22 ? 0.33953 0.32410 0.39791 -0.03760 0.00676  -0.00681 233 ALA B C   
383 O O   . ALA B 22 ? 0.34859 0.32276 0.39935 -0.04127 0.00785  -0.00691 233 ALA B O   
384 C CB  . ALA B 22 ? 0.33649 0.34229 0.41796 -0.03603 0.01723  -0.00182 233 ALA B CB  
385 N N   . VAL B 23 ? 0.26663 0.25264 0.32007 -0.03308 0.00306  -0.00727 234 VAL B N   
386 C CA  . VAL B 23 ? 0.29450 0.26955 0.33321 -0.03250 -0.00013 -0.00787 234 VAL B CA  
387 C C   . VAL B 23 ? 0.36896 0.33382 0.40026 -0.03563 -0.00646 -0.01148 234 VAL B C   
388 O O   . VAL B 23 ? 0.37734 0.33123 0.39819 -0.03829 -0.00629 -0.01142 234 VAL B O   
389 C CB  . VAL B 23 ? 0.26167 0.24076 0.29749 -0.02694 -0.00359 -0.00797 234 VAL B CB  
390 C CG1 . VAL B 23 ? 0.32732 0.29467 0.34795 -0.02654 -0.00842 -0.00911 234 VAL B CG1 
391 C CG2 . VAL B 23 ? 0.27754 0.26545 0.31901 -0.02405 0.00328  -0.00410 234 VAL B CG2 
392 N N   . GLN B 24 ? 0.35029 0.31888 0.38697 -0.03531 -0.01209 -0.01467 235 GLN B N   
393 C CA  . GLN B 24 ? 0.36850 0.32789 0.39813 -0.03790 -0.01870 -0.01829 235 GLN B CA  
394 C C   . GLN B 24 ? 0.42311 0.37525 0.45140 -0.04342 -0.01554 -0.01826 235 GLN B C   
395 O O   . GLN B 24 ? 0.44858 0.38958 0.46610 -0.04582 -0.01849 -0.01980 235 GLN B O   
396 C CB  . GLN B 24 ? 0.39699 0.36299 0.43422 -0.03661 -0.02472 -0.02149 235 GLN B CB  
397 C CG  . GLN B 24 ? 0.45542 0.41248 0.48479 -0.03842 -0.03261 -0.02545 235 GLN B CG  
398 C CD  . GLN B 24 ? 0.55331 0.50229 0.56915 -0.03604 -0.03756 -0.02618 235 GLN B CD  
399 O OE1 . GLN B 24 ? 0.52244 0.46358 0.52871 -0.03694 -0.03501 -0.02434 235 GLN B OE1 
400 N NE2 . GLN B 24 ? 0.55630 0.50724 0.57141 -0.03299 -0.04477 -0.02884 235 GLN B NE2 
401 N N   . GLN B 25 ? 0.43654 0.39485 0.47559 -0.04543 -0.00952 -0.01649 236 GLN B N   
402 C CA  . GLN B 25 ? 0.45356 0.40536 0.49220 -0.05056 -0.00637 -0.01652 236 GLN B CA  
403 C C   . GLN B 25 ? 0.49573 0.43863 0.52398 -0.05184 -0.00190 -0.01414 236 GLN B C   
404 O O   . GLN B 25 ? 0.52834 0.46100 0.54872 -0.05532 -0.00277 -0.01540 236 GLN B O   
405 C CB  . GLN B 25 ? 0.54332 0.50439 0.59654 -0.05217 -0.00110 -0.01497 236 GLN B CB  
406 C CG  . GLN B 25 ? 0.74066 0.69895 0.79813 -0.05662 -0.00314 -0.01761 236 GLN B CG  
407 C CD  . GLN B 25 ? 0.89430 0.85840 0.96364 -0.05929 0.00347  -0.01537 236 GLN B CD  
408 O OE1 . GLN B 25 ? 0.91546 0.88799 0.99200 -0.05738 0.00909  -0.01198 236 GLN B OE1 
409 N NE2 . GLN B 25 ? 0.90117 0.86070 0.97260 -0.06373 0.00277  -0.01725 236 GLN B NE2 
410 N N   . THR B 26 ? 0.40499 0.35176 0.43299 -0.04903 0.00288  -0.01070 237 THR B N   
411 C CA  . THR B 26 ? 0.44280 0.38156 0.46066 -0.04988 0.00694  -0.00829 237 THR B CA  
412 C C   . THR B 26 ? 0.51554 0.44371 0.51888 -0.04964 0.00095  -0.01021 237 THR B C   
413 O O   . THR B 26 ? 0.53065 0.44897 0.52476 -0.05247 0.00203  -0.01002 237 THR B O   
414 C CB  . THR B 26 ? 0.47335 0.41917 0.49407 -0.04647 0.01253  -0.00440 237 THR B CB  
415 O OG1 . THR B 26 ? 0.51004 0.46571 0.54430 -0.04689 0.01826  -0.00240 237 THR B OG1 
416 C CG2 . THR B 26 ? 0.56791 0.50578 0.57841 -0.04738 0.01686  -0.00175 237 THR B CG2 
417 N N   . VAL B 27 ? 0.47841 0.40854 0.47959 -0.04625 -0.00545 -0.01204 238 VAL B N   
418 C CA  . VAL B 27 ? 0.43169 0.35215 0.41934 -0.04582 -0.01152 -0.01372 238 VAL B CA  
419 C C   . VAL B 27 ? 0.53517 0.44713 0.51809 -0.04979 -0.01578 -0.01695 238 VAL B C   
420 O O   . VAL B 27 ? 0.59524 0.49683 0.56642 -0.05167 -0.01713 -0.01720 238 VAL B O   
421 C CB  . VAL B 27 ? 0.42283 0.34788 0.41032 -0.04115 -0.01756 -0.01508 238 VAL B CB  
422 C CG1 . VAL B 27 ? 0.44193 0.35726 0.41719 -0.04128 -0.02522 -0.01765 238 VAL B CG1 
423 C CG2 . VAL B 27 ? 0.38985 0.32015 0.37761 -0.03722 -0.01378 -0.01182 238 VAL B CG2 
424 N N   . GLY B 28 ? 0.48844 0.40484 0.48041 -0.05112 -0.01800 -0.01943 239 GLY B N   
425 C CA  . GLY B 28 ? 0.59861 0.50738 0.58665 -0.05486 -0.02218 -0.02267 239 GLY B CA  
426 C C   . GLY B 28 ? 0.62307 0.52440 0.60713 -0.05909 -0.01712 -0.02159 239 GLY B C   
427 O O   . GLY B 28 ? 0.68146 0.57278 0.65542 -0.06150 -0.02005 -0.02325 239 GLY B O   
428 N N   . SER B 29 ? 0.65716 0.56339 0.64906 -0.05995 -0.00948 -0.01877 240 SER B N   
429 C CA  . SER B 29 ? 0.69407 0.59361 0.68246 -0.06362 -0.00409 -0.01745 240 SER B CA  
430 C C   . SER B 29 ? 0.74813 0.63914 0.72292 -0.06329 -0.00294 -0.01566 240 SER B C   
431 O O   . SER B 29 ? 0.77126 0.65401 0.73940 -0.06642 -0.00085 -0.01561 240 SER B O   
432 C CB  . SER B 29 ? 0.66300 0.57024 0.66273 -0.06405 0.00395  -0.01436 240 SER B CB  
433 O OG  . SER B 29 ? 0.76402 0.67717 0.77568 -0.06573 0.00345  -0.01600 240 SER B OG  
434 N N   . ARG B 30 ? 0.65235 0.54524 0.62291 -0.05956 -0.00430 -0.01420 241 ARG B N   
435 C CA  . ARG B 30 ? 0.71024 0.59553 0.66803 -0.05906 -0.00359 -0.01233 241 ARG B CA  
436 C C   . ARG B 30 ? 0.70624 0.58281 0.65228 -0.05939 -0.01133 -0.01503 241 ARG B C   
437 O O   . ARG B 30 ? 0.81158 0.68003 0.74601 -0.06013 -0.01112 -0.01389 241 ARG B O   
438 C CB  . ARG B 30 ? 0.67591 0.56747 0.63496 -0.05489 -0.00121 -0.00928 241 ARG B CB  
439 C CG  . ARG B 30 ? 0.64463 0.54267 0.61188 -0.05479 0.00756  -0.00569 241 ARG B CG  
440 C CD  . ARG B 30 ? 0.85634 0.74759 0.81507 -0.05633 0.01292  -0.00277 241 ARG B CD  
441 N NE  . ARG B 30 ? 0.85221 0.73811 0.79906 -0.05436 0.00986  -0.00196 241 ARG B NE  
442 C CZ  . ARG B 30 ? 0.71337 0.60385 0.66006 -0.05077 0.01121  0.00048  241 ARG B CZ  
443 N NH1 . ARG B 30 ? 0.75045 0.65122 0.70803 -0.04853 0.01538  0.00226  241 ARG B NH1 
444 N NH2 . ARG B 30 ? 0.64983 0.53452 0.58520 -0.04938 0.00819  0.00117  241 ARG B NH2 
445 N N   . LEU B 31 ? 0.72349 0.60168 0.67225 -0.05888 -0.01810 -0.01847 242 LEU B N   
446 C CA  . LEU B 31 ? 0.69537 0.56565 0.63356 -0.05918 -0.02584 -0.02116 242 LEU B CA  
447 C C   . LEU B 31 ? 0.76522 0.62924 0.70158 -0.06335 -0.02790 -0.02412 242 LEU B C   
448 O O   . LEU B 31 ? 0.82541 0.68441 0.75588 -0.06392 -0.03486 -0.02710 242 LEU B O   
449 C CB  . LEU B 31 ? 0.71288 0.58844 0.65431 -0.05570 -0.03257 -0.02320 242 LEU B CB  
450 C CG  . LEU B 31 ? 0.61232 0.49118 0.55130 -0.05127 -0.03311 -0.02107 242 LEU B CG  
451 C CD1 . LEU B 31 ? 0.59830 0.48342 0.54241 -0.04784 -0.03946 -0.02342 242 LEU B CD1 
452 C CD2 . LEU B 31 ? 0.59195 0.46109 0.51625 -0.05135 -0.03496 -0.01988 242 LEU B CD2 
# 
